data_6K4N
# 
_entry.id   6K4N 
# 
_audit_conform.dict_name       mmcif_pdbx.dic 
_audit_conform.dict_version    5.387 
_audit_conform.dict_location   http://mmcif.pdb.org/dictionaries/ascii/mmcif_pdbx.dic 
# 
loop_
_database_2.database_id 
_database_2.database_code 
_database_2.pdbx_database_accession 
_database_2.pdbx_DOI 
PDB   6K4N         pdb_00006k4n 10.2210/pdb6k4n/pdb 
WWPDB D_1300012249 ?            ?                   
EMDB  EMD-6792     ?            ?                   
# 
loop_
_pdbx_audit_revision_history.ordinal 
_pdbx_audit_revision_history.data_content_type 
_pdbx_audit_revision_history.major_revision 
_pdbx_audit_revision_history.minor_revision 
_pdbx_audit_revision_history.revision_date 
1 'Structure model' 1 0 2019-06-19 
2 'Structure model' 1 1 2019-07-31 
3 'Structure model' 1 2 2019-08-28 
4 'Structure model' 1 3 2019-11-06 
5 'Structure model' 1 4 2024-03-27 
# 
_pdbx_audit_revision_details.ordinal             1 
_pdbx_audit_revision_details.revision_ordinal    1 
_pdbx_audit_revision_details.data_content_type   'Structure model' 
_pdbx_audit_revision_details.provider            repository 
_pdbx_audit_revision_details.type                'Initial release' 
_pdbx_audit_revision_details.description         ? 
_pdbx_audit_revision_details.details             ? 
# 
loop_
_pdbx_audit_revision_group.ordinal 
_pdbx_audit_revision_group.revision_ordinal 
_pdbx_audit_revision_group.data_content_type 
_pdbx_audit_revision_group.group 
1 2 'Structure model' 'Data collection'        
2 2 'Structure model' 'Database references'    
3 3 'Structure model' 'Data collection'        
4 3 'Structure model' 'Database references'    
5 4 'Structure model' 'Data collection'        
6 4 'Structure model' Other                    
7 5 'Structure model' 'Data collection'        
8 5 'Structure model' 'Database references'    
9 5 'Structure model' 'Refinement description' 
# 
loop_
_pdbx_audit_revision_category.ordinal 
_pdbx_audit_revision_category.revision_ordinal 
_pdbx_audit_revision_category.data_content_type 
_pdbx_audit_revision_category.category 
1 2 'Structure model' citation                      
2 2 'Structure model' citation_author               
3 3 'Structure model' citation                      
4 4 'Structure model' cell                          
5 5 'Structure model' chem_comp_atom                
6 5 'Structure model' chem_comp_bond                
7 5 'Structure model' database_2                    
8 5 'Structure model' em_3d_fitting_list            
9 5 'Structure model' pdbx_initial_refinement_model 
# 
loop_
_pdbx_audit_revision_item.ordinal 
_pdbx_audit_revision_item.revision_ordinal 
_pdbx_audit_revision_item.data_content_type 
_pdbx_audit_revision_item.item 
1  2 'Structure model' '_citation.country'                               
2  2 'Structure model' '_citation.journal_abbrev'                        
3  2 'Structure model' '_citation.journal_id_ASTM'                       
4  2 'Structure model' '_citation.journal_id_CSD'                        
5  2 'Structure model' '_citation.journal_id_ISSN'                       
6  2 'Structure model' '_citation.pdbx_database_id_DOI'                  
7  2 'Structure model' '_citation.pdbx_database_id_PubMed'               
8  2 'Structure model' '_citation.title'                                 
9  2 'Structure model' '_citation.year'                                  
10 2 'Structure model' '_citation_author.identifier_ORCID'               
11 3 'Structure model' '_citation.journal_volume'                        
12 3 'Structure model' '_citation.page_first'                            
13 3 'Structure model' '_citation.page_last'                             
14 3 'Structure model' '_citation.title'                                 
15 4 'Structure model' '_cell.Z_PDB'                                     
16 5 'Structure model' '_database_2.pdbx_DOI'                            
17 5 'Structure model' '_database_2.pdbx_database_accession'             
18 5 'Structure model' '_em_3d_fitting_list.accession_code'              
19 5 'Structure model' '_em_3d_fitting_list.initial_refinement_model_id' 
20 5 'Structure model' '_em_3d_fitting_list.source_name'                 
21 5 'Structure model' '_em_3d_fitting_list.type'                        
# 
_pdbx_database_PDB_obs_spr.id               SPRSDE 
_pdbx_database_PDB_obs_spr.date             2019-06-19 
_pdbx_database_PDB_obs_spr.pdb_id           6K4N 
_pdbx_database_PDB_obs_spr.replace_pdb_id   5XZS 
_pdbx_database_PDB_obs_spr.details          ? 
# 
_pdbx_database_status.status_code                     REL 
_pdbx_database_status.status_code_sf                  ? 
_pdbx_database_status.status_code_mr                  ? 
_pdbx_database_status.entry_id                        6K4N 
_pdbx_database_status.recvd_initial_deposition_date   2019-05-24 
_pdbx_database_status.SG_entry                        N 
_pdbx_database_status.deposit_site                    PDBJ 
_pdbx_database_status.process_site                    PDBJ 
_pdbx_database_status.status_code_cs                  ? 
_pdbx_database_status.methods_development_category    ? 
_pdbx_database_status.pdb_format_compatible           Y 
_pdbx_database_status.status_code_nmr_data            ? 
# 
loop_
_pdbx_database_related.db_name 
_pdbx_database_related.details 
_pdbx_database_related.db_id 
_pdbx_database_related.content_type 
EMDB 'CRYO-EM STRUCTURE OF P300'                     EMD-6792 'associated EM volume' 
EMDB 'Cryo-EM structure of p300-p53 protein complex' EMD-6791 'other EM volume'      
# 
loop_
_audit_author.name 
_audit_author.pdbx_ordinal 
_audit_author.identifier_ORCID 
'Ghosh, R.'    1 0000-0003-3764-3010 
'Roy, S.'      2 0000-0003-2915-513X 
'Sengupta, J.' 3 0000-0003-3614-6047 
# 
_citation.abstract                  ? 
_citation.abstract_id_CAS           ? 
_citation.book_id_ISBN              ? 
_citation.book_publisher            ? 
_citation.book_publisher_city       ? 
_citation.book_title                ? 
_citation.coordinate_linkage        ? 
_citation.country                   US 
_citation.database_id_Medline       ? 
_citation.details                   ? 
_citation.id                        primary 
_citation.journal_abbrev            Biochemistry 
_citation.journal_id_ASTM           BICHAW 
_citation.journal_id_CSD            0033 
_citation.journal_id_ISSN           0006-2960 
_citation.journal_full              ? 
_citation.journal_issue             ? 
_citation.journal_volume            58 
_citation.language                  ? 
_citation.page_first                3434 
_citation.page_last                 3443 
_citation.title                     
'Tumor Suppressor p53-Mediated Structural Reorganization of the Transcriptional Coactivator p300.' 
_citation.year                      2019 
_citation.database_id_CSD           ? 
_citation.pdbx_database_id_DOI      10.1021/acs.biochem.9b00333 
_citation.pdbx_database_id_PubMed   31314496 
_citation.unpublished_flag          ? 
# 
loop_
_citation_author.citation_id 
_citation_author.name 
_citation_author.ordinal 
_citation_author.identifier_ORCID 
primary 'Ghosh, R.'    1 ? 
primary 'Kaypee, S.'   2 ? 
primary 'Shasmal, M.'  3 ? 
primary 'Kundu, T.K.'  4 ? 
primary 'Roy, S.'      5 ? 
primary 'Sengupta, J.' 6 ? 
# 
_entity.id                         1 
_entity.type                       polymer 
_entity.src_method                 man 
_entity.pdbx_description           'Histone acetyltransferase p300' 
_entity.formula_weight             72100.062 
_entity.pdbx_number_of_molecules   1 
_entity.pdbx_ec                    2.3.1.48,2.3.1.- 
_entity.pdbx_mutation              ? 
_entity.pdbx_fragment              'UNP RESIDUES 1046-1664' 
_entity.details                    ? 
# 
_entity_name_com.entity_id   1 
_entity_name_com.name        
;p300 HAT,E1A-associated protein p300,Histone butyryltransferase p300,Histone crotonyltransferase p300,Protein propionyltransferase p300
;
# 
_entity_poly.entity_id                      1 
_entity_poly.type                           'polypeptide(L)' 
_entity_poly.nstd_linkage                   no 
_entity_poly.nstd_monomer                   no 
_entity_poly.pdbx_seq_one_letter_code       
;KKIFKPEELRQALMPTLEALYRQDPESLPFRQPVDPQLLGIPDYFDIVKSPMDLSTIKRKLDTGQYQEPWQYVDDIWLMF
NNAWLYNRKTSRVYKYCSKLSEVFEQEIDPVMQSLGYCCGRKLEFSPQTLCCYGKQLCTIPRDATYYSYQNRYHFCEKCF
NEIQGESVSLGDDPSQPQTTINKEQFSKRKNDTLDPELFVECTECGRKMHQICVLHHEIIWPAGFVCDGCLKKSARTRKE
NKFSAKRLPSTRLGTFLENRVNDFLRRQNHPESGEVTVRVVHASDKTVEVKPGMKARFVDSGEMAESFPYRTKALFAFEE
IDGVDLCFFGMHVQEYGSDCPPPNQRRVYISYLDSVHFFRPKCLRTAVYHEILIGYLEYVKKLGYTTGHIWACPPSEGDD
YIFHCHPPDQKIPKPKRLQEWYKKMLDKAVSERIVHDYKDIFKQATEDRLTSAKELPYFEGDFWPNVLEESIKELEQEEE
ERKREENTSNESTDVTKGDSKNAKKKNNKKTSKNKSSLSRGNKKKPGMPNVSNDLSQKLYATMEKHKEVFFVIRLIAGPA
ANSLPPIVDPDPLIPCDLMDGRDAFLTLARDKHLEFSSLRRAQWSTMCMLVELHTQSQD
;
_entity_poly.pdbx_seq_one_letter_code_can   
;KKIFKPEELRQALMPTLEALYRQDPESLPFRQPVDPQLLGIPDYFDIVKSPMDLSTIKRKLDTGQYQEPWQYVDDIWLMF
NNAWLYNRKTSRVYKYCSKLSEVFEQEIDPVMQSLGYCCGRKLEFSPQTLCCYGKQLCTIPRDATYYSYQNRYHFCEKCF
NEIQGESVSLGDDPSQPQTTINKEQFSKRKNDTLDPELFVECTECGRKMHQICVLHHEIIWPAGFVCDGCLKKSARTRKE
NKFSAKRLPSTRLGTFLENRVNDFLRRQNHPESGEVTVRVVHASDKTVEVKPGMKARFVDSGEMAESFPYRTKALFAFEE
IDGVDLCFFGMHVQEYGSDCPPPNQRRVYISYLDSVHFFRPKCLRTAVYHEILIGYLEYVKKLGYTTGHIWACPPSEGDD
YIFHCHPPDQKIPKPKRLQEWYKKMLDKAVSERIVHDYKDIFKQATEDRLTSAKELPYFEGDFWPNVLEESIKELEQEEE
ERKREENTSNESTDVTKGDSKNAKKKNNKKTSKNKSSLSRGNKKKPGMPNVSNDLSQKLYATMEKHKEVFFVIRLIAGPA
ANSLPPIVDPDPLIPCDLMDGRDAFLTLARDKHLEFSSLRRAQWSTMCMLVELHTQSQD
;
_entity_poly.pdbx_strand_id                 A 
_entity_poly.pdbx_target_identifier         ? 
# 
loop_
_entity_poly_seq.entity_id 
_entity_poly_seq.num 
_entity_poly_seq.mon_id 
_entity_poly_seq.hetero 
1 1   LYS n 
1 2   LYS n 
1 3   ILE n 
1 4   PHE n 
1 5   LYS n 
1 6   PRO n 
1 7   GLU n 
1 8   GLU n 
1 9   LEU n 
1 10  ARG n 
1 11  GLN n 
1 12  ALA n 
1 13  LEU n 
1 14  MET n 
1 15  PRO n 
1 16  THR n 
1 17  LEU n 
1 18  GLU n 
1 19  ALA n 
1 20  LEU n 
1 21  TYR n 
1 22  ARG n 
1 23  GLN n 
1 24  ASP n 
1 25  PRO n 
1 26  GLU n 
1 27  SER n 
1 28  LEU n 
1 29  PRO n 
1 30  PHE n 
1 31  ARG n 
1 32  GLN n 
1 33  PRO n 
1 34  VAL n 
1 35  ASP n 
1 36  PRO n 
1 37  GLN n 
1 38  LEU n 
1 39  LEU n 
1 40  GLY n 
1 41  ILE n 
1 42  PRO n 
1 43  ASP n 
1 44  TYR n 
1 45  PHE n 
1 46  ASP n 
1 47  ILE n 
1 48  VAL n 
1 49  LYS n 
1 50  SER n 
1 51  PRO n 
1 52  MET n 
1 53  ASP n 
1 54  LEU n 
1 55  SER n 
1 56  THR n 
1 57  ILE n 
1 58  LYS n 
1 59  ARG n 
1 60  LYS n 
1 61  LEU n 
1 62  ASP n 
1 63  THR n 
1 64  GLY n 
1 65  GLN n 
1 66  TYR n 
1 67  GLN n 
1 68  GLU n 
1 69  PRO n 
1 70  TRP n 
1 71  GLN n 
1 72  TYR n 
1 73  VAL n 
1 74  ASP n 
1 75  ASP n 
1 76  ILE n 
1 77  TRP n 
1 78  LEU n 
1 79  MET n 
1 80  PHE n 
1 81  ASN n 
1 82  ASN n 
1 83  ALA n 
1 84  TRP n 
1 85  LEU n 
1 86  TYR n 
1 87  ASN n 
1 88  ARG n 
1 89  LYS n 
1 90  THR n 
1 91  SER n 
1 92  ARG n 
1 93  VAL n 
1 94  TYR n 
1 95  LYS n 
1 96  TYR n 
1 97  CYS n 
1 98  SER n 
1 99  LYS n 
1 100 LEU n 
1 101 SER n 
1 102 GLU n 
1 103 VAL n 
1 104 PHE n 
1 105 GLU n 
1 106 GLN n 
1 107 GLU n 
1 108 ILE n 
1 109 ASP n 
1 110 PRO n 
1 111 VAL n 
1 112 MET n 
1 113 GLN n 
1 114 SER n 
1 115 LEU n 
1 116 GLY n 
1 117 TYR n 
1 118 CYS n 
1 119 CYS n 
1 120 GLY n 
1 121 ARG n 
1 122 LYS n 
1 123 LEU n 
1 124 GLU n 
1 125 PHE n 
1 126 SER n 
1 127 PRO n 
1 128 GLN n 
1 129 THR n 
1 130 LEU n 
1 131 CYS n 
1 132 CYS n 
1 133 TYR n 
1 134 GLY n 
1 135 LYS n 
1 136 GLN n 
1 137 LEU n 
1 138 CYS n 
1 139 THR n 
1 140 ILE n 
1 141 PRO n 
1 142 ARG n 
1 143 ASP n 
1 144 ALA n 
1 145 THR n 
1 146 TYR n 
1 147 TYR n 
1 148 SER n 
1 149 TYR n 
1 150 GLN n 
1 151 ASN n 
1 152 ARG n 
1 153 TYR n 
1 154 HIS n 
1 155 PHE n 
1 156 CYS n 
1 157 GLU n 
1 158 LYS n 
1 159 CYS n 
1 160 PHE n 
1 161 ASN n 
1 162 GLU n 
1 163 ILE n 
1 164 GLN n 
1 165 GLY n 
1 166 GLU n 
1 167 SER n 
1 168 VAL n 
1 169 SER n 
1 170 LEU n 
1 171 GLY n 
1 172 ASP n 
1 173 ASP n 
1 174 PRO n 
1 175 SER n 
1 176 GLN n 
1 177 PRO n 
1 178 GLN n 
1 179 THR n 
1 180 THR n 
1 181 ILE n 
1 182 ASN n 
1 183 LYS n 
1 184 GLU n 
1 185 GLN n 
1 186 PHE n 
1 187 SER n 
1 188 LYS n 
1 189 ARG n 
1 190 LYS n 
1 191 ASN n 
1 192 ASP n 
1 193 THR n 
1 194 LEU n 
1 195 ASP n 
1 196 PRO n 
1 197 GLU n 
1 198 LEU n 
1 199 PHE n 
1 200 VAL n 
1 201 GLU n 
1 202 CYS n 
1 203 THR n 
1 204 GLU n 
1 205 CYS n 
1 206 GLY n 
1 207 ARG n 
1 208 LYS n 
1 209 MET n 
1 210 HIS n 
1 211 GLN n 
1 212 ILE n 
1 213 CYS n 
1 214 VAL n 
1 215 LEU n 
1 216 HIS n 
1 217 HIS n 
1 218 GLU n 
1 219 ILE n 
1 220 ILE n 
1 221 TRP n 
1 222 PRO n 
1 223 ALA n 
1 224 GLY n 
1 225 PHE n 
1 226 VAL n 
1 227 CYS n 
1 228 ASP n 
1 229 GLY n 
1 230 CYS n 
1 231 LEU n 
1 232 LYS n 
1 233 LYS n 
1 234 SER n 
1 235 ALA n 
1 236 ARG n 
1 237 THR n 
1 238 ARG n 
1 239 LYS n 
1 240 GLU n 
1 241 ASN n 
1 242 LYS n 
1 243 PHE n 
1 244 SER n 
1 245 ALA n 
1 246 LYS n 
1 247 ARG n 
1 248 LEU n 
1 249 PRO n 
1 250 SER n 
1 251 THR n 
1 252 ARG n 
1 253 LEU n 
1 254 GLY n 
1 255 THR n 
1 256 PHE n 
1 257 LEU n 
1 258 GLU n 
1 259 ASN n 
1 260 ARG n 
1 261 VAL n 
1 262 ASN n 
1 263 ASP n 
1 264 PHE n 
1 265 LEU n 
1 266 ARG n 
1 267 ARG n 
1 268 GLN n 
1 269 ASN n 
1 270 HIS n 
1 271 PRO n 
1 272 GLU n 
1 273 SER n 
1 274 GLY n 
1 275 GLU n 
1 276 VAL n 
1 277 THR n 
1 278 VAL n 
1 279 ARG n 
1 280 VAL n 
1 281 VAL n 
1 282 HIS n 
1 283 ALA n 
1 284 SER n 
1 285 ASP n 
1 286 LYS n 
1 287 THR n 
1 288 VAL n 
1 289 GLU n 
1 290 VAL n 
1 291 LYS n 
1 292 PRO n 
1 293 GLY n 
1 294 MET n 
1 295 LYS n 
1 296 ALA n 
1 297 ARG n 
1 298 PHE n 
1 299 VAL n 
1 300 ASP n 
1 301 SER n 
1 302 GLY n 
1 303 GLU n 
1 304 MET n 
1 305 ALA n 
1 306 GLU n 
1 307 SER n 
1 308 PHE n 
1 309 PRO n 
1 310 TYR n 
1 311 ARG n 
1 312 THR n 
1 313 LYS n 
1 314 ALA n 
1 315 LEU n 
1 316 PHE n 
1 317 ALA n 
1 318 PHE n 
1 319 GLU n 
1 320 GLU n 
1 321 ILE n 
1 322 ASP n 
1 323 GLY n 
1 324 VAL n 
1 325 ASP n 
1 326 LEU n 
1 327 CYS n 
1 328 PHE n 
1 329 PHE n 
1 330 GLY n 
1 331 MET n 
1 332 HIS n 
1 333 VAL n 
1 334 GLN n 
1 335 GLU n 
1 336 TYR n 
1 337 GLY n 
1 338 SER n 
1 339 ASP n 
1 340 CYS n 
1 341 PRO n 
1 342 PRO n 
1 343 PRO n 
1 344 ASN n 
1 345 GLN n 
1 346 ARG n 
1 347 ARG n 
1 348 VAL n 
1 349 TYR n 
1 350 ILE n 
1 351 SER n 
1 352 TYR n 
1 353 LEU n 
1 354 ASP n 
1 355 SER n 
1 356 VAL n 
1 357 HIS n 
1 358 PHE n 
1 359 PHE n 
1 360 ARG n 
1 361 PRO n 
1 362 LYS n 
1 363 CYS n 
1 364 LEU n 
1 365 ARG n 
1 366 THR n 
1 367 ALA n 
1 368 VAL n 
1 369 TYR n 
1 370 HIS n 
1 371 GLU n 
1 372 ILE n 
1 373 LEU n 
1 374 ILE n 
1 375 GLY n 
1 376 TYR n 
1 377 LEU n 
1 378 GLU n 
1 379 TYR n 
1 380 VAL n 
1 381 LYS n 
1 382 LYS n 
1 383 LEU n 
1 384 GLY n 
1 385 TYR n 
1 386 THR n 
1 387 THR n 
1 388 GLY n 
1 389 HIS n 
1 390 ILE n 
1 391 TRP n 
1 392 ALA n 
1 393 CYS n 
1 394 PRO n 
1 395 PRO n 
1 396 SER n 
1 397 GLU n 
1 398 GLY n 
1 399 ASP n 
1 400 ASP n 
1 401 TYR n 
1 402 ILE n 
1 403 PHE n 
1 404 HIS n 
1 405 CYS n 
1 406 HIS n 
1 407 PRO n 
1 408 PRO n 
1 409 ASP n 
1 410 GLN n 
1 411 LYS n 
1 412 ILE n 
1 413 PRO n 
1 414 LYS n 
1 415 PRO n 
1 416 LYS n 
1 417 ARG n 
1 418 LEU n 
1 419 GLN n 
1 420 GLU n 
1 421 TRP n 
1 422 TYR n 
1 423 LYS n 
1 424 LYS n 
1 425 MET n 
1 426 LEU n 
1 427 ASP n 
1 428 LYS n 
1 429 ALA n 
1 430 VAL n 
1 431 SER n 
1 432 GLU n 
1 433 ARG n 
1 434 ILE n 
1 435 VAL n 
1 436 HIS n 
1 437 ASP n 
1 438 TYR n 
1 439 LYS n 
1 440 ASP n 
1 441 ILE n 
1 442 PHE n 
1 443 LYS n 
1 444 GLN n 
1 445 ALA n 
1 446 THR n 
1 447 GLU n 
1 448 ASP n 
1 449 ARG n 
1 450 LEU n 
1 451 THR n 
1 452 SER n 
1 453 ALA n 
1 454 LYS n 
1 455 GLU n 
1 456 LEU n 
1 457 PRO n 
1 458 TYR n 
1 459 PHE n 
1 460 GLU n 
1 461 GLY n 
1 462 ASP n 
1 463 PHE n 
1 464 TRP n 
1 465 PRO n 
1 466 ASN n 
1 467 VAL n 
1 468 LEU n 
1 469 GLU n 
1 470 GLU n 
1 471 SER n 
1 472 ILE n 
1 473 LYS n 
1 474 GLU n 
1 475 LEU n 
1 476 GLU n 
1 477 GLN n 
1 478 GLU n 
1 479 GLU n 
1 480 GLU n 
1 481 GLU n 
1 482 ARG n 
1 483 LYS n 
1 484 ARG n 
1 485 GLU n 
1 486 GLU n 
1 487 ASN n 
1 488 THR n 
1 489 SER n 
1 490 ASN n 
1 491 GLU n 
1 492 SER n 
1 493 THR n 
1 494 ASP n 
1 495 VAL n 
1 496 THR n 
1 497 LYS n 
1 498 GLY n 
1 499 ASP n 
1 500 SER n 
1 501 LYS n 
1 502 ASN n 
1 503 ALA n 
1 504 LYS n 
1 505 LYS n 
1 506 LYS n 
1 507 ASN n 
1 508 ASN n 
1 509 LYS n 
1 510 LYS n 
1 511 THR n 
1 512 SER n 
1 513 LYS n 
1 514 ASN n 
1 515 LYS n 
1 516 SER n 
1 517 SER n 
1 518 LEU n 
1 519 SER n 
1 520 ARG n 
1 521 GLY n 
1 522 ASN n 
1 523 LYS n 
1 524 LYS n 
1 525 LYS n 
1 526 PRO n 
1 527 GLY n 
1 528 MET n 
1 529 PRO n 
1 530 ASN n 
1 531 VAL n 
1 532 SER n 
1 533 ASN n 
1 534 ASP n 
1 535 LEU n 
1 536 SER n 
1 537 GLN n 
1 538 LYS n 
1 539 LEU n 
1 540 TYR n 
1 541 ALA n 
1 542 THR n 
1 543 MET n 
1 544 GLU n 
1 545 LYS n 
1 546 HIS n 
1 547 LYS n 
1 548 GLU n 
1 549 VAL n 
1 550 PHE n 
1 551 PHE n 
1 552 VAL n 
1 553 ILE n 
1 554 ARG n 
1 555 LEU n 
1 556 ILE n 
1 557 ALA n 
1 558 GLY n 
1 559 PRO n 
1 560 ALA n 
1 561 ALA n 
1 562 ASN n 
1 563 SER n 
1 564 LEU n 
1 565 PRO n 
1 566 PRO n 
1 567 ILE n 
1 568 VAL n 
1 569 ASP n 
1 570 PRO n 
1 571 ASP n 
1 572 PRO n 
1 573 LEU n 
1 574 ILE n 
1 575 PRO n 
1 576 CYS n 
1 577 ASP n 
1 578 LEU n 
1 579 MET n 
1 580 ASP n 
1 581 GLY n 
1 582 ARG n 
1 583 ASP n 
1 584 ALA n 
1 585 PHE n 
1 586 LEU n 
1 587 THR n 
1 588 LEU n 
1 589 ALA n 
1 590 ARG n 
1 591 ASP n 
1 592 LYS n 
1 593 HIS n 
1 594 LEU n 
1 595 GLU n 
1 596 PHE n 
1 597 SER n 
1 598 SER n 
1 599 LEU n 
1 600 ARG n 
1 601 ARG n 
1 602 ALA n 
1 603 GLN n 
1 604 TRP n 
1 605 SER n 
1 606 THR n 
1 607 MET n 
1 608 CYS n 
1 609 MET n 
1 610 LEU n 
1 611 VAL n 
1 612 GLU n 
1 613 LEU n 
1 614 HIS n 
1 615 THR n 
1 616 GLN n 
1 617 SER n 
1 618 GLN n 
1 619 ASP n 
# 
_entity_src_gen.entity_id                          1 
_entity_src_gen.pdbx_src_id                        1 
_entity_src_gen.pdbx_alt_source_flag               sample 
_entity_src_gen.pdbx_seq_type                      'Biological sequence' 
_entity_src_gen.pdbx_beg_seq_num                   1 
_entity_src_gen.pdbx_end_seq_num                   619 
_entity_src_gen.gene_src_common_name               Human 
_entity_src_gen.gene_src_genus                     ? 
_entity_src_gen.pdbx_gene_src_gene                 'EP300, P300' 
_entity_src_gen.gene_src_species                   ? 
_entity_src_gen.gene_src_strain                    ? 
_entity_src_gen.gene_src_tissue                    ? 
_entity_src_gen.gene_src_tissue_fraction           ? 
_entity_src_gen.gene_src_details                   ? 
_entity_src_gen.pdbx_gene_src_fragment             ? 
_entity_src_gen.pdbx_gene_src_scientific_name      'Homo sapiens' 
_entity_src_gen.pdbx_gene_src_ncbi_taxonomy_id     9606 
_entity_src_gen.pdbx_gene_src_variant              ? 
_entity_src_gen.pdbx_gene_src_cell_line            ? 
_entity_src_gen.pdbx_gene_src_atcc                 ? 
_entity_src_gen.pdbx_gene_src_organ                ? 
_entity_src_gen.pdbx_gene_src_organelle            ? 
_entity_src_gen.pdbx_gene_src_cell                 ? 
_entity_src_gen.pdbx_gene_src_cellular_location    ? 
_entity_src_gen.host_org_common_name               ? 
_entity_src_gen.pdbx_host_org_scientific_name      'Spodoptera frugiperda' 
_entity_src_gen.pdbx_host_org_ncbi_taxonomy_id     7108 
_entity_src_gen.host_org_genus                     ? 
_entity_src_gen.pdbx_host_org_gene                 ? 
_entity_src_gen.pdbx_host_org_organ                ? 
_entity_src_gen.host_org_species                   ? 
_entity_src_gen.pdbx_host_org_tissue               ? 
_entity_src_gen.pdbx_host_org_tissue_fraction      ? 
_entity_src_gen.pdbx_host_org_strain               ? 
_entity_src_gen.pdbx_host_org_variant              ? 
_entity_src_gen.pdbx_host_org_cell_line            ? 
_entity_src_gen.pdbx_host_org_atcc                 ? 
_entity_src_gen.pdbx_host_org_culture_collection   ? 
_entity_src_gen.pdbx_host_org_cell                 ? 
_entity_src_gen.pdbx_host_org_organelle            ? 
_entity_src_gen.pdbx_host_org_cellular_location    ? 
_entity_src_gen.pdbx_host_org_vector_type          ? 
_entity_src_gen.pdbx_host_org_vector               ? 
_entity_src_gen.host_org_details                   ? 
_entity_src_gen.expression_system_id               ? 
_entity_src_gen.plasmid_name                       ? 
_entity_src_gen.plasmid_details                    ? 
_entity_src_gen.pdbx_description                   ? 
# 
loop_
_chem_comp.id 
_chem_comp.type 
_chem_comp.mon_nstd_flag 
_chem_comp.name 
_chem_comp.pdbx_synonyms 
_chem_comp.formula 
_chem_comp.formula_weight 
ALA 'L-peptide linking' y ALANINE         ? 'C3 H7 N O2'     89.093  
ARG 'L-peptide linking' y ARGININE        ? 'C6 H15 N4 O2 1' 175.209 
ASN 'L-peptide linking' y ASPARAGINE      ? 'C4 H8 N2 O3'    132.118 
ASP 'L-peptide linking' y 'ASPARTIC ACID' ? 'C4 H7 N O4'     133.103 
CYS 'L-peptide linking' y CYSTEINE        ? 'C3 H7 N O2 S'   121.158 
GLN 'L-peptide linking' y GLUTAMINE       ? 'C5 H10 N2 O3'   146.144 
GLU 'L-peptide linking' y 'GLUTAMIC ACID' ? 'C5 H9 N O4'     147.129 
GLY 'peptide linking'   y GLYCINE         ? 'C2 H5 N O2'     75.067  
HIS 'L-peptide linking' y HISTIDINE       ? 'C6 H10 N3 O2 1' 156.162 
ILE 'L-peptide linking' y ISOLEUCINE      ? 'C6 H13 N O2'    131.173 
LEU 'L-peptide linking' y LEUCINE         ? 'C6 H13 N O2'    131.173 
LYS 'L-peptide linking' y LYSINE          ? 'C6 H15 N2 O2 1' 147.195 
MET 'L-peptide linking' y METHIONINE      ? 'C5 H11 N O2 S'  149.211 
PHE 'L-peptide linking' y PHENYLALANINE   ? 'C9 H11 N O2'    165.189 
PRO 'L-peptide linking' y PROLINE         ? 'C5 H9 N O2'     115.130 
SER 'L-peptide linking' y SERINE          ? 'C3 H7 N O3'     105.093 
THR 'L-peptide linking' y THREONINE       ? 'C4 H9 N O3'     119.119 
TRP 'L-peptide linking' y TRYPTOPHAN      ? 'C11 H12 N2 O2'  204.225 
TYR 'L-peptide linking' y TYROSINE        ? 'C9 H11 N O3'    181.189 
VAL 'L-peptide linking' y VALINE          ? 'C5 H11 N O2'    117.146 
# 
loop_
_pdbx_poly_seq_scheme.asym_id 
_pdbx_poly_seq_scheme.entity_id 
_pdbx_poly_seq_scheme.seq_id 
_pdbx_poly_seq_scheme.mon_id 
_pdbx_poly_seq_scheme.ndb_seq_num 
_pdbx_poly_seq_scheme.pdb_seq_num 
_pdbx_poly_seq_scheme.auth_seq_num 
_pdbx_poly_seq_scheme.pdb_mon_id 
_pdbx_poly_seq_scheme.auth_mon_id 
_pdbx_poly_seq_scheme.pdb_strand_id 
_pdbx_poly_seq_scheme.pdb_ins_code 
_pdbx_poly_seq_scheme.hetero 
A 1 1   LYS 1   1046 1046 LYS LYS A . n 
A 1 2   LYS 2   1047 1047 LYS LYS A . n 
A 1 3   ILE 3   1048 1048 ILE ILE A . n 
A 1 4   PHE 4   1049 1049 PHE PHE A . n 
A 1 5   LYS 5   1050 1050 LYS LYS A . n 
A 1 6   PRO 6   1051 1051 PRO PRO A . n 
A 1 7   GLU 7   1052 1052 GLU GLU A . n 
A 1 8   GLU 8   1053 1053 GLU GLU A . n 
A 1 9   LEU 9   1054 1054 LEU LEU A . n 
A 1 10  ARG 10  1055 1055 ARG ARG A . n 
A 1 11  GLN 11  1056 1056 GLN GLN A . n 
A 1 12  ALA 12  1057 1057 ALA ALA A . n 
A 1 13  LEU 13  1058 1058 LEU LEU A . n 
A 1 14  MET 14  1059 1059 MET MET A . n 
A 1 15  PRO 15  1060 1060 PRO PRO A . n 
A 1 16  THR 16  1061 1061 THR THR A . n 
A 1 17  LEU 17  1062 1062 LEU LEU A . n 
A 1 18  GLU 18  1063 1063 GLU GLU A . n 
A 1 19  ALA 19  1064 1064 ALA ALA A . n 
A 1 20  LEU 20  1065 1065 LEU LEU A . n 
A 1 21  TYR 21  1066 1066 TYR TYR A . n 
A 1 22  ARG 22  1067 1067 ARG ARG A . n 
A 1 23  GLN 23  1068 1068 GLN GLN A . n 
A 1 24  ASP 24  1069 1069 ASP ASP A . n 
A 1 25  PRO 25  1070 1070 PRO PRO A . n 
A 1 26  GLU 26  1071 1071 GLU GLU A . n 
A 1 27  SER 27  1072 1072 SER SER A . n 
A 1 28  LEU 28  1073 1073 LEU LEU A . n 
A 1 29  PRO 29  1074 1074 PRO PRO A . n 
A 1 30  PHE 30  1075 1075 PHE PHE A . n 
A 1 31  ARG 31  1076 1076 ARG ARG A . n 
A 1 32  GLN 32  1077 1077 GLN GLN A . n 
A 1 33  PRO 33  1078 1078 PRO PRO A . n 
A 1 34  VAL 34  1079 1079 VAL VAL A . n 
A 1 35  ASP 35  1080 1080 ASP ASP A . n 
A 1 36  PRO 36  1081 1081 PRO PRO A . n 
A 1 37  GLN 37  1082 1082 GLN GLN A . n 
A 1 38  LEU 38  1083 1083 LEU LEU A . n 
A 1 39  LEU 39  1084 1084 LEU LEU A . n 
A 1 40  GLY 40  1085 1085 GLY GLY A . n 
A 1 41  ILE 41  1086 1086 ILE ILE A . n 
A 1 42  PRO 42  1087 1087 PRO PRO A . n 
A 1 43  ASP 43  1088 1088 ASP ASP A . n 
A 1 44  TYR 44  1089 1089 TYR TYR A . n 
A 1 45  PHE 45  1090 1090 PHE PHE A . n 
A 1 46  ASP 46  1091 1091 ASP ASP A . n 
A 1 47  ILE 47  1092 1092 ILE ILE A . n 
A 1 48  VAL 48  1093 1093 VAL VAL A . n 
A 1 49  LYS 49  1094 1094 LYS LYS A . n 
A 1 50  SER 50  1095 1095 SER SER A . n 
A 1 51  PRO 51  1096 1096 PRO PRO A . n 
A 1 52  MET 52  1097 1097 MET MET A . n 
A 1 53  ASP 53  1098 1098 ASP ASP A . n 
A 1 54  LEU 54  1099 1099 LEU LEU A . n 
A 1 55  SER 55  1100 1100 SER SER A . n 
A 1 56  THR 56  1101 1101 THR THR A . n 
A 1 57  ILE 57  1102 1102 ILE ILE A . n 
A 1 58  LYS 58  1103 1103 LYS LYS A . n 
A 1 59  ARG 59  1104 1104 ARG ARG A . n 
A 1 60  LYS 60  1105 1105 LYS LYS A . n 
A 1 61  LEU 61  1106 1106 LEU LEU A . n 
A 1 62  ASP 62  1107 1107 ASP ASP A . n 
A 1 63  THR 63  1108 1108 THR THR A . n 
A 1 64  GLY 64  1109 1109 GLY GLY A . n 
A 1 65  GLN 65  1110 1110 GLN GLN A . n 
A 1 66  TYR 66  1111 1111 TYR TYR A . n 
A 1 67  GLN 67  1112 1112 GLN GLN A . n 
A 1 68  GLU 68  1113 1113 GLU GLU A . n 
A 1 69  PRO 69  1114 1114 PRO PRO A . n 
A 1 70  TRP 70  1115 1115 TRP TRP A . n 
A 1 71  GLN 71  1116 1116 GLN GLN A . n 
A 1 72  TYR 72  1117 1117 TYR TYR A . n 
A 1 73  VAL 73  1118 1118 VAL VAL A . n 
A 1 74  ASP 74  1119 1119 ASP ASP A . n 
A 1 75  ASP 75  1120 1120 ASP ASP A . n 
A 1 76  ILE 76  1121 1121 ILE ILE A . n 
A 1 77  TRP 77  1122 1122 TRP TRP A . n 
A 1 78  LEU 78  1123 1123 LEU LEU A . n 
A 1 79  MET 79  1124 1124 MET MET A . n 
A 1 80  PHE 80  1125 1125 PHE PHE A . n 
A 1 81  ASN 81  1126 1126 ASN ASN A . n 
A 1 82  ASN 82  1127 1127 ASN ASN A . n 
A 1 83  ALA 83  1128 1128 ALA ALA A . n 
A 1 84  TRP 84  1129 1129 TRP TRP A . n 
A 1 85  LEU 85  1130 1130 LEU LEU A . n 
A 1 86  TYR 86  1131 1131 TYR TYR A . n 
A 1 87  ASN 87  1132 1132 ASN ASN A . n 
A 1 88  ARG 88  1133 1133 ARG ARG A . n 
A 1 89  LYS 89  1134 1134 LYS LYS A . n 
A 1 90  THR 90  1135 1135 THR THR A . n 
A 1 91  SER 91  1136 1136 SER SER A . n 
A 1 92  ARG 92  1137 1137 ARG ARG A . n 
A 1 93  VAL 93  1138 1138 VAL VAL A . n 
A 1 94  TYR 94  1139 1139 TYR TYR A . n 
A 1 95  LYS 95  1140 1140 LYS LYS A . n 
A 1 96  TYR 96  1141 1141 TYR TYR A . n 
A 1 97  CYS 97  1142 1142 CYS CYS A . n 
A 1 98  SER 98  1143 1143 SER SER A . n 
A 1 99  LYS 99  1144 1144 LYS LYS A . n 
A 1 100 LEU 100 1145 1145 LEU LEU A . n 
A 1 101 SER 101 1146 1146 SER SER A . n 
A 1 102 GLU 102 1147 1147 GLU GLU A . n 
A 1 103 VAL 103 1148 1148 VAL VAL A . n 
A 1 104 PHE 104 1149 1149 PHE PHE A . n 
A 1 105 GLU 105 1150 1150 GLU GLU A . n 
A 1 106 GLN 106 1151 1151 GLN GLN A . n 
A 1 107 GLU 107 1152 1152 GLU GLU A . n 
A 1 108 ILE 108 1153 1153 ILE ILE A . n 
A 1 109 ASP 109 1154 1154 ASP ASP A . n 
A 1 110 PRO 110 1155 1155 PRO PRO A . n 
A 1 111 VAL 111 1156 1156 VAL VAL A . n 
A 1 112 MET 112 1157 1157 MET MET A . n 
A 1 113 GLN 113 1158 1158 GLN GLN A . n 
A 1 114 SER 114 1159 1159 SER SER A . n 
A 1 115 LEU 115 1160 1160 LEU LEU A . n 
A 1 116 GLY 116 1161 1161 GLY GLY A . n 
A 1 117 TYR 117 1162 1162 TYR TYR A . n 
A 1 118 CYS 118 1163 1163 CYS CYS A . n 
A 1 119 CYS 119 1164 1164 CYS CYS A . n 
A 1 120 GLY 120 1165 1165 GLY GLY A . n 
A 1 121 ARG 121 1166 1166 ARG ARG A . n 
A 1 122 LYS 122 1167 1167 LYS LYS A . n 
A 1 123 LEU 123 1168 1168 LEU LEU A . n 
A 1 124 GLU 124 1169 1169 GLU GLU A . n 
A 1 125 PHE 125 1170 1170 PHE PHE A . n 
A 1 126 SER 126 1171 1171 SER SER A . n 
A 1 127 PRO 127 1172 1172 PRO PRO A . n 
A 1 128 GLN 128 1173 1173 GLN GLN A . n 
A 1 129 THR 129 1174 1174 THR THR A . n 
A 1 130 LEU 130 1175 1175 LEU LEU A . n 
A 1 131 CYS 131 1176 1176 CYS CYS A . n 
A 1 132 CYS 132 1177 1177 CYS CYS A . n 
A 1 133 TYR 133 1178 1178 TYR TYR A . n 
A 1 134 GLY 134 1179 1179 GLY GLY A . n 
A 1 135 LYS 135 1180 1180 LYS LYS A . n 
A 1 136 GLN 136 1181 1181 GLN GLN A . n 
A 1 137 LEU 137 1182 1182 LEU LEU A . n 
A 1 138 CYS 138 1183 1183 CYS CYS A . n 
A 1 139 THR 139 1184 1184 THR THR A . n 
A 1 140 ILE 140 1185 1185 ILE ILE A . n 
A 1 141 PRO 141 1186 1186 PRO PRO A . n 
A 1 142 ARG 142 1187 1187 ARG ARG A . n 
A 1 143 ASP 143 1188 1188 ASP ASP A . n 
A 1 144 ALA 144 1189 1189 ALA ALA A . n 
A 1 145 THR 145 1190 1190 THR THR A . n 
A 1 146 TYR 146 1191 1191 TYR TYR A . n 
A 1 147 TYR 147 1192 1192 TYR TYR A . n 
A 1 148 SER 148 1193 1193 SER SER A . n 
A 1 149 TYR 149 1194 1194 TYR TYR A . n 
A 1 150 GLN 150 1195 1195 GLN GLN A . n 
A 1 151 ASN 151 1196 1196 ASN ASN A . n 
A 1 152 ARG 152 1197 1197 ARG ARG A . n 
A 1 153 TYR 153 1198 1198 TYR TYR A . n 
A 1 154 HIS 154 1199 1199 HIS HIS A . n 
A 1 155 PHE 155 1200 1200 PHE PHE A . n 
A 1 156 CYS 156 1201 1201 CYS CYS A . n 
A 1 157 GLU 157 1202 1202 GLU GLU A . n 
A 1 158 LYS 158 1203 1203 LYS LYS A . n 
A 1 159 CYS 159 1204 1204 CYS CYS A . n 
A 1 160 PHE 160 1205 1205 PHE PHE A . n 
A 1 161 ASN 161 1206 1206 ASN ASN A . n 
A 1 162 GLU 162 1207 1207 GLU GLU A . n 
A 1 163 ILE 163 1208 1208 ILE ILE A . n 
A 1 164 GLN 164 1209 1209 GLN GLN A . n 
A 1 165 GLY 165 1210 1210 GLY GLY A . n 
A 1 166 GLU 166 1211 1211 GLU GLU A . n 
A 1 167 SER 167 1212 1212 SER SER A . n 
A 1 168 VAL 168 1213 1213 VAL VAL A . n 
A 1 169 SER 169 1214 1214 SER SER A . n 
A 1 170 LEU 170 1215 1215 LEU LEU A . n 
A 1 171 GLY 171 1216 1216 GLY GLY A . n 
A 1 172 ASP 172 1217 1217 ASP ASP A . n 
A 1 173 ASP 173 1218 1218 ASP ASP A . n 
A 1 174 PRO 174 1219 1219 PRO PRO A . n 
A 1 175 SER 175 1220 1220 SER SER A . n 
A 1 176 GLN 176 1221 1221 GLN GLN A . n 
A 1 177 PRO 177 1222 1222 PRO PRO A . n 
A 1 178 GLN 178 1223 1223 GLN GLN A . n 
A 1 179 THR 179 1224 1224 THR THR A . n 
A 1 180 THR 180 1225 1225 THR THR A . n 
A 1 181 ILE 181 1226 1226 ILE ILE A . n 
A 1 182 ASN 182 1227 1227 ASN ASN A . n 
A 1 183 LYS 183 1228 1228 LYS LYS A . n 
A 1 184 GLU 184 1229 1229 GLU GLU A . n 
A 1 185 GLN 185 1230 1230 GLN GLN A . n 
A 1 186 PHE 186 1231 1231 PHE PHE A . n 
A 1 187 SER 187 1232 1232 SER SER A . n 
A 1 188 LYS 188 1233 1233 LYS LYS A . n 
A 1 189 ARG 189 1234 1234 ARG ARG A . n 
A 1 190 LYS 190 1235 1235 LYS LYS A . n 
A 1 191 ASN 191 1236 1236 ASN ASN A . n 
A 1 192 ASP 192 1237 1237 ASP ASP A . n 
A 1 193 THR 193 1238 1238 THR THR A . n 
A 1 194 LEU 194 1239 1239 LEU LEU A . n 
A 1 195 ASP 195 1240 1240 ASP ASP A . n 
A 1 196 PRO 196 1241 1241 PRO PRO A . n 
A 1 197 GLU 197 1242 1242 GLU GLU A . n 
A 1 198 LEU 198 1243 1243 LEU LEU A . n 
A 1 199 PHE 199 1244 1244 PHE PHE A . n 
A 1 200 VAL 200 1245 1245 VAL VAL A . n 
A 1 201 GLU 201 1246 1246 GLU GLU A . n 
A 1 202 CYS 202 1247 1247 CYS CYS A . n 
A 1 203 THR 203 1248 1248 THR THR A . n 
A 1 204 GLU 204 1249 1249 GLU GLU A . n 
A 1 205 CYS 205 1250 1250 CYS CYS A . n 
A 1 206 GLY 206 1251 1251 GLY GLY A . n 
A 1 207 ARG 207 1252 1252 ARG ARG A . n 
A 1 208 LYS 208 1253 1253 LYS LYS A . n 
A 1 209 MET 209 1254 1254 MET MET A . n 
A 1 210 HIS 210 1255 1255 HIS HIS A . n 
A 1 211 GLN 211 1256 1256 GLN GLN A . n 
A 1 212 ILE 212 1257 1257 ILE ILE A . n 
A 1 213 CYS 213 1258 1258 CYS CYS A . n 
A 1 214 VAL 214 1259 1259 VAL VAL A . n 
A 1 215 LEU 215 1260 1260 LEU LEU A . n 
A 1 216 HIS 216 1261 1261 HIS HIS A . n 
A 1 217 HIS 217 1262 1262 HIS HIS A . n 
A 1 218 GLU 218 1263 1263 GLU GLU A . n 
A 1 219 ILE 219 1264 1264 ILE ILE A . n 
A 1 220 ILE 220 1265 1265 ILE ILE A . n 
A 1 221 TRP 221 1266 1266 TRP TRP A . n 
A 1 222 PRO 222 1267 1267 PRO PRO A . n 
A 1 223 ALA 223 1268 1268 ALA ALA A . n 
A 1 224 GLY 224 1269 1269 GLY GLY A . n 
A 1 225 PHE 225 1270 1270 PHE PHE A . n 
A 1 226 VAL 226 1271 1271 VAL VAL A . n 
A 1 227 CYS 227 1272 1272 CYS CYS A . n 
A 1 228 ASP 228 1273 1273 ASP ASP A . n 
A 1 229 GLY 229 1274 1274 GLY GLY A . n 
A 1 230 CYS 230 1275 1275 CYS CYS A . n 
A 1 231 LEU 231 1276 1276 LEU LEU A . n 
A 1 232 LYS 232 1277 1277 LYS LYS A . n 
A 1 233 LYS 233 1278 1278 LYS LYS A . n 
A 1 234 SER 234 1279 1279 SER SER A . n 
A 1 235 ALA 235 1280 1280 ALA ALA A . n 
A 1 236 ARG 236 1281 1281 ARG ARG A . n 
A 1 237 THR 237 1282 1282 THR THR A . n 
A 1 238 ARG 238 1283 1283 ARG ARG A . n 
A 1 239 LYS 239 1284 1284 LYS LYS A . n 
A 1 240 GLU 240 1285 1285 GLU GLU A . n 
A 1 241 ASN 241 1286 1286 ASN ASN A . n 
A 1 242 LYS 242 1287 1287 LYS LYS A . n 
A 1 243 PHE 243 1288 1288 PHE PHE A . n 
A 1 244 SER 244 1289 1289 SER SER A . n 
A 1 245 ALA 245 1290 1290 ALA ALA A . n 
A 1 246 LYS 246 1291 1291 LYS LYS A . n 
A 1 247 ARG 247 1292 1292 ARG ARG A . n 
A 1 248 LEU 248 1293 1293 LEU LEU A . n 
A 1 249 PRO 249 1294 1294 PRO PRO A . n 
A 1 250 SER 250 1295 1295 SER SER A . n 
A 1 251 THR 251 1296 1296 THR THR A . n 
A 1 252 ARG 252 1297 1297 ARG ARG A . n 
A 1 253 LEU 253 1298 1298 LEU LEU A . n 
A 1 254 GLY 254 1299 1299 GLY GLY A . n 
A 1 255 THR 255 1300 1300 THR THR A . n 
A 1 256 PHE 256 1301 1301 PHE PHE A . n 
A 1 257 LEU 257 1302 1302 LEU LEU A . n 
A 1 258 GLU 258 1303 1303 GLU GLU A . n 
A 1 259 ASN 259 1304 1304 ASN ASN A . n 
A 1 260 ARG 260 1305 1305 ARG ARG A . n 
A 1 261 VAL 261 1306 1306 VAL VAL A . n 
A 1 262 ASN 262 1307 1307 ASN ASN A . n 
A 1 263 ASP 263 1308 1308 ASP ASP A . n 
A 1 264 PHE 264 1309 1309 PHE PHE A . n 
A 1 265 LEU 265 1310 1310 LEU LEU A . n 
A 1 266 ARG 266 1311 1311 ARG ARG A . n 
A 1 267 ARG 267 1312 1312 ARG ARG A . n 
A 1 268 GLN 268 1313 1313 GLN GLN A . n 
A 1 269 ASN 269 1314 1314 ASN ASN A . n 
A 1 270 HIS 270 1315 1315 HIS HIS A . n 
A 1 271 PRO 271 1316 1316 PRO PRO A . n 
A 1 272 GLU 272 1317 1317 GLU GLU A . n 
A 1 273 SER 273 1318 1318 SER SER A . n 
A 1 274 GLY 274 1319 1319 GLY GLY A . n 
A 1 275 GLU 275 1320 1320 GLU GLU A . n 
A 1 276 VAL 276 1321 1321 VAL VAL A . n 
A 1 277 THR 277 1322 1322 THR THR A . n 
A 1 278 VAL 278 1323 1323 VAL VAL A . n 
A 1 279 ARG 279 1324 1324 ARG ARG A . n 
A 1 280 VAL 280 1325 1325 VAL VAL A . n 
A 1 281 VAL 281 1326 1326 VAL VAL A . n 
A 1 282 HIS 282 1327 1327 HIS HIS A . n 
A 1 283 ALA 283 1328 1328 ALA ALA A . n 
A 1 284 SER 284 1329 1329 SER SER A . n 
A 1 285 ASP 285 1330 1330 ASP ASP A . n 
A 1 286 LYS 286 1331 1331 LYS LYS A . n 
A 1 287 THR 287 1332 1332 THR THR A . n 
A 1 288 VAL 288 1333 1333 VAL VAL A . n 
A 1 289 GLU 289 1334 1334 GLU GLU A . n 
A 1 290 VAL 290 1335 1335 VAL VAL A . n 
A 1 291 LYS 291 1336 1336 LYS LYS A . n 
A 1 292 PRO 292 1337 1337 PRO PRO A . n 
A 1 293 GLY 293 1338 1338 GLY GLY A . n 
A 1 294 MET 294 1339 1339 MET MET A . n 
A 1 295 LYS 295 1340 1340 LYS LYS A . n 
A 1 296 ALA 296 1341 1341 ALA ALA A . n 
A 1 297 ARG 297 1342 1342 ARG ARG A . n 
A 1 298 PHE 298 1343 1343 PHE PHE A . n 
A 1 299 VAL 299 1344 1344 VAL VAL A . n 
A 1 300 ASP 300 1345 1345 ASP ASP A . n 
A 1 301 SER 301 1346 1346 SER SER A . n 
A 1 302 GLY 302 1347 1347 GLY GLY A . n 
A 1 303 GLU 303 1348 1348 GLU GLU A . n 
A 1 304 MET 304 1349 1349 MET MET A . n 
A 1 305 ALA 305 1350 1350 ALA ALA A . n 
A 1 306 GLU 306 1351 1351 GLU GLU A . n 
A 1 307 SER 307 1352 1352 SER SER A . n 
A 1 308 PHE 308 1353 1353 PHE PHE A . n 
A 1 309 PRO 309 1354 1354 PRO PRO A . n 
A 1 310 TYR 310 1355 1355 TYR TYR A . n 
A 1 311 ARG 311 1356 1356 ARG ARG A . n 
A 1 312 THR 312 1357 1357 THR THR A . n 
A 1 313 LYS 313 1358 1358 LYS LYS A . n 
A 1 314 ALA 314 1359 1359 ALA ALA A . n 
A 1 315 LEU 315 1360 1360 LEU LEU A . n 
A 1 316 PHE 316 1361 1361 PHE PHE A . n 
A 1 317 ALA 317 1362 1362 ALA ALA A . n 
A 1 318 PHE 318 1363 1363 PHE PHE A . n 
A 1 319 GLU 319 1364 1364 GLU GLU A . n 
A 1 320 GLU 320 1365 1365 GLU GLU A . n 
A 1 321 ILE 321 1366 1366 ILE ILE A . n 
A 1 322 ASP 322 1367 1367 ASP ASP A . n 
A 1 323 GLY 323 1368 1368 GLY GLY A . n 
A 1 324 VAL 324 1369 1369 VAL VAL A . n 
A 1 325 ASP 325 1370 1370 ASP ASP A . n 
A 1 326 LEU 326 1371 1371 LEU LEU A . n 
A 1 327 CYS 327 1372 1372 CYS CYS A . n 
A 1 328 PHE 328 1373 1373 PHE PHE A . n 
A 1 329 PHE 329 1374 1374 PHE PHE A . n 
A 1 330 GLY 330 1375 1375 GLY GLY A . n 
A 1 331 MET 331 1376 1376 MET MET A . n 
A 1 332 HIS 332 1377 1377 HIS HIS A . n 
A 1 333 VAL 333 1378 1378 VAL VAL A . n 
A 1 334 GLN 334 1379 1379 GLN GLN A . n 
A 1 335 GLU 335 1380 1380 GLU GLU A . n 
A 1 336 TYR 336 1381 1381 TYR TYR A . n 
A 1 337 GLY 337 1382 1382 GLY GLY A . n 
A 1 338 SER 338 1383 1383 SER SER A . n 
A 1 339 ASP 339 1384 1384 ASP ASP A . n 
A 1 340 CYS 340 1385 1385 CYS CYS A . n 
A 1 341 PRO 341 1386 1386 PRO PRO A . n 
A 1 342 PRO 342 1387 1387 PRO PRO A . n 
A 1 343 PRO 343 1388 1388 PRO PRO A . n 
A 1 344 ASN 344 1389 1389 ASN ASN A . n 
A 1 345 GLN 345 1390 1390 GLN GLN A . n 
A 1 346 ARG 346 1391 1391 ARG ARG A . n 
A 1 347 ARG 347 1392 1392 ARG ARG A . n 
A 1 348 VAL 348 1393 1393 VAL VAL A . n 
A 1 349 TYR 349 1394 1394 TYR TYR A . n 
A 1 350 ILE 350 1395 1395 ILE ILE A . n 
A 1 351 SER 351 1396 1396 SER SER A . n 
A 1 352 TYR 352 1397 1397 TYR TYR A . n 
A 1 353 LEU 353 1398 1398 LEU LEU A . n 
A 1 354 ASP 354 1399 1399 ASP ASP A . n 
A 1 355 SER 355 1400 1400 SER SER A . n 
A 1 356 VAL 356 1401 1401 VAL VAL A . n 
A 1 357 HIS 357 1402 1402 HIS HIS A . n 
A 1 358 PHE 358 1403 1403 PHE PHE A . n 
A 1 359 PHE 359 1404 1404 PHE PHE A . n 
A 1 360 ARG 360 1405 1405 ARG ARG A . n 
A 1 361 PRO 361 1406 1406 PRO PRO A . n 
A 1 362 LYS 362 1407 1407 LYS LYS A . n 
A 1 363 CYS 363 1408 1408 CYS CYS A . n 
A 1 364 LEU 364 1409 1409 LEU LEU A . n 
A 1 365 ARG 365 1410 1410 ARG ARG A . n 
A 1 366 THR 366 1411 1411 THR THR A . n 
A 1 367 ALA 367 1412 1412 ALA ALA A . n 
A 1 368 VAL 368 1413 1413 VAL VAL A . n 
A 1 369 TYR 369 1414 1414 TYR TYR A . n 
A 1 370 HIS 370 1415 1415 HIS HIS A . n 
A 1 371 GLU 371 1416 1416 GLU GLU A . n 
A 1 372 ILE 372 1417 1417 ILE ILE A . n 
A 1 373 LEU 373 1418 1418 LEU LEU A . n 
A 1 374 ILE 374 1419 1419 ILE ILE A . n 
A 1 375 GLY 375 1420 1420 GLY GLY A . n 
A 1 376 TYR 376 1421 1421 TYR TYR A . n 
A 1 377 LEU 377 1422 1422 LEU LEU A . n 
A 1 378 GLU 378 1423 1423 GLU GLU A . n 
A 1 379 TYR 379 1424 1424 TYR TYR A . n 
A 1 380 VAL 380 1425 1425 VAL VAL A . n 
A 1 381 LYS 381 1426 1426 LYS LYS A . n 
A 1 382 LYS 382 1427 1427 LYS LYS A . n 
A 1 383 LEU 383 1428 1428 LEU LEU A . n 
A 1 384 GLY 384 1429 1429 GLY GLY A . n 
A 1 385 TYR 385 1430 1430 TYR TYR A . n 
A 1 386 THR 386 1431 1431 THR THR A . n 
A 1 387 THR 387 1432 1432 THR THR A . n 
A 1 388 GLY 388 1433 1433 GLY GLY A . n 
A 1 389 HIS 389 1434 1434 HIS HIS A . n 
A 1 390 ILE 390 1435 1435 ILE ILE A . n 
A 1 391 TRP 391 1436 1436 TRP TRP A . n 
A 1 392 ALA 392 1437 1437 ALA ALA A . n 
A 1 393 CYS 393 1438 1438 CYS CYS A . n 
A 1 394 PRO 394 1439 1439 PRO PRO A . n 
A 1 395 PRO 395 1440 1440 PRO PRO A . n 
A 1 396 SER 396 1441 1441 SER SER A . n 
A 1 397 GLU 397 1442 1442 GLU GLU A . n 
A 1 398 GLY 398 1443 1443 GLY GLY A . n 
A 1 399 ASP 399 1444 1444 ASP ASP A . n 
A 1 400 ASP 400 1445 1445 ASP ASP A . n 
A 1 401 TYR 401 1446 1446 TYR TYR A . n 
A 1 402 ILE 402 1447 1447 ILE ILE A . n 
A 1 403 PHE 403 1448 1448 PHE PHE A . n 
A 1 404 HIS 404 1449 1449 HIS HIS A . n 
A 1 405 CYS 405 1450 1450 CYS CYS A . n 
A 1 406 HIS 406 1451 1451 HIS HIS A . n 
A 1 407 PRO 407 1452 1452 PRO PRO A . n 
A 1 408 PRO 408 1453 1453 PRO PRO A . n 
A 1 409 ASP 409 1454 1454 ASP ASP A . n 
A 1 410 GLN 410 1455 1455 GLN GLN A . n 
A 1 411 LYS 411 1456 1456 LYS LYS A . n 
A 1 412 ILE 412 1457 1457 ILE ILE A . n 
A 1 413 PRO 413 1458 1458 PRO PRO A . n 
A 1 414 LYS 414 1459 1459 LYS LYS A . n 
A 1 415 PRO 415 1460 1460 PRO PRO A . n 
A 1 416 LYS 416 1461 1461 LYS LYS A . n 
A 1 417 ARG 417 1462 1462 ARG ARG A . n 
A 1 418 LEU 418 1463 1463 LEU LEU A . n 
A 1 419 GLN 419 1464 1464 GLN GLN A . n 
A 1 420 GLU 420 1465 1465 GLU GLU A . n 
A 1 421 TRP 421 1466 1466 TRP TRP A . n 
A 1 422 TYR 422 1467 1467 TYR TYR A . n 
A 1 423 LYS 423 1468 1468 LYS LYS A . n 
A 1 424 LYS 424 1469 1469 LYS LYS A . n 
A 1 425 MET 425 1470 1470 MET MET A . n 
A 1 426 LEU 426 1471 1471 LEU LEU A . n 
A 1 427 ASP 427 1472 1472 ASP ASP A . n 
A 1 428 LYS 428 1473 1473 LYS LYS A . n 
A 1 429 ALA 429 1474 1474 ALA ALA A . n 
A 1 430 VAL 430 1475 1475 VAL VAL A . n 
A 1 431 SER 431 1476 1476 SER SER A . n 
A 1 432 GLU 432 1477 1477 GLU GLU A . n 
A 1 433 ARG 433 1478 1478 ARG ARG A . n 
A 1 434 ILE 434 1479 1479 ILE ILE A . n 
A 1 435 VAL 435 1480 1480 VAL VAL A . n 
A 1 436 HIS 436 1481 1481 HIS HIS A . n 
A 1 437 ASP 437 1482 1482 ASP ASP A . n 
A 1 438 TYR 438 1483 1483 TYR TYR A . n 
A 1 439 LYS 439 1484 1484 LYS LYS A . n 
A 1 440 ASP 440 1485 1485 ASP ASP A . n 
A 1 441 ILE 441 1486 1486 ILE ILE A . n 
A 1 442 PHE 442 1487 1487 PHE PHE A . n 
A 1 443 LYS 443 1488 1488 LYS LYS A . n 
A 1 444 GLN 444 1489 1489 GLN GLN A . n 
A 1 445 ALA 445 1490 1490 ALA ALA A . n 
A 1 446 THR 446 1491 1491 THR THR A . n 
A 1 447 GLU 447 1492 1492 GLU GLU A . n 
A 1 448 ASP 448 1493 1493 ASP ASP A . n 
A 1 449 ARG 449 1494 1494 ARG ARG A . n 
A 1 450 LEU 450 1495 1495 LEU LEU A . n 
A 1 451 THR 451 1496 1496 THR THR A . n 
A 1 452 SER 452 1497 1497 SER SER A . n 
A 1 453 ALA 453 1498 1498 ALA ALA A . n 
A 1 454 LYS 454 1499 1499 LYS LYS A . n 
A 1 455 GLU 455 1500 1500 GLU GLU A . n 
A 1 456 LEU 456 1501 1501 LEU LEU A . n 
A 1 457 PRO 457 1502 1502 PRO PRO A . n 
A 1 458 TYR 458 1503 1503 TYR TYR A . n 
A 1 459 PHE 459 1504 1504 PHE PHE A . n 
A 1 460 GLU 460 1505 1505 GLU GLU A . n 
A 1 461 GLY 461 1506 1506 GLY GLY A . n 
A 1 462 ASP 462 1507 1507 ASP ASP A . n 
A 1 463 PHE 463 1508 1508 PHE PHE A . n 
A 1 464 TRP 464 1509 1509 TRP TRP A . n 
A 1 465 PRO 465 1510 1510 PRO PRO A . n 
A 1 466 ASN 466 1511 1511 ASN ASN A . n 
A 1 467 VAL 467 1512 1512 VAL VAL A . n 
A 1 468 LEU 468 1513 1513 LEU LEU A . n 
A 1 469 GLU 469 1514 1514 GLU GLU A . n 
A 1 470 GLU 470 1515 1515 GLU GLU A . n 
A 1 471 SER 471 1516 1516 SER SER A . n 
A 1 472 ILE 472 1517 1517 ILE ILE A . n 
A 1 473 LYS 473 1518 1518 LYS LYS A . n 
A 1 474 GLU 474 1519 1519 GLU GLU A . n 
A 1 475 LEU 475 1520 ?    ?   ?   A . n 
A 1 476 GLU 476 1521 ?    ?   ?   A . n 
A 1 477 GLN 477 1522 ?    ?   ?   A . n 
A 1 478 GLU 478 1523 ?    ?   ?   A . n 
A 1 479 GLU 479 1524 ?    ?   ?   A . n 
A 1 480 GLU 480 1525 ?    ?   ?   A . n 
A 1 481 GLU 481 1526 ?    ?   ?   A . n 
A 1 482 ARG 482 1527 ?    ?   ?   A . n 
A 1 483 LYS 483 1528 ?    ?   ?   A . n 
A 1 484 ARG 484 1529 ?    ?   ?   A . n 
A 1 485 GLU 485 1530 ?    ?   ?   A . n 
A 1 486 GLU 486 1531 ?    ?   ?   A . n 
A 1 487 ASN 487 1532 ?    ?   ?   A . n 
A 1 488 THR 488 1533 ?    ?   ?   A . n 
A 1 489 SER 489 1534 ?    ?   ?   A . n 
A 1 490 ASN 490 1535 ?    ?   ?   A . n 
A 1 491 GLU 491 1536 ?    ?   ?   A . n 
A 1 492 SER 492 1537 ?    ?   ?   A . n 
A 1 493 THR 493 1538 ?    ?   ?   A . n 
A 1 494 ASP 494 1539 ?    ?   ?   A . n 
A 1 495 VAL 495 1540 ?    ?   ?   A . n 
A 1 496 THR 496 1541 ?    ?   ?   A . n 
A 1 497 LYS 497 1542 ?    ?   ?   A . n 
A 1 498 GLY 498 1543 ?    ?   ?   A . n 
A 1 499 ASP 499 1544 ?    ?   ?   A . n 
A 1 500 SER 500 1545 ?    ?   ?   A . n 
A 1 501 LYS 501 1546 ?    ?   ?   A . n 
A 1 502 ASN 502 1547 ?    ?   ?   A . n 
A 1 503 ALA 503 1548 ?    ?   ?   A . n 
A 1 504 LYS 504 1549 ?    ?   ?   A . n 
A 1 505 LYS 505 1550 ?    ?   ?   A . n 
A 1 506 LYS 506 1551 ?    ?   ?   A . n 
A 1 507 ASN 507 1552 ?    ?   ?   A . n 
A 1 508 ASN 508 1553 ?    ?   ?   A . n 
A 1 509 LYS 509 1554 ?    ?   ?   A . n 
A 1 510 LYS 510 1555 ?    ?   ?   A . n 
A 1 511 THR 511 1556 ?    ?   ?   A . n 
A 1 512 SER 512 1557 ?    ?   ?   A . n 
A 1 513 LYS 513 1558 ?    ?   ?   A . n 
A 1 514 ASN 514 1559 ?    ?   ?   A . n 
A 1 515 LYS 515 1560 ?    ?   ?   A . n 
A 1 516 SER 516 1561 ?    ?   ?   A . n 
A 1 517 SER 517 1562 ?    ?   ?   A . n 
A 1 518 LEU 518 1563 ?    ?   ?   A . n 
A 1 519 SER 519 1564 ?    ?   ?   A . n 
A 1 520 ARG 520 1565 ?    ?   ?   A . n 
A 1 521 GLY 521 1566 ?    ?   ?   A . n 
A 1 522 ASN 522 1567 ?    ?   ?   A . n 
A 1 523 LYS 523 1568 ?    ?   ?   A . n 
A 1 524 LYS 524 1569 ?    ?   ?   A . n 
A 1 525 LYS 525 1570 ?    ?   ?   A . n 
A 1 526 PRO 526 1571 ?    ?   ?   A . n 
A 1 527 GLY 527 1572 ?    ?   ?   A . n 
A 1 528 MET 528 1573 ?    ?   ?   A . n 
A 1 529 PRO 529 1574 ?    ?   ?   A . n 
A 1 530 ASN 530 1575 ?    ?   ?   A . n 
A 1 531 VAL 531 1576 ?    ?   ?   A . n 
A 1 532 SER 532 1577 ?    ?   ?   A . n 
A 1 533 ASN 533 1578 ?    ?   ?   A . n 
A 1 534 ASP 534 1579 ?    ?   ?   A . n 
A 1 535 LEU 535 1580 ?    ?   ?   A . n 
A 1 536 SER 536 1581 ?    ?   ?   A . n 
A 1 537 GLN 537 1582 1582 GLN GLN A . n 
A 1 538 LYS 538 1583 1583 LYS LYS A . n 
A 1 539 LEU 539 1584 1584 LEU LEU A . n 
A 1 540 TYR 540 1585 1585 TYR TYR A . n 
A 1 541 ALA 541 1586 1586 ALA ALA A . n 
A 1 542 THR 542 1587 1587 THR THR A . n 
A 1 543 MET 543 1588 1588 MET MET A . n 
A 1 544 GLU 544 1589 1589 GLU GLU A . n 
A 1 545 LYS 545 1590 1590 LYS LYS A . n 
A 1 546 HIS 546 1591 1591 HIS HIS A . n 
A 1 547 LYS 547 1592 1592 LYS LYS A . n 
A 1 548 GLU 548 1593 1593 GLU GLU A . n 
A 1 549 VAL 549 1594 1594 VAL VAL A . n 
A 1 550 PHE 550 1595 1595 PHE PHE A . n 
A 1 551 PHE 551 1596 1596 PHE PHE A . n 
A 1 552 VAL 552 1597 1597 VAL VAL A . n 
A 1 553 ILE 553 1598 1598 ILE ILE A . n 
A 1 554 ARG 554 1599 1599 ARG ARG A . n 
A 1 555 LEU 555 1600 1600 LEU LEU A . n 
A 1 556 ILE 556 1601 1601 ILE ILE A . n 
A 1 557 ALA 557 1602 1602 ALA ALA A . n 
A 1 558 GLY 558 1603 1603 GLY GLY A . n 
A 1 559 PRO 559 1604 1604 PRO PRO A . n 
A 1 560 ALA 560 1605 1605 ALA ALA A . n 
A 1 561 ALA 561 1606 1606 ALA ALA A . n 
A 1 562 ASN 562 1607 1607 ASN ASN A . n 
A 1 563 SER 563 1608 1608 SER SER A . n 
A 1 564 LEU 564 1609 1609 LEU LEU A . n 
A 1 565 PRO 565 1610 1610 PRO PRO A . n 
A 1 566 PRO 566 1611 1611 PRO PRO A . n 
A 1 567 ILE 567 1612 1612 ILE ILE A . n 
A 1 568 VAL 568 1613 1613 VAL VAL A . n 
A 1 569 ASP 569 1614 1614 ASP ASP A . n 
A 1 570 PRO 570 1615 1615 PRO PRO A . n 
A 1 571 ASP 571 1616 1616 ASP ASP A . n 
A 1 572 PRO 572 1617 1617 PRO PRO A . n 
A 1 573 LEU 573 1618 1618 LEU LEU A . n 
A 1 574 ILE 574 1619 1619 ILE ILE A . n 
A 1 575 PRO 575 1620 1620 PRO PRO A . n 
A 1 576 CYS 576 1621 1621 CYS CYS A . n 
A 1 577 ASP 577 1622 1622 ASP ASP A . n 
A 1 578 LEU 578 1623 1623 LEU LEU A . n 
A 1 579 MET 579 1624 1624 MET MET A . n 
A 1 580 ASP 580 1625 1625 ASP ASP A . n 
A 1 581 GLY 581 1626 1626 GLY GLY A . n 
A 1 582 ARG 582 1627 1627 ARG ARG A . n 
A 1 583 ASP 583 1628 1628 ASP ASP A . n 
A 1 584 ALA 584 1629 1629 ALA ALA A . n 
A 1 585 PHE 585 1630 1630 PHE PHE A . n 
A 1 586 LEU 586 1631 1631 LEU LEU A . n 
A 1 587 THR 587 1632 1632 THR THR A . n 
A 1 588 LEU 588 1633 1633 LEU LEU A . n 
A 1 589 ALA 589 1634 1634 ALA ALA A . n 
A 1 590 ARG 590 1635 1635 ARG ARG A . n 
A 1 591 ASP 591 1636 1636 ASP ASP A . n 
A 1 592 LYS 592 1637 1637 LYS LYS A . n 
A 1 593 HIS 593 1638 1638 HIS HIS A . n 
A 1 594 LEU 594 1639 1639 LEU LEU A . n 
A 1 595 GLU 595 1640 1640 GLU GLU A . n 
A 1 596 PHE 596 1641 1641 PHE PHE A . n 
A 1 597 SER 597 1642 1642 SER SER A . n 
A 1 598 SER 598 1643 1643 SER SER A . n 
A 1 599 LEU 599 1644 1644 LEU LEU A . n 
A 1 600 ARG 600 1645 1645 ARG ARG A . n 
A 1 601 ARG 601 1646 1646 ARG ARG A . n 
A 1 602 ALA 602 1647 1647 ALA ALA A . n 
A 1 603 GLN 603 1648 1648 GLN GLN A . n 
A 1 604 TRP 604 1649 1649 TRP TRP A . n 
A 1 605 SER 605 1650 1650 SER SER A . n 
A 1 606 THR 606 1651 1651 THR THR A . n 
A 1 607 MET 607 1652 1652 MET MET A . n 
A 1 608 CYS 608 1653 1653 CYS CYS A . n 
A 1 609 MET 609 1654 1654 MET MET A . n 
A 1 610 LEU 610 1655 1655 LEU LEU A . n 
A 1 611 VAL 611 1656 1656 VAL VAL A . n 
A 1 612 GLU 612 1657 1657 GLU GLU A . n 
A 1 613 LEU 613 1658 1658 LEU LEU A . n 
A 1 614 HIS 614 1659 1659 HIS HIS A . n 
A 1 615 THR 615 1660 1660 THR THR A . n 
A 1 616 GLN 616 1661 1661 GLN GLN A . n 
A 1 617 SER 617 1662 1662 SER SER A . n 
A 1 618 GLN 618 1663 1663 GLN GLN A . n 
A 1 619 ASP 619 1664 1664 ASP ASP A . n 
# 
_cell.angle_alpha                  90.00 
_cell.angle_alpha_esd              ? 
_cell.angle_beta                   90.00 
_cell.angle_beta_esd               ? 
_cell.angle_gamma                  90.00 
_cell.angle_gamma_esd              ? 
_cell.entry_id                     6K4N 
_cell.details                      ? 
_cell.formula_units_Z              ? 
_cell.length_a                     1.00 
_cell.length_a_esd                 ? 
_cell.length_b                     1.00 
_cell.length_b_esd                 ? 
_cell.length_c                     1.00 
_cell.length_c_esd                 ? 
_cell.volume                       ? 
_cell.volume_esd                   ? 
_cell.Z_PDB                        1 
_cell.reciprocal_angle_alpha       ? 
_cell.reciprocal_angle_beta        ? 
_cell.reciprocal_angle_gamma       ? 
_cell.reciprocal_angle_alpha_esd   ? 
_cell.reciprocal_angle_beta_esd    ? 
_cell.reciprocal_angle_gamma_esd   ? 
_cell.reciprocal_length_a          ? 
_cell.reciprocal_length_b          ? 
_cell.reciprocal_length_c          ? 
_cell.reciprocal_length_a_esd      ? 
_cell.reciprocal_length_b_esd      ? 
_cell.reciprocal_length_c_esd      ? 
_cell.pdbx_unique_axis             ? 
# 
_symmetry.entry_id                         6K4N 
_symmetry.cell_setting                     ? 
_symmetry.Int_Tables_number                1 
_symmetry.space_group_name_Hall            ? 
_symmetry.space_group_name_H-M             'P 1' 
_symmetry.pdbx_full_space_group_name_H-M   ? 
# 
_exptl.absorpt_coefficient_mu     ? 
_exptl.absorpt_correction_T_max   ? 
_exptl.absorpt_correction_T_min   ? 
_exptl.absorpt_correction_type    ? 
_exptl.absorpt_process_details    ? 
_exptl.entry_id                   6K4N 
_exptl.crystals_number            ? 
_exptl.details                    ? 
_exptl.method                     'ELECTRON MICROSCOPY' 
_exptl.method_details             ? 
# 
_refine.aniso_B[1][1]                            ? 
_refine.aniso_B[1][2]                            ? 
_refine.aniso_B[1][3]                            ? 
_refine.aniso_B[2][2]                            ? 
_refine.aniso_B[2][3]                            ? 
_refine.aniso_B[3][3]                            ? 
_refine.B_iso_max                                ? 
_refine.B_iso_mean                               ? 
_refine.B_iso_min                                ? 
_refine.correlation_coeff_Fo_to_Fc               ? 
_refine.correlation_coeff_Fo_to_Fc_free          ? 
_refine.details                                  ? 
_refine.diff_density_max                         ? 
_refine.diff_density_max_esd                     ? 
_refine.diff_density_min                         ? 
_refine.diff_density_min_esd                     ? 
_refine.diff_density_rms                         ? 
_refine.diff_density_rms_esd                     ? 
_refine.entry_id                                 6K4N 
_refine.pdbx_refine_id                           'ELECTRON MICROSCOPY' 
_refine.ls_abs_structure_details                 ? 
_refine.ls_abs_structure_Flack                   ? 
_refine.ls_abs_structure_Flack_esd               ? 
_refine.ls_abs_structure_Rogers                  ? 
_refine.ls_abs_structure_Rogers_esd              ? 
_refine.ls_d_res_high                            9.80 
_refine.ls_d_res_low                             ? 
_refine.ls_extinction_coef                       ? 
_refine.ls_extinction_coef_esd                   ? 
_refine.ls_extinction_expression                 ? 
_refine.ls_extinction_method                     ? 
_refine.ls_goodness_of_fit_all                   ? 
_refine.ls_goodness_of_fit_all_esd               ? 
_refine.ls_goodness_of_fit_obs                   ? 
_refine.ls_goodness_of_fit_obs_esd               ? 
_refine.ls_hydrogen_treatment                    ? 
_refine.ls_matrix_type                           ? 
_refine.ls_number_constraints                    ? 
_refine.ls_number_parameters                     ? 
_refine.ls_number_reflns_all                     ? 
_refine.ls_number_reflns_obs                     ? 
_refine.ls_number_reflns_R_free                  ? 
_refine.ls_number_reflns_R_work                  ? 
_refine.ls_number_restraints                     ? 
_refine.ls_percent_reflns_obs                    ? 
_refine.ls_percent_reflns_R_free                 ? 
_refine.ls_R_factor_all                          ? 
_refine.ls_R_factor_obs                          ? 
_refine.ls_R_factor_R_free                       ? 
_refine.ls_R_factor_R_free_error                 ? 
_refine.ls_R_factor_R_free_error_details         ? 
_refine.ls_R_factor_R_work                       ? 
_refine.ls_R_Fsqd_factor_obs                     ? 
_refine.ls_R_I_factor_obs                        ? 
_refine.ls_redundancy_reflns_all                 ? 
_refine.ls_redundancy_reflns_obs                 ? 
_refine.ls_restrained_S_all                      ? 
_refine.ls_restrained_S_obs                      ? 
_refine.ls_shift_over_esd_max                    ? 
_refine.ls_shift_over_esd_mean                   ? 
_refine.ls_structure_factor_coef                 ? 
_refine.ls_weighting_details                     ? 
_refine.ls_weighting_scheme                      ? 
_refine.ls_wR_factor_all                         ? 
_refine.ls_wR_factor_obs                         ? 
_refine.ls_wR_factor_R_free                      ? 
_refine.ls_wR_factor_R_work                      ? 
_refine.occupancy_max                            ? 
_refine.occupancy_min                            ? 
_refine.solvent_model_details                    ? 
_refine.solvent_model_param_bsol                 ? 
_refine.solvent_model_param_ksol                 ? 
_refine.ls_R_factor_gt                           ? 
_refine.ls_goodness_of_fit_gt                    ? 
_refine.ls_goodness_of_fit_ref                   ? 
_refine.ls_shift_over_su_max                     ? 
_refine.ls_shift_over_su_max_lt                  ? 
_refine.ls_shift_over_su_mean                    ? 
_refine.ls_shift_over_su_mean_lt                 ? 
_refine.pdbx_ls_sigma_I                          ? 
_refine.pdbx_ls_sigma_F                          ? 
_refine.pdbx_ls_sigma_Fsqd                       ? 
_refine.pdbx_data_cutoff_high_absF               ? 
_refine.pdbx_data_cutoff_high_rms_absF           ? 
_refine.pdbx_data_cutoff_low_absF                ? 
_refine.pdbx_isotropic_thermal_model             ? 
_refine.pdbx_ls_cross_valid_method               ? 
_refine.pdbx_method_to_determine_struct          ? 
_refine.pdbx_starting_model                      ? 
_refine.pdbx_stereochemistry_target_values       ? 
_refine.pdbx_R_Free_selection_details            ? 
_refine.pdbx_stereochem_target_val_spec_case     ? 
_refine.pdbx_overall_ESU_R                       ? 
_refine.pdbx_overall_ESU_R_Free                  ? 
_refine.pdbx_solvent_vdw_probe_radii             ? 
_refine.pdbx_solvent_ion_probe_radii             ? 
_refine.pdbx_solvent_shrinkage_radii             ? 
_refine.pdbx_real_space_R                        ? 
_refine.pdbx_density_correlation                 ? 
_refine.pdbx_pd_number_of_powder_patterns        ? 
_refine.pdbx_pd_number_of_points                 ? 
_refine.pdbx_pd_meas_number_of_points            ? 
_refine.pdbx_pd_proc_ls_prof_R_factor            ? 
_refine.pdbx_pd_proc_ls_prof_wR_factor           ? 
_refine.pdbx_pd_Marquardt_correlation_coeff      ? 
_refine.pdbx_pd_Fsqrd_R_factor                   ? 
_refine.pdbx_pd_ls_matrix_band_width             ? 
_refine.pdbx_overall_phase_error                 ? 
_refine.pdbx_overall_SU_R_free_Cruickshank_DPI   ? 
_refine.pdbx_overall_SU_R_free_Blow_DPI          ? 
_refine.pdbx_overall_SU_R_Blow_DPI               ? 
_refine.pdbx_TLS_residual_ADP_flag               ? 
_refine.pdbx_diffrn_id                           ? 
_refine.overall_SU_B                             ? 
_refine.overall_SU_ML                            ? 
_refine.overall_SU_R_Cruickshank_DPI             ? 
_refine.overall_SU_R_free                        ? 
_refine.overall_FOM_free_R_set                   ? 
_refine.overall_FOM_work_R_set                   ? 
_refine.pdbx_average_fsc_overall                 ? 
_refine.pdbx_average_fsc_work                    ? 
_refine.pdbx_average_fsc_free                    ? 
# 
_struct.entry_id                     6K4N 
_struct.title                        'Cryo-EM structure of p300' 
_struct.pdbx_model_details           ? 
_struct.pdbx_formula_weight          ? 
_struct.pdbx_formula_weight_method   ? 
_struct.pdbx_model_type_details      ? 
_struct.pdbx_CASP_flag               N 
# 
_struct_keywords.entry_id        6K4N 
_struct_keywords.text            'transcriptional coactivator, HAT, auto-inhibited closed conformation, TRANSCRIPTION' 
_struct_keywords.pdbx_keywords   TRANSCRIPTION 
# 
_struct_asym.id                            A 
_struct_asym.pdbx_blank_PDB_chainid_flag   N 
_struct_asym.pdbx_modified                 N 
_struct_asym.entity_id                     1 
_struct_asym.details                       ? 
# 
_struct_ref.id                         1 
_struct_ref.db_name                    UNP 
_struct_ref.db_code                    EP300_HUMAN 
_struct_ref.pdbx_db_accession          Q09472 
_struct_ref.pdbx_db_isoform            ? 
_struct_ref.entity_id                  1 
_struct_ref.pdbx_seq_one_letter_code   
;KKIFKPEELRQALMPTLEALYRQDPESLPFRQPVDPQLLGIPDYFDIVKSPMDLSTIKRKLDTGQYQEPWQYVDDIWLMF
NNAWLYNRKTSRVYKYCSKLSEVFEQEIDPVMQSLGYCCGRKLEFSPQTLCCYGKQLCTIPRDATYYSYQNRYHFCEKCF
NEIQGESVSLGDDPSQPQTTINKEQFSKRKNDTLDPELFVECTECGRKMHQICVLHHEIIWPAGFVCDGCLKKSARTRKE
NKFSAKRLPSTRLGTFLENRVNDFLRRQNHPESGEVTVRVVHASDKTVEVKPGMKARFVDSGEMAESFPYRTKALFAFEE
IDGVDLCFFGMHVQEYGSDCPPPNQRRVYISYLDSVHFFRPKCLRTAVYHEILIGYLEYVKKLGYTTGHIWACPPSEGDD
YIFHCHPPDQKIPKPKRLQEWYKKMLDKAVSERIVHDYKDIFKQATEDRLTSAKELPYFEGDFWPNVLEESIKELEQEEE
ERKREENTSNESTDVTKGDSKNAKKKNNKKTSKNKSSLSRGNKKKPGMPNVSNDLSQKLYATMEKHKEVFFVIRLIAGPA
ANSLPPIVDPDPLIPCDLMDGRDAFLTLARDKHLEFSSLRRAQWSTMCMLVELHTQSQD
;
_struct_ref.pdbx_align_begin           1046 
# 
_struct_ref_seq.align_id                      1 
_struct_ref_seq.ref_id                        1 
_struct_ref_seq.pdbx_PDB_id_code              6K4N 
_struct_ref_seq.pdbx_strand_id                A 
_struct_ref_seq.seq_align_beg                 1 
_struct_ref_seq.pdbx_seq_align_beg_ins_code   ? 
_struct_ref_seq.seq_align_end                 619 
_struct_ref_seq.pdbx_seq_align_end_ins_code   ? 
_struct_ref_seq.pdbx_db_accession             Q09472 
_struct_ref_seq.db_align_beg                  1046 
_struct_ref_seq.pdbx_db_align_beg_ins_code    ? 
_struct_ref_seq.db_align_end                  1664 
_struct_ref_seq.pdbx_db_align_end_ins_code    ? 
_struct_ref_seq.pdbx_auth_seq_align_beg       1046 
_struct_ref_seq.pdbx_auth_seq_align_end       1664 
# 
_pdbx_struct_assembly.id                   1 
_pdbx_struct_assembly.details              author_defined_assembly 
_pdbx_struct_assembly.method_details       ? 
_pdbx_struct_assembly.oligomeric_details   monomeric 
_pdbx_struct_assembly.oligomeric_count     1 
# 
_pdbx_struct_assembly_gen.assembly_id       1 
_pdbx_struct_assembly_gen.oper_expression   1 
_pdbx_struct_assembly_gen.asym_id_list      A 
# 
_pdbx_struct_assembly_auth_evidence.id                     1 
_pdbx_struct_assembly_auth_evidence.assembly_id            1 
_pdbx_struct_assembly_auth_evidence.experimental_support   none 
_pdbx_struct_assembly_auth_evidence.details                ? 
# 
_pdbx_struct_oper_list.id                   1 
_pdbx_struct_oper_list.type                 'identity operation' 
_pdbx_struct_oper_list.name                 1_555 
_pdbx_struct_oper_list.symmetry_operation   ? 
_pdbx_struct_oper_list.matrix[1][1]         1.0000000000 
_pdbx_struct_oper_list.matrix[1][2]         0.0000000000 
_pdbx_struct_oper_list.matrix[1][3]         0.0000000000 
_pdbx_struct_oper_list.vector[1]            0.0000000000 
_pdbx_struct_oper_list.matrix[2][1]         0.0000000000 
_pdbx_struct_oper_list.matrix[2][2]         1.0000000000 
_pdbx_struct_oper_list.matrix[2][3]         0.0000000000 
_pdbx_struct_oper_list.vector[2]            0.0000000000 
_pdbx_struct_oper_list.matrix[3][1]         0.0000000000 
_pdbx_struct_oper_list.matrix[3][2]         0.0000000000 
_pdbx_struct_oper_list.matrix[3][3]         1.0000000000 
_pdbx_struct_oper_list.vector[3]            0.0000000000 
# 
loop_
_pdbx_validate_close_contact.id 
_pdbx_validate_close_contact.PDB_model_num 
_pdbx_validate_close_contact.auth_atom_id_1 
_pdbx_validate_close_contact.auth_asym_id_1 
_pdbx_validate_close_contact.auth_comp_id_1 
_pdbx_validate_close_contact.auth_seq_id_1 
_pdbx_validate_close_contact.PDB_ins_code_1 
_pdbx_validate_close_contact.label_alt_id_1 
_pdbx_validate_close_contact.auth_atom_id_2 
_pdbx_validate_close_contact.auth_asym_id_2 
_pdbx_validate_close_contact.auth_comp_id_2 
_pdbx_validate_close_contact.auth_seq_id_2 
_pdbx_validate_close_contact.PDB_ins_code_2 
_pdbx_validate_close_contact.label_alt_id_2 
_pdbx_validate_close_contact.dist 
1 1 CA A HIS 1261 ? ? CA A GLY 1368 ? ? 1.40 
2 1 CA A SER 1136 ? ? CA A ARG 1234 ? ? 1.84 
3 1 CA A THR 1135 ? ? CA A TYR 1191 ? ? 1.85 
4 1 CA A GLN 1256 ? ? CA A ASP 1367 ? ? 2.10 
# 
_em_3d_fitting.entry_id          6K4N 
_em_3d_fitting.id                1 
_em_3d_fitting.details           ? 
_em_3d_fitting.overall_b_value   ? 
_em_3d_fitting.ref_protocol      ? 
_em_3d_fitting.ref_space         ? 
_em_3d_fitting.target_criteria   ? 
_em_3d_fitting.method            ? 
# 
_em_3d_fitting_list.3d_fitting_id                 1 
_em_3d_fitting_list.id                            1 
_em_3d_fitting_list.details                       ? 
_em_3d_fitting_list.pdb_chain_id                  ? 
_em_3d_fitting_list.pdb_chain_residue_range       ? 
_em_3d_fitting_list.pdb_entry_id                  4BHW 
_em_3d_fitting_list.initial_refinement_model_id   1 
_em_3d_fitting_list.chain_id                      ? 
_em_3d_fitting_list.chain_residue_range           ? 
_em_3d_fitting_list.source_name                   PDB 
_em_3d_fitting_list.type                          'experimental model' 
_em_3d_fitting_list.accession_code                4BHW 
# 
_em_3d_reconstruction.entry_id                    6K4N 
_em_3d_reconstruction.id                          1 
_em_3d_reconstruction.algorithm                   'BACK PROJECTION' 
_em_3d_reconstruction.details                     ? 
_em_3d_reconstruction.refinement_type             ? 
_em_3d_reconstruction.image_processing_id         1 
_em_3d_reconstruction.num_class_averages          ? 
_em_3d_reconstruction.num_particles               16152 
_em_3d_reconstruction.resolution                  9.800 
_em_3d_reconstruction.resolution_method           'FSC 0.143 CUT-OFF' 
_em_3d_reconstruction.symmetry_type               POINT 
_em_3d_reconstruction.method                      ? 
_em_3d_reconstruction.nominal_pixel_size          ? 
_em_3d_reconstruction.actual_pixel_size           ? 
_em_3d_reconstruction.magnification_calibration   ? 
# 
_em_buffer.id            1 
_em_buffer.details       ? 
_em_buffer.pH            8.00 
_em_buffer.specimen_id   1 
_em_buffer.name          ? 
# 
_em_entity_assembly.id                   1 
_em_entity_assembly.parent_id            0 
_em_entity_assembly.details              ? 
_em_entity_assembly.name                 'P300 PROTEIN' 
_em_entity_assembly.source               RECOMBINANT 
_em_entity_assembly.type                 'ORGANELLE OR CELLULAR COMPONENT' 
_em_entity_assembly.entity_id_list       1 
_em_entity_assembly.synonym              ? 
_em_entity_assembly.oligomeric_details   ? 
# 
_em_imaging.id                              1 
_em_imaging.entry_id                        6K4N 
_em_imaging.accelerating_voltage            300 
_em_imaging.alignment_procedure             ? 
_em_imaging.c2_aperture_diameter            ? 
_em_imaging.calibrated_defocus_max          ? 
_em_imaging.calibrated_defocus_min          ? 
_em_imaging.calibrated_magnification        78894 
_em_imaging.cryogen                         ? 
_em_imaging.details                         ? 
_em_imaging.electron_source                 'FIELD EMISSION GUN' 
_em_imaging.illumination_mode               'FLOOD BEAM' 
_em_imaging.microscope_model                'FEI POLARA 300' 
_em_imaging.mode                            'BRIGHT FIELD' 
_em_imaging.nominal_cs                      2.00 
_em_imaging.nominal_defocus_max             4500.00 
_em_imaging.nominal_defocus_min             1500.00 
_em_imaging.nominal_magnification           59000 
_em_imaging.recording_temperature_maximum   ? 
_em_imaging.recording_temperature_minimum   ? 
_em_imaging.residual_tilt                   ? 
_em_imaging.specimen_holder_model           ? 
_em_imaging.specimen_id                     1 
_em_imaging.citation_id                     ? 
_em_imaging.date                            ? 
_em_imaging.temperature                     ? 
_em_imaging.tilt_angle_min                  ? 
_em_imaging.tilt_angle_max                  ? 
_em_imaging.astigmatism                     ? 
_em_imaging.detector_distance               ? 
_em_imaging.electron_beam_tilt_params       ? 
_em_imaging.specimen_holder_type            ? 
# 
_em_vitrification.id                    1 
_em_vitrification.specimen_id           1 
_em_vitrification.chamber_temperature   ? 
_em_vitrification.cryogen_name          ETHANE 
_em_vitrification.details               ? 
_em_vitrification.humidity              ? 
_em_vitrification.instrument            ? 
_em_vitrification.entry_id              6K4N 
_em_vitrification.citation_id           ? 
_em_vitrification.method                ? 
_em_vitrification.temp                  ? 
_em_vitrification.time_resolved_state   ? 
# 
_em_experiment.entry_id                6K4N 
_em_experiment.id                      1 
_em_experiment.aggregation_state       PARTICLE 
_em_experiment.reconstruction_method   'SINGLE PARTICLE' 
_em_experiment.entity_assembly_id      1 
# 
loop_
_pdbx_unobs_or_zero_occ_residues.id 
_pdbx_unobs_or_zero_occ_residues.PDB_model_num 
_pdbx_unobs_or_zero_occ_residues.polymer_flag 
_pdbx_unobs_or_zero_occ_residues.occupancy_flag 
_pdbx_unobs_or_zero_occ_residues.auth_asym_id 
_pdbx_unobs_or_zero_occ_residues.auth_comp_id 
_pdbx_unobs_or_zero_occ_residues.auth_seq_id 
_pdbx_unobs_or_zero_occ_residues.PDB_ins_code 
_pdbx_unobs_or_zero_occ_residues.label_asym_id 
_pdbx_unobs_or_zero_occ_residues.label_comp_id 
_pdbx_unobs_or_zero_occ_residues.label_seq_id 
1  1 Y 1 A LEU 1520 ? A LEU 475 
2  1 Y 1 A GLU 1521 ? A GLU 476 
3  1 Y 1 A GLN 1522 ? A GLN 477 
4  1 Y 1 A GLU 1523 ? A GLU 478 
5  1 Y 1 A GLU 1524 ? A GLU 479 
6  1 Y 1 A GLU 1525 ? A GLU 480 
7  1 Y 1 A GLU 1526 ? A GLU 481 
8  1 Y 1 A ARG 1527 ? A ARG 482 
9  1 Y 1 A LYS 1528 ? A LYS 483 
10 1 Y 1 A ARG 1529 ? A ARG 484 
11 1 Y 1 A GLU 1530 ? A GLU 485 
12 1 Y 1 A GLU 1531 ? A GLU 486 
13 1 Y 1 A ASN 1532 ? A ASN 487 
14 1 Y 1 A THR 1533 ? A THR 488 
15 1 Y 1 A SER 1534 ? A SER 489 
16 1 Y 1 A ASN 1535 ? A ASN 490 
17 1 Y 1 A GLU 1536 ? A GLU 491 
18 1 Y 1 A SER 1537 ? A SER 492 
19 1 Y 1 A THR 1538 ? A THR 493 
20 1 Y 1 A ASP 1539 ? A ASP 494 
21 1 Y 1 A VAL 1540 ? A VAL 495 
22 1 Y 1 A THR 1541 ? A THR 496 
23 1 Y 1 A LYS 1542 ? A LYS 497 
24 1 Y 1 A GLY 1543 ? A GLY 498 
25 1 Y 1 A ASP 1544 ? A ASP 499 
26 1 Y 1 A SER 1545 ? A SER 500 
27 1 Y 1 A LYS 1546 ? A LYS 501 
28 1 Y 1 A ASN 1547 ? A ASN 502 
29 1 Y 1 A ALA 1548 ? A ALA 503 
30 1 Y 1 A LYS 1549 ? A LYS 504 
31 1 Y 1 A LYS 1550 ? A LYS 505 
32 1 Y 1 A LYS 1551 ? A LYS 506 
33 1 Y 1 A ASN 1552 ? A ASN 507 
34 1 Y 1 A ASN 1553 ? A ASN 508 
35 1 Y 1 A LYS 1554 ? A LYS 509 
36 1 Y 1 A LYS 1555 ? A LYS 510 
37 1 Y 1 A THR 1556 ? A THR 511 
38 1 Y 1 A SER 1557 ? A SER 512 
39 1 Y 1 A LYS 1558 ? A LYS 513 
40 1 Y 1 A ASN 1559 ? A ASN 514 
41 1 Y 1 A LYS 1560 ? A LYS 515 
42 1 Y 1 A SER 1561 ? A SER 516 
43 1 Y 1 A SER 1562 ? A SER 517 
44 1 Y 1 A LEU 1563 ? A LEU 518 
45 1 Y 1 A SER 1564 ? A SER 519 
46 1 Y 1 A ARG 1565 ? A ARG 520 
47 1 Y 1 A GLY 1566 ? A GLY 521 
48 1 Y 1 A ASN 1567 ? A ASN 522 
49 1 Y 1 A LYS 1568 ? A LYS 523 
50 1 Y 1 A LYS 1569 ? A LYS 524 
51 1 Y 1 A LYS 1570 ? A LYS 525 
52 1 Y 1 A PRO 1571 ? A PRO 526 
53 1 Y 1 A GLY 1572 ? A GLY 527 
54 1 Y 1 A MET 1573 ? A MET 528 
55 1 Y 1 A PRO 1574 ? A PRO 529 
56 1 Y 1 A ASN 1575 ? A ASN 530 
57 1 Y 1 A VAL 1576 ? A VAL 531 
58 1 Y 1 A SER 1577 ? A SER 532 
59 1 Y 1 A ASN 1578 ? A ASN 533 
60 1 Y 1 A ASP 1579 ? A ASP 534 
61 1 Y 1 A LEU 1580 ? A LEU 535 
62 1 Y 1 A SER 1581 ? A SER 536 
# 
loop_
_chem_comp_atom.comp_id 
_chem_comp_atom.atom_id 
_chem_comp_atom.type_symbol 
_chem_comp_atom.pdbx_aromatic_flag 
_chem_comp_atom.pdbx_stereo_config 
_chem_comp_atom.pdbx_ordinal 
ALA N    N N N 1   
ALA CA   C N S 2   
ALA C    C N N 3   
ALA O    O N N 4   
ALA CB   C N N 5   
ALA OXT  O N N 6   
ALA H    H N N 7   
ALA H2   H N N 8   
ALA HA   H N N 9   
ALA HB1  H N N 10  
ALA HB2  H N N 11  
ALA HB3  H N N 12  
ALA HXT  H N N 13  
ARG N    N N N 14  
ARG CA   C N S 15  
ARG C    C N N 16  
ARG O    O N N 17  
ARG CB   C N N 18  
ARG CG   C N N 19  
ARG CD   C N N 20  
ARG NE   N N N 21  
ARG CZ   C N N 22  
ARG NH1  N N N 23  
ARG NH2  N N N 24  
ARG OXT  O N N 25  
ARG H    H N N 26  
ARG H2   H N N 27  
ARG HA   H N N 28  
ARG HB2  H N N 29  
ARG HB3  H N N 30  
ARG HG2  H N N 31  
ARG HG3  H N N 32  
ARG HD2  H N N 33  
ARG HD3  H N N 34  
ARG HE   H N N 35  
ARG HH11 H N N 36  
ARG HH12 H N N 37  
ARG HH21 H N N 38  
ARG HH22 H N N 39  
ARG HXT  H N N 40  
ASN N    N N N 41  
ASN CA   C N S 42  
ASN C    C N N 43  
ASN O    O N N 44  
ASN CB   C N N 45  
ASN CG   C N N 46  
ASN OD1  O N N 47  
ASN ND2  N N N 48  
ASN OXT  O N N 49  
ASN H    H N N 50  
ASN H2   H N N 51  
ASN HA   H N N 52  
ASN HB2  H N N 53  
ASN HB3  H N N 54  
ASN HD21 H N N 55  
ASN HD22 H N N 56  
ASN HXT  H N N 57  
ASP N    N N N 58  
ASP CA   C N S 59  
ASP C    C N N 60  
ASP O    O N N 61  
ASP CB   C N N 62  
ASP CG   C N N 63  
ASP OD1  O N N 64  
ASP OD2  O N N 65  
ASP OXT  O N N 66  
ASP H    H N N 67  
ASP H2   H N N 68  
ASP HA   H N N 69  
ASP HB2  H N N 70  
ASP HB3  H N N 71  
ASP HD2  H N N 72  
ASP HXT  H N N 73  
CYS N    N N N 74  
CYS CA   C N R 75  
CYS C    C N N 76  
CYS O    O N N 77  
CYS CB   C N N 78  
CYS SG   S N N 79  
CYS OXT  O N N 80  
CYS H    H N N 81  
CYS H2   H N N 82  
CYS HA   H N N 83  
CYS HB2  H N N 84  
CYS HB3  H N N 85  
CYS HG   H N N 86  
CYS HXT  H N N 87  
GLN N    N N N 88  
GLN CA   C N S 89  
GLN C    C N N 90  
GLN O    O N N 91  
GLN CB   C N N 92  
GLN CG   C N N 93  
GLN CD   C N N 94  
GLN OE1  O N N 95  
GLN NE2  N N N 96  
GLN OXT  O N N 97  
GLN H    H N N 98  
GLN H2   H N N 99  
GLN HA   H N N 100 
GLN HB2  H N N 101 
GLN HB3  H N N 102 
GLN HG2  H N N 103 
GLN HG3  H N N 104 
GLN HE21 H N N 105 
GLN HE22 H N N 106 
GLN HXT  H N N 107 
GLU N    N N N 108 
GLU CA   C N S 109 
GLU C    C N N 110 
GLU O    O N N 111 
GLU CB   C N N 112 
GLU CG   C N N 113 
GLU CD   C N N 114 
GLU OE1  O N N 115 
GLU OE2  O N N 116 
GLU OXT  O N N 117 
GLU H    H N N 118 
GLU H2   H N N 119 
GLU HA   H N N 120 
GLU HB2  H N N 121 
GLU HB3  H N N 122 
GLU HG2  H N N 123 
GLU HG3  H N N 124 
GLU HE2  H N N 125 
GLU HXT  H N N 126 
GLY N    N N N 127 
GLY CA   C N N 128 
GLY C    C N N 129 
GLY O    O N N 130 
GLY OXT  O N N 131 
GLY H    H N N 132 
GLY H2   H N N 133 
GLY HA2  H N N 134 
GLY HA3  H N N 135 
GLY HXT  H N N 136 
HIS N    N N N 137 
HIS CA   C N S 138 
HIS C    C N N 139 
HIS O    O N N 140 
HIS CB   C N N 141 
HIS CG   C Y N 142 
HIS ND1  N Y N 143 
HIS CD2  C Y N 144 
HIS CE1  C Y N 145 
HIS NE2  N Y N 146 
HIS OXT  O N N 147 
HIS H    H N N 148 
HIS H2   H N N 149 
HIS HA   H N N 150 
HIS HB2  H N N 151 
HIS HB3  H N N 152 
HIS HD1  H N N 153 
HIS HD2  H N N 154 
HIS HE1  H N N 155 
HIS HE2  H N N 156 
HIS HXT  H N N 157 
ILE N    N N N 158 
ILE CA   C N S 159 
ILE C    C N N 160 
ILE O    O N N 161 
ILE CB   C N S 162 
ILE CG1  C N N 163 
ILE CG2  C N N 164 
ILE CD1  C N N 165 
ILE OXT  O N N 166 
ILE H    H N N 167 
ILE H2   H N N 168 
ILE HA   H N N 169 
ILE HB   H N N 170 
ILE HG12 H N N 171 
ILE HG13 H N N 172 
ILE HG21 H N N 173 
ILE HG22 H N N 174 
ILE HG23 H N N 175 
ILE HD11 H N N 176 
ILE HD12 H N N 177 
ILE HD13 H N N 178 
ILE HXT  H N N 179 
LEU N    N N N 180 
LEU CA   C N S 181 
LEU C    C N N 182 
LEU O    O N N 183 
LEU CB   C N N 184 
LEU CG   C N N 185 
LEU CD1  C N N 186 
LEU CD2  C N N 187 
LEU OXT  O N N 188 
LEU H    H N N 189 
LEU H2   H N N 190 
LEU HA   H N N 191 
LEU HB2  H N N 192 
LEU HB3  H N N 193 
LEU HG   H N N 194 
LEU HD11 H N N 195 
LEU HD12 H N N 196 
LEU HD13 H N N 197 
LEU HD21 H N N 198 
LEU HD22 H N N 199 
LEU HD23 H N N 200 
LEU HXT  H N N 201 
LYS N    N N N 202 
LYS CA   C N S 203 
LYS C    C N N 204 
LYS O    O N N 205 
LYS CB   C N N 206 
LYS CG   C N N 207 
LYS CD   C N N 208 
LYS CE   C N N 209 
LYS NZ   N N N 210 
LYS OXT  O N N 211 
LYS H    H N N 212 
LYS H2   H N N 213 
LYS HA   H N N 214 
LYS HB2  H N N 215 
LYS HB3  H N N 216 
LYS HG2  H N N 217 
LYS HG3  H N N 218 
LYS HD2  H N N 219 
LYS HD3  H N N 220 
LYS HE2  H N N 221 
LYS HE3  H N N 222 
LYS HZ1  H N N 223 
LYS HZ2  H N N 224 
LYS HZ3  H N N 225 
LYS HXT  H N N 226 
MET N    N N N 227 
MET CA   C N S 228 
MET C    C N N 229 
MET O    O N N 230 
MET CB   C N N 231 
MET CG   C N N 232 
MET SD   S N N 233 
MET CE   C N N 234 
MET OXT  O N N 235 
MET H    H N N 236 
MET H2   H N N 237 
MET HA   H N N 238 
MET HB2  H N N 239 
MET HB3  H N N 240 
MET HG2  H N N 241 
MET HG3  H N N 242 
MET HE1  H N N 243 
MET HE2  H N N 244 
MET HE3  H N N 245 
MET HXT  H N N 246 
PHE N    N N N 247 
PHE CA   C N S 248 
PHE C    C N N 249 
PHE O    O N N 250 
PHE CB   C N N 251 
PHE CG   C Y N 252 
PHE CD1  C Y N 253 
PHE CD2  C Y N 254 
PHE CE1  C Y N 255 
PHE CE2  C Y N 256 
PHE CZ   C Y N 257 
PHE OXT  O N N 258 
PHE H    H N N 259 
PHE H2   H N N 260 
PHE HA   H N N 261 
PHE HB2  H N N 262 
PHE HB3  H N N 263 
PHE HD1  H N N 264 
PHE HD2  H N N 265 
PHE HE1  H N N 266 
PHE HE2  H N N 267 
PHE HZ   H N N 268 
PHE HXT  H N N 269 
PRO N    N N N 270 
PRO CA   C N S 271 
PRO C    C N N 272 
PRO O    O N N 273 
PRO CB   C N N 274 
PRO CG   C N N 275 
PRO CD   C N N 276 
PRO OXT  O N N 277 
PRO H    H N N 278 
PRO HA   H N N 279 
PRO HB2  H N N 280 
PRO HB3  H N N 281 
PRO HG2  H N N 282 
PRO HG3  H N N 283 
PRO HD2  H N N 284 
PRO HD3  H N N 285 
PRO HXT  H N N 286 
SER N    N N N 287 
SER CA   C N S 288 
SER C    C N N 289 
SER O    O N N 290 
SER CB   C N N 291 
SER OG   O N N 292 
SER OXT  O N N 293 
SER H    H N N 294 
SER H2   H N N 295 
SER HA   H N N 296 
SER HB2  H N N 297 
SER HB3  H N N 298 
SER HG   H N N 299 
SER HXT  H N N 300 
THR N    N N N 301 
THR CA   C N S 302 
THR C    C N N 303 
THR O    O N N 304 
THR CB   C N R 305 
THR OG1  O N N 306 
THR CG2  C N N 307 
THR OXT  O N N 308 
THR H    H N N 309 
THR H2   H N N 310 
THR HA   H N N 311 
THR HB   H N N 312 
THR HG1  H N N 313 
THR HG21 H N N 314 
THR HG22 H N N 315 
THR HG23 H N N 316 
THR HXT  H N N 317 
TRP N    N N N 318 
TRP CA   C N S 319 
TRP C    C N N 320 
TRP O    O N N 321 
TRP CB   C N N 322 
TRP CG   C Y N 323 
TRP CD1  C Y N 324 
TRP CD2  C Y N 325 
TRP NE1  N Y N 326 
TRP CE2  C Y N 327 
TRP CE3  C Y N 328 
TRP CZ2  C Y N 329 
TRP CZ3  C Y N 330 
TRP CH2  C Y N 331 
TRP OXT  O N N 332 
TRP H    H N N 333 
TRP H2   H N N 334 
TRP HA   H N N 335 
TRP HB2  H N N 336 
TRP HB3  H N N 337 
TRP HD1  H N N 338 
TRP HE1  H N N 339 
TRP HE3  H N N 340 
TRP HZ2  H N N 341 
TRP HZ3  H N N 342 
TRP HH2  H N N 343 
TRP HXT  H N N 344 
TYR N    N N N 345 
TYR CA   C N S 346 
TYR C    C N N 347 
TYR O    O N N 348 
TYR CB   C N N 349 
TYR CG   C Y N 350 
TYR CD1  C Y N 351 
TYR CD2  C Y N 352 
TYR CE1  C Y N 353 
TYR CE2  C Y N 354 
TYR CZ   C Y N 355 
TYR OH   O N N 356 
TYR OXT  O N N 357 
TYR H    H N N 358 
TYR H2   H N N 359 
TYR HA   H N N 360 
TYR HB2  H N N 361 
TYR HB3  H N N 362 
TYR HD1  H N N 363 
TYR HD2  H N N 364 
TYR HE1  H N N 365 
TYR HE2  H N N 366 
TYR HH   H N N 367 
TYR HXT  H N N 368 
VAL N    N N N 369 
VAL CA   C N S 370 
VAL C    C N N 371 
VAL O    O N N 372 
VAL CB   C N N 373 
VAL CG1  C N N 374 
VAL CG2  C N N 375 
VAL OXT  O N N 376 
VAL H    H N N 377 
VAL H2   H N N 378 
VAL HA   H N N 379 
VAL HB   H N N 380 
VAL HG11 H N N 381 
VAL HG12 H N N 382 
VAL HG13 H N N 383 
VAL HG21 H N N 384 
VAL HG22 H N N 385 
VAL HG23 H N N 386 
VAL HXT  H N N 387 
# 
loop_
_chem_comp_bond.comp_id 
_chem_comp_bond.atom_id_1 
_chem_comp_bond.atom_id_2 
_chem_comp_bond.value_order 
_chem_comp_bond.pdbx_aromatic_flag 
_chem_comp_bond.pdbx_stereo_config 
_chem_comp_bond.pdbx_ordinal 
ALA N   CA   sing N N 1   
ALA N   H    sing N N 2   
ALA N   H2   sing N N 3   
ALA CA  C    sing N N 4   
ALA CA  CB   sing N N 5   
ALA CA  HA   sing N N 6   
ALA C   O    doub N N 7   
ALA C   OXT  sing N N 8   
ALA CB  HB1  sing N N 9   
ALA CB  HB2  sing N N 10  
ALA CB  HB3  sing N N 11  
ALA OXT HXT  sing N N 12  
ARG N   CA   sing N N 13  
ARG N   H    sing N N 14  
ARG N   H2   sing N N 15  
ARG CA  C    sing N N 16  
ARG CA  CB   sing N N 17  
ARG CA  HA   sing N N 18  
ARG C   O    doub N N 19  
ARG C   OXT  sing N N 20  
ARG CB  CG   sing N N 21  
ARG CB  HB2  sing N N 22  
ARG CB  HB3  sing N N 23  
ARG CG  CD   sing N N 24  
ARG CG  HG2  sing N N 25  
ARG CG  HG3  sing N N 26  
ARG CD  NE   sing N N 27  
ARG CD  HD2  sing N N 28  
ARG CD  HD3  sing N N 29  
ARG NE  CZ   sing N N 30  
ARG NE  HE   sing N N 31  
ARG CZ  NH1  sing N N 32  
ARG CZ  NH2  doub N N 33  
ARG NH1 HH11 sing N N 34  
ARG NH1 HH12 sing N N 35  
ARG NH2 HH21 sing N N 36  
ARG NH2 HH22 sing N N 37  
ARG OXT HXT  sing N N 38  
ASN N   CA   sing N N 39  
ASN N   H    sing N N 40  
ASN N   H2   sing N N 41  
ASN CA  C    sing N N 42  
ASN CA  CB   sing N N 43  
ASN CA  HA   sing N N 44  
ASN C   O    doub N N 45  
ASN C   OXT  sing N N 46  
ASN CB  CG   sing N N 47  
ASN CB  HB2  sing N N 48  
ASN CB  HB3  sing N N 49  
ASN CG  OD1  doub N N 50  
ASN CG  ND2  sing N N 51  
ASN ND2 HD21 sing N N 52  
ASN ND2 HD22 sing N N 53  
ASN OXT HXT  sing N N 54  
ASP N   CA   sing N N 55  
ASP N   H    sing N N 56  
ASP N   H2   sing N N 57  
ASP CA  C    sing N N 58  
ASP CA  CB   sing N N 59  
ASP CA  HA   sing N N 60  
ASP C   O    doub N N 61  
ASP C   OXT  sing N N 62  
ASP CB  CG   sing N N 63  
ASP CB  HB2  sing N N 64  
ASP CB  HB3  sing N N 65  
ASP CG  OD1  doub N N 66  
ASP CG  OD2  sing N N 67  
ASP OD2 HD2  sing N N 68  
ASP OXT HXT  sing N N 69  
CYS N   CA   sing N N 70  
CYS N   H    sing N N 71  
CYS N   H2   sing N N 72  
CYS CA  C    sing N N 73  
CYS CA  CB   sing N N 74  
CYS CA  HA   sing N N 75  
CYS C   O    doub N N 76  
CYS C   OXT  sing N N 77  
CYS CB  SG   sing N N 78  
CYS CB  HB2  sing N N 79  
CYS CB  HB3  sing N N 80  
CYS SG  HG   sing N N 81  
CYS OXT HXT  sing N N 82  
GLN N   CA   sing N N 83  
GLN N   H    sing N N 84  
GLN N   H2   sing N N 85  
GLN CA  C    sing N N 86  
GLN CA  CB   sing N N 87  
GLN CA  HA   sing N N 88  
GLN C   O    doub N N 89  
GLN C   OXT  sing N N 90  
GLN CB  CG   sing N N 91  
GLN CB  HB2  sing N N 92  
GLN CB  HB3  sing N N 93  
GLN CG  CD   sing N N 94  
GLN CG  HG2  sing N N 95  
GLN CG  HG3  sing N N 96  
GLN CD  OE1  doub N N 97  
GLN CD  NE2  sing N N 98  
GLN NE2 HE21 sing N N 99  
GLN NE2 HE22 sing N N 100 
GLN OXT HXT  sing N N 101 
GLU N   CA   sing N N 102 
GLU N   H    sing N N 103 
GLU N   H2   sing N N 104 
GLU CA  C    sing N N 105 
GLU CA  CB   sing N N 106 
GLU CA  HA   sing N N 107 
GLU C   O    doub N N 108 
GLU C   OXT  sing N N 109 
GLU CB  CG   sing N N 110 
GLU CB  HB2  sing N N 111 
GLU CB  HB3  sing N N 112 
GLU CG  CD   sing N N 113 
GLU CG  HG2  sing N N 114 
GLU CG  HG3  sing N N 115 
GLU CD  OE1  doub N N 116 
GLU CD  OE2  sing N N 117 
GLU OE2 HE2  sing N N 118 
GLU OXT HXT  sing N N 119 
GLY N   CA   sing N N 120 
GLY N   H    sing N N 121 
GLY N   H2   sing N N 122 
GLY CA  C    sing N N 123 
GLY CA  HA2  sing N N 124 
GLY CA  HA3  sing N N 125 
GLY C   O    doub N N 126 
GLY C   OXT  sing N N 127 
GLY OXT HXT  sing N N 128 
HIS N   CA   sing N N 129 
HIS N   H    sing N N 130 
HIS N   H2   sing N N 131 
HIS CA  C    sing N N 132 
HIS CA  CB   sing N N 133 
HIS CA  HA   sing N N 134 
HIS C   O    doub N N 135 
HIS C   OXT  sing N N 136 
HIS CB  CG   sing N N 137 
HIS CB  HB2  sing N N 138 
HIS CB  HB3  sing N N 139 
HIS CG  ND1  sing Y N 140 
HIS CG  CD2  doub Y N 141 
HIS ND1 CE1  doub Y N 142 
HIS ND1 HD1  sing N N 143 
HIS CD2 NE2  sing Y N 144 
HIS CD2 HD2  sing N N 145 
HIS CE1 NE2  sing Y N 146 
HIS CE1 HE1  sing N N 147 
HIS NE2 HE2  sing N N 148 
HIS OXT HXT  sing N N 149 
ILE N   CA   sing N N 150 
ILE N   H    sing N N 151 
ILE N   H2   sing N N 152 
ILE CA  C    sing N N 153 
ILE CA  CB   sing N N 154 
ILE CA  HA   sing N N 155 
ILE C   O    doub N N 156 
ILE C   OXT  sing N N 157 
ILE CB  CG1  sing N N 158 
ILE CB  CG2  sing N N 159 
ILE CB  HB   sing N N 160 
ILE CG1 CD1  sing N N 161 
ILE CG1 HG12 sing N N 162 
ILE CG1 HG13 sing N N 163 
ILE CG2 HG21 sing N N 164 
ILE CG2 HG22 sing N N 165 
ILE CG2 HG23 sing N N 166 
ILE CD1 HD11 sing N N 167 
ILE CD1 HD12 sing N N 168 
ILE CD1 HD13 sing N N 169 
ILE OXT HXT  sing N N 170 
LEU N   CA   sing N N 171 
LEU N   H    sing N N 172 
LEU N   H2   sing N N 173 
LEU CA  C    sing N N 174 
LEU CA  CB   sing N N 175 
LEU CA  HA   sing N N 176 
LEU C   O    doub N N 177 
LEU C   OXT  sing N N 178 
LEU CB  CG   sing N N 179 
LEU CB  HB2  sing N N 180 
LEU CB  HB3  sing N N 181 
LEU CG  CD1  sing N N 182 
LEU CG  CD2  sing N N 183 
LEU CG  HG   sing N N 184 
LEU CD1 HD11 sing N N 185 
LEU CD1 HD12 sing N N 186 
LEU CD1 HD13 sing N N 187 
LEU CD2 HD21 sing N N 188 
LEU CD2 HD22 sing N N 189 
LEU CD2 HD23 sing N N 190 
LEU OXT HXT  sing N N 191 
LYS N   CA   sing N N 192 
LYS N   H    sing N N 193 
LYS N   H2   sing N N 194 
LYS CA  C    sing N N 195 
LYS CA  CB   sing N N 196 
LYS CA  HA   sing N N 197 
LYS C   O    doub N N 198 
LYS C   OXT  sing N N 199 
LYS CB  CG   sing N N 200 
LYS CB  HB2  sing N N 201 
LYS CB  HB3  sing N N 202 
LYS CG  CD   sing N N 203 
LYS CG  HG2  sing N N 204 
LYS CG  HG3  sing N N 205 
LYS CD  CE   sing N N 206 
LYS CD  HD2  sing N N 207 
LYS CD  HD3  sing N N 208 
LYS CE  NZ   sing N N 209 
LYS CE  HE2  sing N N 210 
LYS CE  HE3  sing N N 211 
LYS NZ  HZ1  sing N N 212 
LYS NZ  HZ2  sing N N 213 
LYS NZ  HZ3  sing N N 214 
LYS OXT HXT  sing N N 215 
MET N   CA   sing N N 216 
MET N   H    sing N N 217 
MET N   H2   sing N N 218 
MET CA  C    sing N N 219 
MET CA  CB   sing N N 220 
MET CA  HA   sing N N 221 
MET C   O    doub N N 222 
MET C   OXT  sing N N 223 
MET CB  CG   sing N N 224 
MET CB  HB2  sing N N 225 
MET CB  HB3  sing N N 226 
MET CG  SD   sing N N 227 
MET CG  HG2  sing N N 228 
MET CG  HG3  sing N N 229 
MET SD  CE   sing N N 230 
MET CE  HE1  sing N N 231 
MET CE  HE2  sing N N 232 
MET CE  HE3  sing N N 233 
MET OXT HXT  sing N N 234 
PHE N   CA   sing N N 235 
PHE N   H    sing N N 236 
PHE N   H2   sing N N 237 
PHE CA  C    sing N N 238 
PHE CA  CB   sing N N 239 
PHE CA  HA   sing N N 240 
PHE C   O    doub N N 241 
PHE C   OXT  sing N N 242 
PHE CB  CG   sing N N 243 
PHE CB  HB2  sing N N 244 
PHE CB  HB3  sing N N 245 
PHE CG  CD1  doub Y N 246 
PHE CG  CD2  sing Y N 247 
PHE CD1 CE1  sing Y N 248 
PHE CD1 HD1  sing N N 249 
PHE CD2 CE2  doub Y N 250 
PHE CD2 HD2  sing N N 251 
PHE CE1 CZ   doub Y N 252 
PHE CE1 HE1  sing N N 253 
PHE CE2 CZ   sing Y N 254 
PHE CE2 HE2  sing N N 255 
PHE CZ  HZ   sing N N 256 
PHE OXT HXT  sing N N 257 
PRO N   CA   sing N N 258 
PRO N   CD   sing N N 259 
PRO N   H    sing N N 260 
PRO CA  C    sing N N 261 
PRO CA  CB   sing N N 262 
PRO CA  HA   sing N N 263 
PRO C   O    doub N N 264 
PRO C   OXT  sing N N 265 
PRO CB  CG   sing N N 266 
PRO CB  HB2  sing N N 267 
PRO CB  HB3  sing N N 268 
PRO CG  CD   sing N N 269 
PRO CG  HG2  sing N N 270 
PRO CG  HG3  sing N N 271 
PRO CD  HD2  sing N N 272 
PRO CD  HD3  sing N N 273 
PRO OXT HXT  sing N N 274 
SER N   CA   sing N N 275 
SER N   H    sing N N 276 
SER N   H2   sing N N 277 
SER CA  C    sing N N 278 
SER CA  CB   sing N N 279 
SER CA  HA   sing N N 280 
SER C   O    doub N N 281 
SER C   OXT  sing N N 282 
SER CB  OG   sing N N 283 
SER CB  HB2  sing N N 284 
SER CB  HB3  sing N N 285 
SER OG  HG   sing N N 286 
SER OXT HXT  sing N N 287 
THR N   CA   sing N N 288 
THR N   H    sing N N 289 
THR N   H2   sing N N 290 
THR CA  C    sing N N 291 
THR CA  CB   sing N N 292 
THR CA  HA   sing N N 293 
THR C   O    doub N N 294 
THR C   OXT  sing N N 295 
THR CB  OG1  sing N N 296 
THR CB  CG2  sing N N 297 
THR CB  HB   sing N N 298 
THR OG1 HG1  sing N N 299 
THR CG2 HG21 sing N N 300 
THR CG2 HG22 sing N N 301 
THR CG2 HG23 sing N N 302 
THR OXT HXT  sing N N 303 
TRP N   CA   sing N N 304 
TRP N   H    sing N N 305 
TRP N   H2   sing N N 306 
TRP CA  C    sing N N 307 
TRP CA  CB   sing N N 308 
TRP CA  HA   sing N N 309 
TRP C   O    doub N N 310 
TRP C   OXT  sing N N 311 
TRP CB  CG   sing N N 312 
TRP CB  HB2  sing N N 313 
TRP CB  HB3  sing N N 314 
TRP CG  CD1  doub Y N 315 
TRP CG  CD2  sing Y N 316 
TRP CD1 NE1  sing Y N 317 
TRP CD1 HD1  sing N N 318 
TRP CD2 CE2  doub Y N 319 
TRP CD2 CE3  sing Y N 320 
TRP NE1 CE2  sing Y N 321 
TRP NE1 HE1  sing N N 322 
TRP CE2 CZ2  sing Y N 323 
TRP CE3 CZ3  doub Y N 324 
TRP CE3 HE3  sing N N 325 
TRP CZ2 CH2  doub Y N 326 
TRP CZ2 HZ2  sing N N 327 
TRP CZ3 CH2  sing Y N 328 
TRP CZ3 HZ3  sing N N 329 
TRP CH2 HH2  sing N N 330 
TRP OXT HXT  sing N N 331 
TYR N   CA   sing N N 332 
TYR N   H    sing N N 333 
TYR N   H2   sing N N 334 
TYR CA  C    sing N N 335 
TYR CA  CB   sing N N 336 
TYR CA  HA   sing N N 337 
TYR C   O    doub N N 338 
TYR C   OXT  sing N N 339 
TYR CB  CG   sing N N 340 
TYR CB  HB2  sing N N 341 
TYR CB  HB3  sing N N 342 
TYR CG  CD1  doub Y N 343 
TYR CG  CD2  sing Y N 344 
TYR CD1 CE1  sing Y N 345 
TYR CD1 HD1  sing N N 346 
TYR CD2 CE2  doub Y N 347 
TYR CD2 HD2  sing N N 348 
TYR CE1 CZ   doub Y N 349 
TYR CE1 HE1  sing N N 350 
TYR CE2 CZ   sing Y N 351 
TYR CE2 HE2  sing N N 352 
TYR CZ  OH   sing N N 353 
TYR OH  HH   sing N N 354 
TYR OXT HXT  sing N N 355 
VAL N   CA   sing N N 356 
VAL N   H    sing N N 357 
VAL N   H2   sing N N 358 
VAL CA  C    sing N N 359 
VAL CA  CB   sing N N 360 
VAL CA  HA   sing N N 361 
VAL C   O    doub N N 362 
VAL C   OXT  sing N N 363 
VAL CB  CG1  sing N N 364 
VAL CB  CG2  sing N N 365 
VAL CB  HB   sing N N 366 
VAL CG1 HG11 sing N N 367 
VAL CG1 HG12 sing N N 368 
VAL CG1 HG13 sing N N 369 
VAL CG2 HG21 sing N N 370 
VAL CG2 HG22 sing N N 371 
VAL CG2 HG23 sing N N 372 
VAL OXT HXT  sing N N 373 
# 
_em_ctf_correction.id                       1 
_em_ctf_correction.em_image_processing_id   1 
_em_ctf_correction.type                     'PHASE FLIPPING AND AMPLITUDE CORRECTION' 
_em_ctf_correction.details                  ? 
# 
_em_entity_assembly_naturalsource.id                   2 
_em_entity_assembly_naturalsource.entity_assembly_id   1 
_em_entity_assembly_naturalsource.cell                 ? 
_em_entity_assembly_naturalsource.cellular_location    ? 
_em_entity_assembly_naturalsource.ncbi_tax_id          9606 
_em_entity_assembly_naturalsource.organ                ? 
_em_entity_assembly_naturalsource.organelle            ? 
_em_entity_assembly_naturalsource.organism             'Homo sapiens' 
_em_entity_assembly_naturalsource.strain               ? 
_em_entity_assembly_naturalsource.tissue               ? 
# 
_em_entity_assembly_recombinant.id                   2 
_em_entity_assembly_recombinant.entity_assembly_id   1 
_em_entity_assembly_recombinant.cell                 ? 
_em_entity_assembly_recombinant.ncbi_tax_id          7108 
_em_entity_assembly_recombinant.organism             'Spodoptera frugiperda' 
_em_entity_assembly_recombinant.plasmid              ? 
_em_entity_assembly_recombinant.strain               ? 
# 
_em_image_processing.id                   1 
_em_image_processing.image_recording_id   1 
_em_image_processing.details              ? 
# 
_em_image_recording.id                            1 
_em_image_recording.imaging_id                    1 
_em_image_recording.avg_electron_dose_per_image   15.00 
_em_image_recording.average_exposure_time         ? 
_em_image_recording.details                       ? 
_em_image_recording.detector_mode                 ? 
_em_image_recording.film_or_detector_model        'FEI EAGLE (4k x 4k)' 
_em_image_recording.num_diffraction_images        ? 
_em_image_recording.num_grids_imaged              ? 
_em_image_recording.num_real_images               ? 
# 
loop_
_em_software.id 
_em_software.category 
_em_software.details 
_em_software.name 
_em_software.version 
_em_software.image_processing_id 
_em_software.fitting_id 
_em_software.imaging_id 
1  'PARTICLE SELECTION'       ? ?              ?    1 ? ? 
2  'IMAGE ACQUISITION'        ? ?              ?    1 1 1 
3  MASKING                    ? ?              ?    1 1 1 
4  'CTF CORRECTION'           ? EMAN2          2.12 1 ? ? 
5  'LAYERLINE INDEXING'       ? ?              ?    1 1 1 
6  'DIFFRACTION INDEXING'     ? ?              ?    1 1 1 
7  'MODEL FITTING'            ? 'UCSF Chimera' 1.11 1 1 ? 
8  OTHER                      ? ?              ?    1 1 1 
9  'INITIAL EULER ASSIGNMENT' ? EMAN2          2.2  1 ? ? 
10 'FINAL EULER ASSIGNMENT'   ? SPIDER         ?    1 ? ? 
11 CLASSIFICATION             ? SPIDER         ?    1 ? ? 
12 RECONSTRUCTION             ? SPIDER         ?    1 ? ? 
13 'MODEL REFINEMENT'         ? ?              ?    1 1 ? 
# 
_em_specimen.id                      1 
_em_specimen.experiment_id           1 
_em_specimen.concentration           ? 
_em_specimen.details                 ? 
_em_specimen.embedding_applied       NO 
_em_specimen.shadowing_applied       NO 
_em_specimen.staining_applied        NO 
_em_specimen.vitrification_applied   YES 
# 
_pdbx_coordinate_model.asym_id   A 
_pdbx_coordinate_model.type      'CA ATOMS ONLY' 
# 
_pdbx_initial_refinement_model.id               1 
_pdbx_initial_refinement_model.type             'experimental model' 
_pdbx_initial_refinement_model.source_name      PDB 
_pdbx_initial_refinement_model.accession_code   4BHW 
# 
_atom_sites.entry_id                    6K4N 
_atom_sites.fract_transf_matrix[1][1]   1.000000 
_atom_sites.fract_transf_matrix[1][2]   0.000000 
_atom_sites.fract_transf_matrix[1][3]   0.000000 
_atom_sites.fract_transf_matrix[2][1]   0.000000 
_atom_sites.fract_transf_matrix[2][2]   1.000000 
_atom_sites.fract_transf_matrix[2][3]   0.000000 
_atom_sites.fract_transf_matrix[3][1]   0.000000 
_atom_sites.fract_transf_matrix[3][2]   0.000000 
_atom_sites.fract_transf_matrix[3][3]   1.000000 
_atom_sites.fract_transf_vector[1]      0.00000 
_atom_sites.fract_transf_vector[2]      0.00000 
_atom_sites.fract_transf_vector[3]      0.00000 
# 
_atom_type.symbol   C 
# 
loop_
_atom_site.group_PDB 
_atom_site.id 
_atom_site.type_symbol 
_atom_site.label_atom_id 
_atom_site.label_alt_id 
_atom_site.label_comp_id 
_atom_site.label_asym_id 
_atom_site.label_entity_id 
_atom_site.label_seq_id 
_atom_site.pdbx_PDB_ins_code 
_atom_site.Cartn_x 
_atom_site.Cartn_y 
_atom_site.Cartn_z 
_atom_site.occupancy 
_atom_site.B_iso_or_equiv 
_atom_site.pdbx_formal_charge 
_atom_site.auth_seq_id 
_atom_site.auth_comp_id 
_atom_site.auth_asym_id 
_atom_site.auth_atom_id 
_atom_site.pdbx_PDB_model_num 
ATOM 1   C CA . LYS A 1 1   ? -17.799 13.265  -33.188 1.00 136.66 ? 1046 LYS A CA 1 
ATOM 2   C CA . LYS A 1 2   ? -14.045 12.580  -33.502 1.00 133.21 ? 1047 LYS A CA 1 
ATOM 3   C CA . ILE A 1 3   ? -13.165 10.371  -36.494 1.00 144.35 ? 1048 ILE A CA 1 
ATOM 4   C CA . PHE A 1 4   ? -9.978  8.264   -36.496 1.00 136.39 ? 1049 PHE A CA 1 
ATOM 5   C CA . LYS A 1 5   ? -8.463  7.563   -39.916 1.00 151.02 ? 1050 LYS A CA 1 
ATOM 6   C CA . PRO A 1 6   ? -6.953  4.030   -40.195 1.00 151.17 ? 1051 PRO A CA 1 
ATOM 7   C CA . GLU A 1 7   ? -3.720  5.630   -41.470 1.00 149.12 ? 1052 GLU A CA 1 
ATOM 8   C CA . GLU A 1 8   ? -3.350  8.116   -38.586 1.00 130.60 ? 1053 GLU A CA 1 
ATOM 9   C CA . LEU A 1 9   ? -3.544  5.097   -36.249 1.00 121.69 ? 1054 LEU A CA 1 
ATOM 10  C CA . ARG A 1 10  ? -0.916  2.874   -37.866 1.00 123.54 ? 1055 ARG A CA 1 
ATOM 11  C CA . GLN A 1 11  ? 1.184   6.048   -37.994 1.00 120.21 ? 1056 GLN A CA 1 
ATOM 12  C CA . ALA A 1 12  ? 1.025   6.091   -34.197 1.00 107.10 ? 1057 ALA A CA 1 
ATOM 13  C CA . LEU A 1 13  ? 0.444   2.467   -33.194 1.00 97.81  ? 1058 LEU A CA 1 
ATOM 14  C CA . MET A 1 14  ? 2.756   0.432   -35.478 1.00 105.79 ? 1059 MET A CA 1 
ATOM 15  C CA . PRO A 1 15  ? 5.998   1.568   -33.747 1.00 105.46 ? 1060 PRO A CA 1 
ATOM 16  C CA . THR A 1 16  ? 4.911   -0.202  -30.544 1.00 93.24  ? 1061 THR A CA 1 
ATOM 17  C CA . LEU A 1 17  ? 3.980   -3.278  -32.519 1.00 93.89  ? 1062 LEU A CA 1 
ATOM 18  C CA . GLU A 1 18  ? 7.394   -3.356  -34.131 1.00 116.73 ? 1063 GLU A CA 1 
ATOM 19  C CA . ALA A 1 19  ? 9.027   -2.899  -30.740 1.00 104.92 ? 1064 ALA A CA 1 
ATOM 20  C CA . LEU A 1 20  ? 7.443   -6.239  -29.854 1.00 106.18 ? 1065 LEU A CA 1 
ATOM 21  C CA . TYR A 1 21  ? 8.810   -7.871  -33.020 1.00 122.79 ? 1066 TYR A CA 1 
ATOM 22  C CA . ARG A 1 22  ? 12.328  -6.588  -32.278 1.00 122.09 ? 1067 ARG A CA 1 
ATOM 23  C CA . GLN A 1 23  ? 12.708  -8.745  -29.146 1.00 124.28 ? 1068 GLN A CA 1 
ATOM 24  C CA . ASP A 1 24  ? 14.880  -11.780 -30.021 1.00 142.43 ? 1069 ASP A CA 1 
ATOM 25  C CA . PRO A 1 25  ? 14.147  -14.511 -29.139 1.00 144.01 ? 1070 PRO A CA 1 
ATOM 26  C CA . GLU A 1 26  ? 11.208  -13.495 -26.955 1.00 124.52 ? 1071 GLU A CA 1 
ATOM 27  C CA . SER A 1 27  ? 8.593   -12.742 -29.618 1.00 110.48 ? 1072 SER A CA 1 
ATOM 28  C CA . LEU A 1 28  ? 8.883   -16.043 -31.574 1.00 114.53 ? 1073 LEU A CA 1 
ATOM 29  C CA . PRO A 1 29  ? 5.827   -17.893 -30.216 1.00 118.81 ? 1074 PRO A CA 1 
ATOM 30  C CA . PHE A 1 30  ? 3.753   -14.787 -31.090 1.00 117.89 ? 1075 PHE A CA 1 
ATOM 31  C CA . ARG A 1 31  ? 4.974   -13.708 -34.544 1.00 127.44 ? 1076 ARG A CA 1 
ATOM 32  C CA . GLN A 1 32  ? 2.439   -15.868 -36.407 1.00 132.54 ? 1077 GLN A CA 1 
ATOM 33  C CA . PRO A 1 33  ? -0.861  -17.627 -35.410 1.00 121.26 ? 1078 PRO A CA 1 
ATOM 34  C CA . VAL A 1 34  ? -0.532  -20.428 -32.862 1.00 127.08 ? 1079 VAL A CA 1 
ATOM 35  C CA . ASP A 1 35  ? -1.059  -23.737 -34.686 1.00 152.41 ? 1080 ASP A CA 1 
ATOM 36  C CA . PRO A 1 36  ? -2.029  -26.504 -32.192 1.00 161.71 ? 1081 PRO A CA 1 
ATOM 37  C CA . GLN A 1 37  ? -1.290  -29.355 -34.631 1.00 167.18 ? 1082 GLN A CA 1 
ATOM 38  C CA . LEU A 1 38  ? 2.248   -28.124 -35.477 1.00 167.55 ? 1083 LEU A CA 1 
ATOM 39  C CA . LEU A 1 39  ? 3.145   -28.287 -31.754 1.00 166.05 ? 1084 LEU A CA 1 
ATOM 40  C CA . GLY A 1 40  ? 1.035   -31.308 -30.762 1.00 187.01 ? 1085 GLY A CA 1 
ATOM 41  C CA . ILE A 1 41  ? -1.477  -29.930 -28.248 1.00 170.75 ? 1086 ILE A CA 1 
ATOM 42  C CA . PRO A 1 42  ? -5.214  -30.669 -28.861 1.00 176.24 ? 1087 PRO A CA 1 
ATOM 43  C CA . ASP A 1 43  ? -6.021  -29.007 -25.521 1.00 170.93 ? 1088 ASP A CA 1 
ATOM 44  C CA . TYR A 1 44  ? -5.306  -25.522 -26.905 1.00 157.34 ? 1089 TYR A CA 1 
ATOM 45  C CA . PHE A 1 45  ? -8.384  -24.323 -28.785 1.00 157.66 ? 1090 PHE A CA 1 
ATOM 46  C CA . ASP A 1 46  ? -10.528 -25.648 -25.884 1.00 145.36 ? 1091 ASP A CA 1 
ATOM 47  C CA . ILE A 1 47  ? -8.685  -23.460 -23.358 1.00 135.64 ? 1092 ILE A CA 1 
ATOM 48  C CA . VAL A 1 48  ? -8.213  -20.386 -25.565 1.00 130.51 ? 1093 VAL A CA 1 
ATOM 49  C CA . LYS A 1 49  ? -11.634 -19.502 -26.995 1.00 142.81 ? 1094 LYS A CA 1 
ATOM 50  C CA . SER A 1 50  ? -10.454 -16.516 -29.061 1.00 132.49 ? 1095 SER A CA 1 
ATOM 51  C CA . PRO A 1 51  ? -6.680  -16.433 -29.745 1.00 121.72 ? 1096 PRO A CA 1 
ATOM 52  C CA . MET A 1 52  ? -4.198  -13.774 -30.897 1.00 112.13 ? 1097 MET A CA 1 
ATOM 53  C CA . ASP A 1 53  ? -0.739  -13.399 -32.389 1.00 111.97 ? 1098 ASP A CA 1 
ATOM 54  C CA . LEU A 1 54  ? 1.452   -10.624 -33.806 1.00 114.01 ? 1099 LEU A CA 1 
ATOM 55  C CA . SER A 1 55  ? 0.522   -10.878 -37.509 1.00 123.58 ? 1100 SER A CA 1 
ATOM 56  C CA . THR A 1 56  ? -3.232  -10.958 -36.870 1.00 120.21 ? 1101 THR A CA 1 
ATOM 57  C CA . ILE A 1 57  ? -2.838  -7.677  -34.993 1.00 108.63 ? 1102 ILE A CA 1 
ATOM 58  C CA . LYS A 1 58  ? -0.625  -6.269  -37.768 1.00 115.79 ? 1103 LYS A CA 1 
ATOM 59  C CA . ARG A 1 59  ? -3.057  -7.232  -40.532 1.00 128.75 ? 1104 ARG A CA 1 
ATOM 60  C CA . LYS A 1 60  ? -5.886  -5.434  -38.722 1.00 120.56 ? 1105 LYS A CA 1 
ATOM 61  C CA . LEU A 1 61  ? -3.664  -2.387  -38.299 1.00 122.56 ? 1106 LEU A CA 1 
ATOM 62  C CA . ASP A 1 62  ? -2.644  -2.409  -41.989 1.00 137.65 ? 1107 ASP A CA 1 
ATOM 63  C CA . THR A 1 63  ? -6.095  -3.050  -43.444 1.00 138.71 ? 1108 THR A CA 1 
ATOM 64  C CA . GLY A 1 64  ? -7.810  -0.618  -41.059 1.00 125.61 ? 1109 GLY A CA 1 
ATOM 65  C CA . GLN A 1 65  ? -9.945  -2.788  -38.754 1.00 118.11 ? 1110 GLN A CA 1 
ATOM 66  C CA . TYR A 1 66  ? -9.338  -0.621  -35.676 1.00 107.47 ? 1111 TYR A CA 1 
ATOM 67  C CA . GLN A 1 67  ? -12.016 2.034   -35.152 1.00 119.12 ? 1112 GLN A CA 1 
ATOM 68  C CA . GLU A 1 68  ? -10.362 3.417   -31.990 1.00 108.03 ? 1113 GLU A CA 1 
ATOM 69  C CA . PRO A 1 69  ? -6.959  2.868   -30.232 1.00 93.43  ? 1114 PRO A CA 1 
ATOM 70  C CA . TRP A 1 70  ? -8.277  0.733   -27.346 1.00 85.53  ? 1115 TRP A CA 1 
ATOM 71  C CA . GLN A 1 71  ? -9.243  -2.057  -29.728 1.00 94.07  ? 1116 GLN A CA 1 
ATOM 72  C CA . TYR A 1 72  ? -5.545  -2.383  -30.589 1.00 97.22  ? 1117 TYR A CA 1 
ATOM 73  C CA . VAL A 1 73  ? -4.565  -2.356  -26.914 1.00 86.88  ? 1118 VAL A CA 1 
ATOM 74  C CA . ASP A 1 74  ? -7.307  -4.911  -26.194 1.00 96.26  ? 1119 ASP A CA 1 
ATOM 75  C CA . ASP A 1 75  ? -5.995  -7.379  -28.791 1.00 93.54  ? 1120 ASP A CA 1 
ATOM 76  C CA . ILE A 1 76  ? -2.435  -6.863  -27.550 1.00 88.35  ? 1121 ILE A CA 1 
ATOM 77  C CA . TRP A 1 77  ? -3.558  -7.908  -24.089 1.00 82.77  ? 1122 TRP A CA 1 
ATOM 78  C CA . LEU A 1 78  ? -5.734  -10.727 -25.435 1.00 87.17  ? 1123 LEU A CA 1 
ATOM 79  C CA . MET A 1 79  ? -2.577  -12.205 -26.945 1.00 102.58 ? 1124 MET A CA 1 
ATOM 80  C CA . PHE A 1 80  ? -0.650  -11.902 -23.681 1.00 96.05  ? 1125 PHE A CA 1 
ATOM 81  C CA . ASN A 1 81  ? -3.571  -13.302 -21.659 1.00 105.39 ? 1126 ASN A CA 1 
ATOM 82  C CA . ASN A 1 82  ? -4.094  -16.485 -23.697 1.00 111.55 ? 1127 ASN A CA 1 
ATOM 83  C CA . ALA A 1 83  ? -0.353  -17.045 -23.388 1.00 117.57 ? 1128 ALA A CA 1 
ATOM 84  C CA . TRP A 1 84  ? -0.446  -16.819 -19.586 1.00 116.68 ? 1129 TRP A CA 1 
ATOM 85  C CA . LEU A 1 85  ? -3.580  -19.002 -19.318 1.00 124.86 ? 1130 LEU A CA 1 
ATOM 86  C CA . TYR A 1 86  ? -1.782  -21.964 -20.954 1.00 138.85 ? 1131 TYR A CA 1 
ATOM 87  C CA . ASN A 1 87  ? 1.819   -22.058 -19.721 1.00 134.06 ? 1132 ASN A CA 1 
ATOM 88  C CA . ARG A 1 88  ? 2.903   -21.934 -16.072 1.00 145.13 ? 1133 ARG A CA 1 
ATOM 89  C CA . LYS A 1 89  ? 4.995   -19.379 -14.158 1.00 143.95 ? 1134 LYS A CA 1 
ATOM 90  C CA . THR A 1 90  ? 7.819   -21.846 -14.779 1.00 159.57 ? 1135 THR A CA 1 
ATOM 91  C CA . SER A 1 91  ? 8.009   -22.422 -18.549 1.00 155.07 ? 1136 SER A CA 1 
ATOM 92  C CA . ARG A 1 92  ? 9.718   -20.478 -21.345 1.00 147.11 ? 1137 ARG A CA 1 
ATOM 93  C CA . VAL A 1 93  ? 6.696   -19.106 -23.226 1.00 136.05 ? 1138 VAL A CA 1 
ATOM 94  C CA . TYR A 1 94  ? 5.475   -17.498 -20.004 1.00 132.91 ? 1139 TYR A CA 1 
ATOM 95  C CA . LYS A 1 95  ? 8.817   -15.788 -19.396 1.00 140.12 ? 1140 LYS A CA 1 
ATOM 96  C CA . TYR A 1 96  ? 8.743   -14.543 -22.997 1.00 139.35 ? 1141 TYR A CA 1 
ATOM 97  C CA . CYS A 1 97  ? 5.164   -13.249 -22.798 1.00 121.57 ? 1142 CYS A CA 1 
ATOM 98  C CA . SER A 1 98  ? 6.171   -11.449 -19.609 1.00 108.05 ? 1143 SER A CA 1 
ATOM 99  C CA . LYS A 1 99  ? 8.966   -9.730  -21.495 1.00 100.63 ? 1144 LYS A CA 1 
ATOM 100 C CA . LEU A 1 100 ? 6.756   -8.543  -24.339 1.00 96.86  ? 1145 LEU A CA 1 
ATOM 101 C CA . SER A 1 101 ? 4.100   -7.132  -22.027 1.00 98.51  ? 1146 SER A CA 1 
ATOM 102 C CA . GLU A 1 102 ? 6.887   -5.574  -19.973 1.00 100.82 ? 1147 GLU A CA 1 
ATOM 103 C CA . VAL A 1 103 ? 8.237   -3.958  -23.161 1.00 88.20  ? 1148 VAL A CA 1 
ATOM 104 C CA . PHE A 1 104 ? 4.705   -3.029  -24.263 1.00 82.79  ? 1149 PHE A CA 1 
ATOM 105 C CA . GLU A 1 105 ? 3.848   -1.393  -20.959 1.00 93.07  ? 1150 GLU A CA 1 
ATOM 106 C CA . GLN A 1 106 ? 6.797   0.888   -21.760 1.00 99.59  ? 1151 GLN A CA 1 
ATOM 107 C CA . GLU A 1 107 ? 5.962   2.027   -25.278 1.00 98.72  ? 1152 GLU A CA 1 
ATOM 108 C CA . ILE A 1 108 ? 2.194   2.255   -25.246 1.00 87.19  ? 1153 ILE A CA 1 
ATOM 109 C CA . ASP A 1 109 ? 1.739   5.028   -22.700 1.00 80.62  ? 1154 ASP A CA 1 
ATOM 110 C CA . PRO A 1 110 ? 3.354   7.943   -24.565 1.00 83.62  ? 1155 PRO A CA 1 
ATOM 111 C CA . VAL A 1 111 ? 1.757   6.813   -27.851 1.00 85.10  ? 1156 VAL A CA 1 
ATOM 112 C CA . MET A 1 112 ? -1.714  6.623   -26.374 1.00 81.86  ? 1157 MET A CA 1 
ATOM 113 C CA . GLN A 1 113 ? -1.164  10.046  -24.840 1.00 79.26  ? 1158 GLN A CA 1 
ATOM 114 C CA . SER A 1 114 ? -0.171  11.275  -28.324 1.00 94.41  ? 1159 SER A CA 1 
ATOM 115 C CA . LEU A 1 115 ? -3.636  10.269  -29.482 1.00 88.02  ? 1160 LEU A CA 1 
ATOM 116 C CA . GLY A 1 116 ? -5.134  12.404  -26.689 1.00 88.08  ? 1161 GLY A CA 1 
ATOM 117 C CA . TYR A 1 117 ? -5.878  9.697   -24.126 1.00 67.44  ? 1162 TYR A CA 1 
ATOM 118 C CA . CYS A 1 118 ? -5.165  9.424   -20.382 1.00 61.43  ? 1163 CYS A CA 1 
ATOM 119 C CA . CYS A 1 119 ? -2.905  6.381   -20.590 1.00 66.16  ? 1164 CYS A CA 1 
ATOM 120 C CA . GLY A 1 120 ? -2.472  3.063   -22.390 1.00 75.90  ? 1165 GLY A CA 1 
ATOM 121 C CA . ARG A 1 121 ? -2.588  0.556   -19.563 1.00 68.10  ? 1166 ARG A CA 1 
ATOM 122 C CA . LYS A 1 122 ? -5.126  -2.240  -19.284 1.00 64.58  ? 1167 LYS A CA 1 
ATOM 123 C CA . LEU A 1 123 ? -6.470  -1.655  -15.787 1.00 66.42  ? 1168 LEU A CA 1 
ATOM 124 C CA . GLU A 1 124 ? 3.238   -2.194  -17.074 1.00 65.92  ? 1169 GLU A CA 1 
ATOM 125 C CA . PHE A 1 125 ? 3.809   -4.547  -14.140 1.00 65.79  ? 1170 PHE A CA 1 
ATOM 126 C CA . SER A 1 126 ? 7.114   -6.436  -14.381 1.00 82.05  ? 1171 SER A CA 1 
ATOM 127 C CA . PRO A 1 127 ? 6.632   -10.147 -13.729 1.00 84.13  ? 1172 PRO A CA 1 
ATOM 128 C CA . GLN A 1 128 ? 6.853   -10.924 -10.010 1.00 88.55  ? 1173 GLN A CA 1 
ATOM 129 C CA . THR A 1 129 ? 9.143   -13.518 -8.515  1.00 91.07  ? 1174 THR A CA 1 
ATOM 130 C CA . LEU A 1 130 ? 7.360   -16.810 -7.728  1.00 88.37  ? 1175 LEU A CA 1 
ATOM 131 C CA . CYS A 1 131 ? 7.801   -19.540 -5.114  1.00 100.88 ? 1176 CYS A CA 1 
ATOM 132 C CA . CYS A 1 132 ? 9.613   -22.620 -6.383  1.00 121.11 ? 1177 CYS A CA 1 
ATOM 133 C CA . TYR A 1 133 ? 7.811   -25.544 -4.762  1.00 136.64 ? 1178 TYR A CA 1 
ATOM 134 C CA . GLY A 1 134 ? 10.697  -28.022 -4.625  1.00 157.93 ? 1179 GLY A CA 1 
ATOM 135 C CA . LYS A 1 135 ? 13.471  -26.747 -2.355  1.00 150.53 ? 1180 LYS A CA 1 
ATOM 136 C CA . GLN A 1 136 ? 11.409  -24.366 -0.140  1.00 150.52 ? 1181 GLN A CA 1 
ATOM 137 C CA . LEU A 1 137 ? 14.127  -21.700 -0.573  1.00 147.51 ? 1182 LEU A CA 1 
ATOM 138 C CA . CYS A 1 138 ? 14.028  -22.004 -4.360  1.00 133.92 ? 1183 CYS A CA 1 
ATOM 139 C CA . THR A 1 139 ? 12.901  -18.830 -6.165  1.00 122.11 ? 1184 THR A CA 1 
ATOM 140 C CA . ILE A 1 140 ? 11.773  -18.019 -9.704  1.00 99.14  ? 1185 ILE A CA 1 
ATOM 141 C CA . PRO A 1 141 ? 13.174  -14.762 -11.112 1.00 97.00  ? 1186 PRO A CA 1 
ATOM 142 C CA . ARG A 1 142 ? 11.783  -12.706 -13.972 1.00 86.19  ? 1187 ARG A CA 1 
ATOM 143 C CA . ASP A 1 143 ? 12.280  -14.335 -17.424 1.00 79.30  ? 1188 ASP A CA 1 
ATOM 144 C CA . ALA A 1 144 ? 13.324  -17.743 -16.034 1.00 85.75  ? 1189 ALA A CA 1 
ATOM 145 C CA . THR A 1 145 ? 11.877  -21.062 -17.293 1.00 87.72  ? 1190 THR A CA 1 
ATOM 146 C CA . TYR A 1 146 ? 9.384   -22.813 -14.991 1.00 77.00  ? 1191 TYR A CA 1 
ATOM 147 C CA . TYR A 1 147 ? 6.663   -25.460 -14.889 1.00 86.54  ? 1192 TYR A CA 1 
ATOM 148 C CA . SER A 1 148 ? 3.124   -24.829 -13.622 1.00 78.77  ? 1193 SER A CA 1 
ATOM 149 C CA . TYR A 1 149 ? -0.052  -26.839 -13.040 1.00 67.34  ? 1194 TYR A CA 1 
ATOM 150 C CA . GLN A 1 150 ? -3.386  -25.022 -12.703 1.00 57.85  ? 1195 GLN A CA 1 
ATOM 151 C CA . ASN A 1 151 ? -1.348  -21.842 -12.092 1.00 65.20  ? 1196 ASN A CA 1 
ATOM 152 C CA . ARG A 1 152 ? -0.870  -22.858 -8.398  1.00 80.44  ? 1197 ARG A CA 1 
ATOM 153 C CA . TYR A 1 153 ? 2.142   -25.128 -8.285  1.00 82.59  ? 1198 TYR A CA 1 
ATOM 154 C CA . HIS A 1 154 ? 5.258   -23.821 -10.095 1.00 84.69  ? 1199 HIS A CA 1 
ATOM 155 C CA . PHE A 1 155 ? 8.697   -25.487 -10.379 1.00 97.02  ? 1200 PHE A CA 1 
ATOM 156 C CA . CYS A 1 156 ? 12.171  -24.133 -11.297 1.00 110.74 ? 1201 CYS A CA 1 
ATOM 157 C CA . GLU A 1 157 ? 13.531  -26.013 -14.343 1.00 110.79 ? 1202 GLU A CA 1 
ATOM 158 C CA . LYS A 1 158 ? 16.441  -27.247 -12.217 1.00 125.06 ? 1203 LYS A CA 1 
ATOM 159 C CA . CYS A 1 159 ? 14.189  -28.423 -9.368  1.00 121.58 ? 1204 CYS A CA 1 
ATOM 160 C CA . PHE A 1 160 ? 11.843  -30.022 -11.894 1.00 118.07 ? 1205 PHE A CA 1 
ATOM 161 C CA . ASN A 1 161 ? 14.407  -32.389 -13.338 1.00 132.09 ? 1206 ASN A CA 1 
ATOM 162 C CA . GLU A 1 162 ? 15.529  -33.188 -9.793  1.00 145.82 ? 1207 GLU A CA 1 
ATOM 163 C CA . ILE A 1 163 ? 12.214  -35.064 -9.516  1.00 149.84 ? 1208 ILE A CA 1 
ATOM 164 C CA . GLN A 1 164 ? 11.976  -38.858 -9.737  1.00 160.93 ? 1209 GLN A CA 1 
ATOM 165 C CA . GLY A 1 165 ? 10.787  -40.019 -13.156 1.00 155.03 ? 1210 GLY A CA 1 
ATOM 166 C CA . GLU A 1 166 ? 7.411   -38.647 -14.298 1.00 135.16 ? 1211 GLU A CA 1 
ATOM 167 C CA . SER A 1 167 ? 5.267   -38.687 -11.145 1.00 127.79 ? 1212 SER A CA 1 
ATOM 168 C CA . VAL A 1 168 ? 5.019   -35.579 -8.938  1.00 124.52 ? 1213 VAL A CA 1 
ATOM 169 C CA . SER A 1 169 ? 3.716   -35.402 -5.361  1.00 134.58 ? 1214 SER A CA 1 
ATOM 170 C CA . LEU A 1 170 ? 1.619   -32.262 -5.121  1.00 126.84 ? 1215 LEU A CA 1 
ATOM 171 C CA . GLY A 1 171 ? -1.011  -30.352 -3.172  1.00 133.07 ? 1216 GLY A CA 1 
ATOM 172 C CA . ASP A 1 172 ? 0.328   -31.337 0.229   1.00 154.80 ? 1217 ASP A CA 1 
ATOM 173 C CA . ASP A 1 173 ? -0.539  -27.705 1.037   1.00 150.68 ? 1218 ASP A CA 1 
ATOM 174 C CA . PRO A 1 174 ? -3.959  -27.928 2.743   1.00 173.03 ? 1219 PRO A CA 1 
ATOM 175 C CA . SER A 1 175 ? -4.628  -30.846 5.142   1.00 171.31 ? 1220 SER A CA 1 
ATOM 176 C CA . GLN A 1 176 ? -4.298  -34.542 4.165   1.00 160.23 ? 1221 GLN A CA 1 
ATOM 177 C CA . PRO A 1 177 ? -4.705  -34.784 0.295   1.00 175.80 ? 1222 PRO A CA 1 
ATOM 178 C CA . GLN A 1 178 ? -1.674  -36.173 -1.596  1.00 154.24 ? 1223 GLN A CA 1 
ATOM 179 C CA . THR A 1 179 ? -2.956  -35.747 -5.181  1.00 122.30 ? 1224 THR A CA 1 
ATOM 180 C CA . THR A 1 180 ? -0.329  -37.175 -7.542  1.00 116.09 ? 1225 THR A CA 1 
ATOM 181 C CA . ILE A 1 181 ? 0.206   -35.383 -10.839 1.00 111.69 ? 1226 ILE A CA 1 
ATOM 182 C CA . ASN A 1 182 ? 2.149   -36.574 -13.901 1.00 123.67 ? 1227 ASN A CA 1 
ATOM 183 C CA . LYS A 1 183 ? 4.991   -34.545 -15.472 1.00 121.70 ? 1228 LYS A CA 1 
ATOM 184 C CA . GLU A 1 184 ? 3.116   -34.624 -18.805 1.00 115.08 ? 1229 GLU A CA 1 
ATOM 185 C CA . GLN A 1 185 ? 0.318   -32.476 -17.345 1.00 104.24 ? 1230 GLN A CA 1 
ATOM 186 C CA . PHE A 1 186 ? 2.470   -29.382 -16.615 1.00 89.17  ? 1231 PHE A CA 1 
ATOM 187 C CA . SER A 1 187 ? 2.982   -26.216 -18.647 1.00 81.22  ? 1232 SER A CA 1 
ATOM 188 C CA . LYS A 1 188 ? 6.520   -25.250 -19.678 1.00 78.08  ? 1233 LYS A CA 1 
ATOM 189 C CA . ARG A 1 189 ? 6.569   -21.452 -19.164 1.00 78.50  ? 1234 ARG A CA 1 
ATOM 190 C CA . LYS A 1 190 ? 8.778   -18.383 -19.112 1.00 72.68  ? 1235 LYS A CA 1 
ATOM 191 C CA . ASN A 1 191 ? 8.112   -16.001 -16.217 1.00 71.76  ? 1236 ASN A CA 1 
ATOM 192 C CA . ASP A 1 192 ? 7.790   -13.128 -18.722 1.00 72.14  ? 1237 ASP A CA 1 
ATOM 193 C CA . THR A 1 193 ? 4.137   -11.959 -18.749 1.00 57.01  ? 1238 THR A CA 1 
ATOM 194 C CA . LEU A 1 194 ? 3.690   -8.177  -18.704 1.00 59.29  ? 1239 LEU A CA 1 
ATOM 195 C CA . ASP A 1 195 ? 0.282   -6.948  -17.414 1.00 51.94  ? 1240 ASP A CA 1 
ATOM 196 C CA . PRO A 1 196 ? -0.489  -3.314  -18.428 1.00 49.17  ? 1241 PRO A CA 1 
ATOM 197 C CA . GLU A 1 197 ? -1.489  -0.805  -15.725 1.00 49.46  ? 1242 GLU A CA 1 
ATOM 198 C CA . LEU A 1 198 ? -0.395  6.183   -17.012 1.00 48.36  ? 1243 LEU A CA 1 
ATOM 199 C CA . PHE A 1 199 ? 1.155   9.270   -18.536 1.00 63.86  ? 1244 PHE A CA 1 
ATOM 200 C CA . VAL A 1 200 ? -0.112  12.859  -18.524 1.00 56.35  ? 1245 VAL A CA 1 
ATOM 201 C CA . GLU A 1 201 ? 0.880   15.337  -21.240 1.00 70.97  ? 1246 GLU A CA 1 
ATOM 202 C CA . CYS A 1 202 ? 2.242   18.809  -20.501 1.00 76.40  ? 1247 CYS A CA 1 
ATOM 203 C CA . THR A 1 203 ? -0.172  21.376  -21.950 1.00 84.62  ? 1248 THR A CA 1 
ATOM 204 C CA . GLU A 1 204 ? 2.814   23.652  -22.817 1.00 96.43  ? 1249 GLU A CA 1 
ATOM 205 C CA . CYS A 1 205 ? 5.643   21.155  -23.481 1.00 90.84  ? 1250 CYS A CA 1 
ATOM 206 C CA . GLY A 1 206 ? 3.920   18.177  -25.092 1.00 88.39  ? 1251 GLY A CA 1 
ATOM 207 C CA . ARG A 1 207 ? 6.035   15.725  -23.081 1.00 80.93  ? 1252 ARG A CA 1 
ATOM 208 C CA . LYS A 1 208 ? 4.527   12.451  -21.859 1.00 78.30  ? 1253 LYS A CA 1 
ATOM 209 C CA . MET A 1 209 ? 5.328   12.216  -18.136 1.00 55.45  ? 1254 MET A CA 1 
ATOM 210 C CA . HIS A 1 210 ? 4.474   9.573   -15.520 1.00 57.91  ? 1255 HIS A CA 1 
ATOM 211 C CA . GLN A 1 211 ? 1.352   10.679  -13.652 1.00 60.62  ? 1256 GLN A CA 1 
ATOM 212 C CA . ILE A 1 212 ? 2.765   9.333   -10.382 1.00 46.61  ? 1257 ILE A CA 1 
ATOM 213 C CA . CYS A 1 213 ? 6.140   11.029  -10.910 1.00 55.39  ? 1258 CYS A CA 1 
ATOM 214 C CA . VAL A 1 214 ? 4.806   14.533  -11.473 1.00 53.24  ? 1259 VAL A CA 1 
ATOM 215 C CA . LEU A 1 215 ? 1.914   14.067  -8.985  1.00 54.71  ? 1260 LEU A CA 1 
ATOM 216 C CA . HIS A 1 216 ? -0.779  15.635  -11.169 1.00 58.99  ? 1261 HIS A CA 1 
ATOM 217 C CA . HIS A 1 217 ? -4.390  15.132  -10.150 1.00 55.56  ? 1262 HIS A CA 1 
ATOM 218 C CA . GLU A 1 218 ? -7.209  16.390  -12.402 1.00 70.80  ? 1263 GLU A CA 1 
ATOM 219 C CA . ILE A 1 219 ? -9.224  17.603  -9.373  1.00 64.43  ? 1264 ILE A CA 1 
ATOM 220 C CA . ILE A 1 220 ? -6.477  19.648  -7.715  1.00 58.44  ? 1265 ILE A CA 1 
ATOM 221 C CA . TRP A 1 221 ? -5.357  21.328  -10.934 1.00 55.10  ? 1266 TRP A CA 1 
ATOM 222 C CA . PRO A 1 222 ? -8.274  21.207  -13.416 1.00 68.92  ? 1267 PRO A CA 1 
ATOM 223 C CA . ALA A 1 223 ? -6.549  23.727  -15.697 1.00 78.31  ? 1268 ALA A CA 1 
ATOM 224 C CA . GLY A 1 224 ? -4.360  20.869  -16.902 1.00 79.23  ? 1269 GLY A CA 1 
ATOM 225 C CA . PHE A 1 225 ? -0.834  19.679  -16.160 1.00 76.22  ? 1270 PHE A CA 1 
ATOM 226 C CA . VAL A 1 226 ? 2.093   22.064  -16.594 1.00 76.16  ? 1271 VAL A CA 1 
ATOM 227 C CA . CYS A 1 227 ? 5.513   20.516  -15.952 1.00 80.79  ? 1272 CYS A CA 1 
ATOM 228 C CA . ASP A 1 228 ? 8.059   22.137  -13.653 1.00 85.84  ? 1273 ASP A CA 1 
ATOM 229 C CA . GLY A 1 229 ? 10.348  22.949  -16.587 1.00 85.04  ? 1274 GLY A CA 1 
ATOM 230 C CA . CYS A 1 230 ? 7.717   25.153  -18.224 1.00 88.82  ? 1275 CYS A CA 1 
ATOM 231 C CA . LEU A 1 231 ? 6.664   26.600  -14.890 1.00 91.55  ? 1276 LEU A CA 1 
ATOM 232 C CA . LYS A 1 232 ? 10.239  27.627  -14.029 1.00 108.77 ? 1277 LYS A CA 1 
ATOM 233 C CA . LYS A 1 233 ? 10.765  29.230  -17.437 1.00 119.16 ? 1278 LYS A CA 1 
ATOM 234 C CA . SER A 1 234 ? 7.921   31.649  -16.621 1.00 123.08 ? 1279 SER A CA 1 
ATOM 235 C CA . ALA A 1 235 ? 9.038   32.195  -13.000 1.00 116.13 ? 1280 ALA A CA 1 
ATOM 236 C CA . ARG A 1 236 ? 5.789   30.701  -11.679 1.00 107.03 ? 1281 ARG A CA 1 
ATOM 237 C CA . THR A 1 237 ? 4.487   27.667  -9.780  1.00 92.05  ? 1282 THR A CA 1 
ATOM 238 C CA . ARG A 1 238 ? 1.429   25.432  -9.383  1.00 78.95  ? 1283 ARG A CA 1 
ATOM 239 C CA . LYS A 1 239 ? -1.636  26.591  -7.476  1.00 82.25  ? 1284 LYS A CA 1 
ATOM 240 C CA . GLU A 1 240 ? -1.627  25.574  -3.809  1.00 81.40  ? 1285 GLU A CA 1 
ATOM 241 C CA . ASN A 1 241 ? -12.850 15.836  -9.731  1.00 66.07  ? 1286 ASN A CA 1 
ATOM 242 C CA . LYS A 1 242 ? -14.595 17.534  -6.837  1.00 66.65  ? 1287 LYS A CA 1 
ATOM 243 C CA . PHE A 1 243 ? -14.054 14.419  -4.674  1.00 59.32  ? 1288 PHE A CA 1 
ATOM 244 C CA . SER A 1 244 ? -10.345 15.046  -4.050  1.00 44.13  ? 1289 SER A CA 1 
ATOM 245 C CA . ALA A 1 245 ? -8.096  14.513  -1.038  1.00 44.22  ? 1290 ALA A CA 1 
ATOM 246 C CA . LYS A 1 246 ? -7.476  18.250  -0.945  1.00 48.37  ? 1291 LYS A CA 1 
ATOM 247 C CA . ARG A 1 247 ? -11.226 18.990  -0.732  1.00 47.41  ? 1292 ARG A CA 1 
ATOM 248 C CA . LEU A 1 248 ? -11.738 16.753  2.277   1.00 52.87  ? 1293 LEU A CA 1 
ATOM 249 C CA . PRO A 1 249 ? -12.641 19.021  5.211   1.00 46.05  ? 1294 PRO A CA 1 
ATOM 250 C CA . SER A 1 250 ? -9.768  20.645  7.058   1.00 49.67  ? 1295 SER A CA 1 
ATOM 251 C CA . THR A 1 251 ? -9.011  20.284  10.744  1.00 46.91  ? 1296 THR A CA 1 
ATOM 252 C CA . ARG A 1 252 ? -6.366  21.866  12.918  1.00 44.61  ? 1297 ARG A CA 1 
ATOM 253 C CA . LEU A 1 253 ? -4.660  18.513  13.444  1.00 41.83  ? 1298 LEU A CA 1 
ATOM 254 C CA . GLY A 1 254 ? -4.449  17.934  9.682   1.00 49.35  ? 1299 GLY A CA 1 
ATOM 255 C CA . THR A 1 255 ? -3.303  21.452  8.946   1.00 40.77  ? 1300 THR A CA 1 
ATOM 256 C CA . PHE A 1 256 ? -0.592  21.167  11.585  1.00 38.52  ? 1301 PHE A CA 1 
ATOM 257 C CA . LEU A 1 257 ? 0.690   17.842  10.223  1.00 36.79  ? 1302 LEU A CA 1 
ATOM 258 C CA . GLU A 1 258 ? 0.641   18.826  6.501   1.00 43.66  ? 1303 GLU A CA 1 
ATOM 259 C CA . ASN A 1 259 ? 2.335   22.184  7.248   1.00 45.50  ? 1304 ASN A CA 1 
ATOM 260 C CA . ARG A 1 260 ? 5.121   20.291  8.960   1.00 41.24  ? 1305 ARG A CA 1 
ATOM 261 C CA . VAL A 1 261 ? 5.593   17.793  6.150   1.00 42.70  ? 1306 VAL A CA 1 
ATOM 262 C CA . ASN A 1 262 ? 5.393   20.444  3.458   1.00 44.52  ? 1307 ASN A CA 1 
ATOM 263 C CA . ASP A 1 263 ? 7.728   22.845  5.219   1.00 51.49  ? 1308 ASP A CA 1 
ATOM 264 C CA . PHE A 1 264 ? 10.106  19.884  5.567   1.00 44.30  ? 1309 PHE A CA 1 
ATOM 265 C CA . LEU A 1 265 ? 9.843   19.125  1.895   1.00 45.35  ? 1310 LEU A CA 1 
ATOM 266 C CA . ARG A 1 266 ? 10.571  22.746  0.992   1.00 60.66  ? 1311 ARG A CA 1 
ATOM 267 C CA . ARG A 1 267 ? 13.774  22.926  3.071   1.00 52.40  ? 1312 ARG A CA 1 
ATOM 268 C CA . GLN A 1 268 ? 14.968  19.772  1.290   1.00 55.43  ? 1313 GLN A CA 1 
ATOM 269 C CA . ASN A 1 269 ? 14.244  21.183  -2.156  1.00 60.22  ? 1314 ASN A CA 1 
ATOM 270 C CA . HIS A 1 270 ? 14.468  17.673  -3.573  1.00 63.89  ? 1315 HIS A CA 1 
ATOM 271 C CA . PRO A 1 271 ? 13.422  17.664  -7.227  1.00 85.68  ? 1316 PRO A CA 1 
ATOM 272 C CA . GLU A 1 272 ? 10.925  14.760  -7.429  1.00 87.99  ? 1317 GLU A CA 1 
ATOM 273 C CA . SER A 1 273 ? 8.812   16.276  -4.676  1.00 65.39  ? 1318 SER A CA 1 
ATOM 274 C CA . GLY A 1 274 ? 5.163   17.229  -4.513  1.00 55.08  ? 1319 GLY A CA 1 
ATOM 275 C CA . GLU A 1 275 ? 2.996   18.691  -1.765  1.00 61.95  ? 1320 GLU A CA 1 
ATOM 276 C CA . VAL A 1 276 ? 1.510   16.368  0.840   1.00 41.17  ? 1321 VAL A CA 1 
ATOM 277 C CA . THR A 1 277 ? -2.118  16.641  1.977   1.00 48.39  ? 1322 THR A CA 1 
ATOM 278 C CA . VAL A 1 278 ? -3.085  15.351  5.442   1.00 44.94  ? 1323 VAL A CA 1 
ATOM 279 C CA . ARG A 1 279 ? -6.699  14.886  6.471   1.00 42.48  ? 1324 ARG A CA 1 
ATOM 280 C CA . VAL A 1 280 ? -8.461  13.757  9.601   1.00 39.64  ? 1325 VAL A CA 1 
ATOM 281 C CA . VAL A 1 281 ? -11.377 11.687  8.389   1.00 37.61  ? 1326 VAL A CA 1 
ATOM 282 C CA . HIS A 1 282 ? -12.763 10.243  11.599  1.00 47.54  ? 1327 HIS A CA 1 
ATOM 283 C CA . ALA A 1 283 ? -13.090 11.469  15.172  1.00 38.23  ? 1328 ALA A CA 1 
ATOM 284 C CA . SER A 1 284 ? -15.354 9.937   17.737  1.00 40.29  ? 1329 SER A CA 1 
ATOM 285 C CA . ASP A 1 285 ? -15.764 9.359   21.471  1.00 38.83  ? 1330 ASP A CA 1 
ATOM 286 C CA . LYS A 1 286 ? -15.531 5.818   22.830  1.00 44.42  ? 1331 LYS A CA 1 
ATOM 287 C CA . THR A 1 287 ? -14.931 3.900   26.032  1.00 50.84  ? 1332 THR A CA 1 
ATOM 288 C CA . VAL A 1 288 ? -12.694 0.923   26.611  1.00 40.73  ? 1333 VAL A CA 1 
ATOM 289 C CA . GLU A 1 289 ? -14.136 -1.431  29.192  1.00 61.49  ? 1334 GLU A CA 1 
ATOM 290 C CA . VAL A 1 290 ? -11.869 -3.217  31.635  1.00 50.24  ? 1335 VAL A CA 1 
ATOM 291 C CA . LYS A 1 291 ? -12.241 -6.944  30.884  1.00 44.01  ? 1336 LYS A CA 1 
ATOM 292 C CA . PRO A 1 292 ? -13.820 -9.434  33.310  1.00 59.46  ? 1337 PRO A CA 1 
ATOM 293 C CA . GLY A 1 293 ? -10.676 -10.685 35.077  1.00 52.60  ? 1338 GLY A CA 1 
ATOM 294 C CA . MET A 1 294 ? -9.215  -7.259  35.813  1.00 45.80  ? 1339 MET A CA 1 
ATOM 295 C CA . LYS A 1 295 ? -12.712 -5.989  36.542  1.00 50.80  ? 1340 LYS A CA 1 
ATOM 296 C CA . ALA A 1 296 ? -13.190 -8.575  39.309  1.00 53.75  ? 1341 ALA A CA 1 
ATOM 297 C CA . ARG A 1 297 ? -9.758  -8.018  40.844  1.00 55.05  ? 1342 ARG A CA 1 
ATOM 298 C CA . PHE A 1 298 ? -9.572  -4.234  40.738  1.00 52.13  ? 1343 PHE A CA 1 
ATOM 299 C CA . VAL A 1 299 ? -12.819 -2.658  39.654  1.00 52.29  ? 1344 VAL A CA 1 
ATOM 300 C CA . ASP A 1 300 ? -15.272 -4.397  41.952  1.00 60.48  ? 1345 ASP A CA 1 
ATOM 301 C CA . SER A 1 301 ? -13.143 -3.458  44.982  1.00 63.56  ? 1346 SER A CA 1 
ATOM 302 C CA . GLY A 1 302 ? -12.994 0.077   43.657  1.00 59.16  ? 1347 GLY A CA 1 
ATOM 303 C CA . GLU A 1 303 ? -9.262  0.235   42.977  1.00 55.13  ? 1348 GLU A CA 1 
ATOM 304 C CA . MET A 1 304 ? -9.722  1.078   39.279  1.00 42.56  ? 1349 MET A CA 1 
ATOM 305 C CA . ALA A 1 305 ? -12.325 2.578   36.925  1.00 43.13  ? 1350 ALA A CA 1 
ATOM 306 C CA . GLU A 1 306 ? -14.578 0.124   35.103  1.00 57.22  ? 1351 GLU A CA 1 
ATOM 307 C CA . SER A 1 307 ? -13.914 1.972   31.855  1.00 53.91  ? 1352 SER A CA 1 
ATOM 308 C CA . PHE A 1 308 ? -11.903 4.853   30.409  1.00 47.40  ? 1353 PHE A CA 1 
ATOM 309 C CA . PRO A 1 309 ? -13.261 7.335   27.857  1.00 41.49  ? 1354 PRO A CA 1 
ATOM 310 C CA . TYR A 1 310 ? -11.160 8.211   24.821  1.00 38.68  ? 1355 TYR A CA 1 
ATOM 311 C CA . ARG A 1 311 ? -11.403 9.967   21.486  1.00 42.93  ? 1356 ARG A CA 1 
ATOM 312 C CA . THR A 1 312 ? -10.374 7.981   18.433  1.00 32.82  ? 1357 THR A CA 1 
ATOM 313 C CA . LYS A 1 313 ? -9.152  9.590   15.224  1.00 35.89  ? 1358 LYS A CA 1 
ATOM 314 C CA . ALA A 1 314 ? -8.172  8.256   11.777  1.00 39.56  ? 1359 ALA A CA 1 
ATOM 315 C CA . LEU A 1 315 ? -5.827  10.317  9.637   1.00 42.54  ? 1360 LEU A CA 1 
ATOM 316 C CA . PHE A 1 316 ? -4.410  9.807   6.160   1.00 39.21  ? 1361 PHE A CA 1 
ATOM 317 C CA . ALA A 1 317 ? -1.705  11.493  4.090   1.00 38.73  ? 1362 ALA A CA 1 
ATOM 318 C CA . PHE A 1 318 ? -1.947  11.890  0.338   1.00 39.68  ? 1363 PHE A CA 1 
ATOM 319 C CA . GLU A 1 319 ? 0.410   13.006  -2.405  1.00 39.59  ? 1364 GLU A CA 1 
ATOM 320 C CA . GLU A 1 320 ? -0.326  14.004  -5.976  1.00 54.49  ? 1365 GLU A CA 1 
ATOM 321 C CA . ILE A 1 321 ? 1.387   11.571  -8.364  1.00 56.89  ? 1366 ILE A CA 1 
ATOM 322 C CA . ASP A 1 322 ? 0.964   12.061  -12.120 1.00 67.76  ? 1367 ASP A CA 1 
ATOM 323 C CA . GLY A 1 323 ? -1.747  14.647  -11.395 1.00 67.45  ? 1368 GLY A CA 1 
ATOM 324 C CA . VAL A 1 324 ? -3.841  12.150  -9.376  1.00 57.57  ? 1369 VAL A CA 1 
ATOM 325 C CA . ASP A 1 325 ? -4.328  11.685  -5.606  1.00 40.21  ? 1370 ASP A CA 1 
ATOM 326 C CA . LEU A 1 326 ? -2.623  8.678   -4.030  1.00 43.63  ? 1371 LEU A CA 1 
ATOM 327 C CA . CYS A 1 327 ? -2.962  7.635   -0.399  1.00 42.99  ? 1372 CYS A CA 1 
ATOM 328 C CA . PHE A 1 328 ? 0.385   6.630   1.100   1.00 41.10  ? 1373 PHE A CA 1 
ATOM 329 C CA . PHE A 1 329 ? 0.025   6.774   4.884   1.00 41.54  ? 1374 PHE A CA 1 
ATOM 330 C CA . GLY A 1 330 ? -2.623  6.037   7.469   1.00 45.04  ? 1375 GLY A CA 1 
ATOM 331 C CA . MET A 1 331 ? -2.903  6.039   11.245  1.00 38.89  ? 1376 MET A CA 1 
ATOM 332 C CA . HIS A 1 332 ? -5.551  5.496   13.911  1.00 29.27  ? 1377 HIS A CA 1 
ATOM 333 C CA . VAL A 1 333 ? -5.031  6.986   17.358  1.00 37.01  ? 1378 VAL A CA 1 
ATOM 334 C CA . GLN A 1 334 ? -6.570  6.848   20.778  1.00 39.73  ? 1379 GLN A CA 1 
ATOM 335 C CA . GLU A 1 335 ? -6.544  9.993   22.914  1.00 36.85  ? 1380 GLU A CA 1 
ATOM 336 C CA . TYR A 1 336 ? -7.335  9.827   26.625  1.00 38.20  ? 1381 TYR A CA 1 
ATOM 337 C CA . GLY A 1 337 ? -8.062  13.345  27.800  1.00 47.68  ? 1382 GLY A CA 1 
ATOM 338 C CA . SER A 1 338 ? -7.817  15.104  31.135  1.00 48.30  ? 1383 SER A CA 1 
ATOM 339 C CA . ASP A 1 339 ? -11.284 13.898  32.052  1.00 65.76  ? 1384 ASP A CA 1 
ATOM 340 C CA . CYS A 1 340 ? -10.189 10.330  31.811  1.00 49.89  ? 1385 CYS A CA 1 
ATOM 341 C CA . PRO A 1 341 ? -9.189  8.782   35.158  1.00 45.48  ? 1386 PRO A CA 1 
ATOM 342 C CA . PRO A 1 342 ? -5.830  7.213   36.075  1.00 53.95  ? 1387 PRO A CA 1 
ATOM 343 C CA . PRO A 1 343 ? -4.016  5.489   34.818  1.00 50.99  ? 1388 PRO A CA 1 
ATOM 344 C CA . ASN A 1 344 ? -4.975  6.441   31.225  1.00 50.37  ? 1389 ASN A CA 1 
ATOM 345 C CA . GLN A 1 345 ? -5.159  10.158  31.939  1.00 48.61  ? 1390 GLN A CA 1 
ATOM 346 C CA . ARG A 1 346 ? -3.486  12.418  29.387  1.00 45.81  ? 1391 ARG A CA 1 
ATOM 347 C CA . ARG A 1 347 ? -2.104  9.521   27.332  1.00 43.72  ? 1392 ARG A CA 1 
ATOM 348 C CA . VAL A 1 348 ? -2.220  8.891   23.594  1.00 32.23  ? 1393 VAL A CA 1 
ATOM 349 C CA . TYR A 1 349 ? -1.824  5.557   21.927  1.00 41.56  ? 1394 TYR A CA 1 
ATOM 350 C CA . ILE A 1 350 ? -1.116  4.767   18.315  1.00 39.82  ? 1395 ILE A CA 1 
ATOM 351 C CA . SER A 1 351 ? -3.448  1.892   17.480  1.00 40.63  ? 1396 SER A CA 1 
ATOM 352 C CA . TYR A 1 352 ? -2.246  1.162   13.984  1.00 42.11  ? 1397 TYR A CA 1 
ATOM 353 C CA . LEU A 1 353 ? -0.111  2.786   11.308  1.00 30.18  ? 1398 LEU A CA 1 
ATOM 354 C CA . ASP A 1 354 ? 0.499   1.617   7.768   1.00 42.52  ? 1399 ASP A CA 1 
ATOM 355 C CA . SER A 1 355 ? 1.665   2.752   4.313   1.00 37.07  ? 1400 SER A CA 1 
ATOM 356 C CA . VAL A 1 356 ? 2.078   2.003   0.646   1.00 43.62  ? 1401 VAL A CA 1 
ATOM 357 C CA . HIS A 1 357 ? 5.587   2.734   -0.583  1.00 44.05  ? 1402 HIS A CA 1 
ATOM 358 C CA . PHE A 1 358 ? 4.743   4.980   -3.594  1.00 45.34  ? 1403 PHE A CA 1 
ATOM 359 C CA . PHE A 1 359 ? 5.599   8.355   -2.146  1.00 39.46  ? 1404 PHE A CA 1 
ATOM 360 C CA . ARG A 1 360 ? 7.787   10.427  -4.423  1.00 49.80  ? 1405 ARG A CA 1 
ATOM 361 C CA . PRO A 1 361 ? 10.702  10.806  -3.936  1.00 44.91  ? 1406 PRO A CA 1 
ATOM 362 C CA . LYS A 1 362 ? 11.702  7.415   -2.419  1.00 45.82  ? 1407 LYS A CA 1 
ATOM 363 C CA . CYS A 1 363 ? 14.647  9.252   -0.898  1.00 36.70  ? 1408 CYS A CA 1 
ATOM 364 C CA . LEU A 1 364 ? 12.461  11.095  1.613   1.00 38.74  ? 1409 LEU A CA 1 
ATOM 365 C CA . ARG A 1 365 ? 9.767   8.519   2.298   1.00 40.20  ? 1410 ARG A CA 1 
ATOM 366 C CA . THR A 1 366 ? 10.945  7.449   5.775   1.00 37.67  ? 1411 THR A CA 1 
ATOM 367 C CA . ALA A 1 367 ? 11.675  11.047  6.749   1.00 40.90  ? 1412 ALA A CA 1 
ATOM 368 C CA . VAL A 1 368 ? 8.156   12.100  5.837   1.00 35.96  ? 1413 VAL A CA 1 
ATOM 369 C CA . TYR A 1 369 ? 6.661   9.256   7.930   1.00 38.67  ? 1414 TYR A CA 1 
ATOM 370 C CA . HIS A 1 370 ? 8.877   10.413  10.832  1.00 34.53  ? 1415 HIS A CA 1 
ATOM 371 C CA . GLU A 1 371 ? 7.746   14.022  10.238  1.00 38.70  ? 1416 GLU A CA 1 
ATOM 372 C CA . ILE A 1 372 ? 4.037   13.099  10.389  1.00 39.63  ? 1417 ILE A CA 1 
ATOM 373 C CA . LEU A 1 373 ? 4.566   11.080  13.574  1.00 35.54  ? 1418 LEU A CA 1 
ATOM 374 C CA . ILE A 1 374 ? 6.812   13.613  15.311  1.00 41.13  ? 1419 ILE A CA 1 
ATOM 375 C CA . GLY A 1 375 ? 4.241   16.259  14.361  1.00 40.51  ? 1420 GLY A CA 1 
ATOM 376 C CA . TYR A 1 376 ? 1.416   14.284  15.948  1.00 41.21  ? 1421 TYR A CA 1 
ATOM 377 C CA . LEU A 1 377 ? 3.447   13.973  19.163  1.00 38.81  ? 1422 LEU A CA 1 
ATOM 378 C CA . GLU A 1 378 ? 4.063   17.738  18.989  1.00 40.25  ? 1423 GLU A CA 1 
ATOM 379 C CA . TYR A 1 379 ? 0.365   18.521  18.563  1.00 36.47  ? 1424 TYR A CA 1 
ATOM 380 C CA . VAL A 1 380 ? -0.940  16.448  21.457  1.00 45.87  ? 1425 VAL A CA 1 
ATOM 381 C CA . LYS A 1 381 ? 1.931   17.704  23.575  1.00 45.39  ? 1426 LYS A CA 1 
ATOM 382 C CA . LYS A 1 382 ? 0.771   21.299  23.082  1.00 39.73  ? 1427 LYS A CA 1 
ATOM 383 C CA . LEU A 1 383 ? -2.871  20.487  23.869  1.00 44.17  ? 1428 LEU A CA 1 
ATOM 384 C CA . GLY A 1 384 ? -1.745  18.873  27.125  1.00 45.64  ? 1429 GLY A CA 1 
ATOM 385 C CA . TYR A 1 385 ? -1.157  15.145  26.630  1.00 38.48  ? 1430 TYR A CA 1 
ATOM 386 C CA . THR A 1 386 ? 1.778   14.082  28.817  1.00 43.58  ? 1431 THR A CA 1 
ATOM 387 C CA . THR A 1 387 ? 2.746   10.732  27.308  1.00 42.57  ? 1432 THR A CA 1 
ATOM 388 C CA . GLY A 1 388 ? 2.567   8.623   24.134  1.00 39.05  ? 1433 GLY A CA 1 
ATOM 389 C CA . HIS A 1 389 ? 2.508   4.806   23.860  1.00 43.31  ? 1434 HIS A CA 1 
ATOM 390 C CA . ILE A 1 390 ? 3.431   2.718   20.810  1.00 44.94  ? 1435 ILE A CA 1 
ATOM 391 C CA . TRP A 1 391 ? 3.285   -1.055  20.379  1.00 42.09  ? 1436 TRP A CA 1 
ATOM 392 C CA . ALA A 1 392 ? 5.925   -1.766  17.712  1.00 47.02  ? 1437 ALA A CA 1 
ATOM 393 C CA . CYS A 1 393 ? 4.854   -4.987  16.098  1.00 52.15  ? 1438 CYS A CA 1 
ATOM 394 C CA . PRO A 1 394 ? 4.854   -5.623  12.356  1.00 45.93  ? 1439 PRO A CA 1 
ATOM 395 C CA . PRO A 1 395 ? 1.894   -7.431  10.769  1.00 49.48  ? 1440 PRO A CA 1 
ATOM 396 C CA . SER A 1 396 ? 2.080   -11.210 10.359  1.00 63.46  ? 1441 SER A CA 1 
ATOM 397 C CA . GLU A 1 397 ? 2.430   -12.854 6.916   1.00 78.78  ? 1442 GLU A CA 1 
ATOM 398 C CA . GLY A 1 398 ? -0.296  -11.545 4.605   1.00 72.61  ? 1443 GLY A CA 1 
ATOM 399 C CA . ASP A 1 399 ? -2.113  -9.463  7.183   1.00 59.43  ? 1444 ASP A CA 1 
ATOM 400 C CA . ASP A 1 400 ? -2.669  -5.747  6.489   1.00 47.72  ? 1445 ASP A CA 1 
ATOM 401 C CA . TYR A 1 401 ? -3.177  -3.153  9.183   1.00 48.10  ? 1446 TYR A CA 1 
ATOM 402 C CA . ILE A 1 402 ? -5.009  -0.470  7.179   1.00 39.02  ? 1447 ILE A CA 1 
ATOM 403 C CA . PHE A 1 403 ? -4.402  -0.802  3.417   1.00 38.15  ? 1448 PHE A CA 1 
ATOM 404 C CA . HIS A 1 404 ? -5.743  -3.970  1.787   1.00 43.21  ? 1449 HIS A CA 1 
ATOM 405 C CA . CYS A 1 405 ? -3.220  -5.924  -0.296  1.00 45.12  ? 1450 CYS A CA 1 
ATOM 406 C CA . HIS A 1 406 ? 0.198   -4.215  -0.267  1.00 47.77  ? 1451 HIS A CA 1 
ATOM 407 C CA . PRO A 1 407 ? 2.713   -4.332  -3.137  1.00 42.48  ? 1452 PRO A CA 1 
ATOM 408 C CA . PRO A 1 408 ? 4.506   -7.667  -3.414  1.00 50.03  ? 1453 PRO A CA 1 
ATOM 409 C CA . ASP A 1 409 ? 7.837   -5.833  -3.360  1.00 51.27  ? 1454 ASP A CA 1 
ATOM 410 C CA . GLN A 1 410 ? 7.179   -3.588  -0.335  1.00 48.26  ? 1455 GLN A CA 1 
ATOM 411 C CA . LYS A 1 411 ? 9.221   -5.471  2.203   1.00 43.39  ? 1456 LYS A CA 1 
ATOM 412 C CA . ILE A 1 412 ? 7.835   -5.675  5.746   1.00 49.68  ? 1457 ILE A CA 1 
ATOM 413 C CA . PRO A 1 413 ? 10.295  -4.937  8.540   1.00 41.34  ? 1458 PRO A CA 1 
ATOM 414 C CA . LYS A 1 414 ? 11.333  -7.573  11.054  1.00 56.70  ? 1459 LYS A CA 1 
ATOM 415 C CA . PRO A 1 415 ? 10.948  -6.579  14.732  1.00 53.55  ? 1460 PRO A CA 1 
ATOM 416 C CA . LYS A 1 416 ? 14.515  -5.204  15.135  1.00 50.79  ? 1461 LYS A CA 1 
ATOM 417 C CA . ARG A 1 417 ? 14.235  -2.984  12.051  1.00 48.23  ? 1462 ARG A CA 1 
ATOM 418 C CA . LEU A 1 418 ? 10.875  -1.669  13.168  1.00 42.26  ? 1463 LEU A CA 1 
ATOM 419 C CA . GLN A 1 419 ? 12.117  -1.001  16.675  1.00 41.23  ? 1464 GLN A CA 1 
ATOM 420 C CA . GLU A 1 420 ? 15.132  0.873   15.312  1.00 51.13  ? 1465 GLU A CA 1 
ATOM 421 C CA . TRP A 1 421 ? 12.848  2.727   12.926  1.00 47.09  ? 1466 TRP A CA 1 
ATOM 422 C CA . TYR A 1 422 ? 10.884  4.038   15.950  1.00 45.91  ? 1467 TYR A CA 1 
ATOM 423 C CA . LYS A 1 423 ? 14.084  4.773   17.967  1.00 46.82  ? 1468 LYS A CA 1 
ATOM 424 C CA . LYS A 1 424 ? 15.273  6.884   15.002  1.00 50.61  ? 1469 LYS A CA 1 
ATOM 425 C CA . MET A 1 425 ? 12.025  8.923   14.831  1.00 47.08  ? 1470 MET A CA 1 
ATOM 426 C CA . LEU A 1 426 ? 11.963  9.430   18.602  1.00 48.15  ? 1471 LEU A CA 1 
ATOM 427 C CA . ASP A 1 427 ? 15.635  10.433  18.710  1.00 48.21  ? 1472 ASP A CA 1 
ATOM 428 C CA . LYS A 1 428 ? 14.836  13.141  16.181  1.00 44.74  ? 1473 LYS A CA 1 
ATOM 429 C CA . ALA A 1 429 ? 11.963  14.254  18.305  1.00 45.62  ? 1474 ALA A CA 1 
ATOM 430 C CA . VAL A 1 430 ? 14.182  14.253  21.404  1.00 51.94  ? 1475 VAL A CA 1 
ATOM 431 C CA . SER A 1 431 ? 16.681  16.555  19.732  1.00 62.25  ? 1476 SER A CA 1 
ATOM 432 C CA . GLU A 1 432 ? 14.000  19.033  18.584  1.00 56.42  ? 1477 GLU A CA 1 
ATOM 433 C CA . ARG A 1 433 ? 13.048  19.308  22.268  1.00 61.50  ? 1478 ARG A CA 1 
ATOM 434 C CA . ILE A 1 434 ? 9.631   17.764  21.509  1.00 48.35  ? 1479 ILE A CA 1 
ATOM 435 C CA . VAL A 1 435 ? 9.924   14.409  23.223  1.00 46.43  ? 1480 VAL A CA 1 
ATOM 436 C CA . HIS A 1 436 ? 11.576  14.715  26.625  1.00 48.06  ? 1481 HIS A CA 1 
ATOM 437 C CA . ASP A 1 437 ? 12.728  11.087  26.653  1.00 57.00  ? 1482 ASP A CA 1 
ATOM 438 C CA . TYR A 1 438 ? 11.515  7.523   26.075  1.00 42.92  ? 1483 TYR A CA 1 
ATOM 439 C CA . LYS A 1 439 ? 12.035  4.043   27.532  1.00 49.82  ? 1484 LYS A CA 1 
ATOM 440 C CA . ASP A 1 440 ? 10.694  0.553   27.030  1.00 51.70  ? 1485 ASP A CA 1 
ATOM 441 C CA . ILE A 1 441 ? 7.725   -0.366  29.216  1.00 50.65  ? 1486 ILE A CA 1 
ATOM 442 C CA . PHE A 1 442 ? 9.901   -2.303  31.689  1.00 49.60  ? 1487 PHE A CA 1 
ATOM 443 C CA . LYS A 1 443 ? 12.502  0.367   32.338  1.00 56.50  ? 1488 LYS A CA 1 
ATOM 444 C CA . GLN A 1 444 ? 9.614   2.800   32.720  1.00 53.77  ? 1489 GLN A CA 1 
ATOM 445 C CA . ALA A 1 445 ? 7.701   0.694   35.172  1.00 50.71  ? 1490 ALA A CA 1 
ATOM 446 C CA . THR A 1 446 ? 10.839  0.438   37.254  1.00 57.19  ? 1491 THR A CA 1 
ATOM 447 C CA . GLU A 1 447 ? 11.266  4.194   37.043  1.00 66.41  ? 1492 GLU A CA 1 
ATOM 448 C CA . ASP A 1 448 ? 7.645   4.821   38.139  1.00 60.57  ? 1493 ASP A CA 1 
ATOM 449 C CA . ARG A 1 449 ? 8.096   2.176   40.859  1.00 60.58  ? 1494 ARG A CA 1 
ATOM 450 C CA . LEU A 1 450 ? 4.861   0.496   39.934  1.00 59.08  ? 1495 LEU A CA 1 
ATOM 451 C CA . THR A 1 451 ? 3.792   -2.577  41.890  1.00 62.34  ? 1496 THR A CA 1 
ATOM 452 C CA . SER A 1 452 ? 0.403   -3.540  40.433  1.00 57.76  ? 1497 SER A CA 1 
ATOM 453 C CA . ALA A 1 453 ? -1.198  -4.286  37.037  1.00 47.06  ? 1498 ALA A CA 1 
ATOM 454 C CA . LYS A 1 454 ? -3.836  -1.620  37.833  1.00 51.15  ? 1499 LYS A CA 1 
ATOM 455 C CA . GLU A 1 455 ? -1.260  1.105   37.311  1.00 51.23  ? 1500 GLU A CA 1 
ATOM 456 C CA . LEU A 1 456 ? -0.681  0.118   33.667  1.00 47.55  ? 1501 LEU A CA 1 
ATOM 457 C CA . PRO A 1 457 ? -2.443  2.169   30.987  1.00 44.52  ? 1502 PRO A CA 1 
ATOM 458 C CA . TYR A 1 458 ? -5.333  0.189   29.584  1.00 42.77  ? 1503 TYR A CA 1 
ATOM 459 C CA . PHE A 1 459 ? -6.021  0.836   25.913  1.00 35.28  ? 1504 PHE A CA 1 
ATOM 460 C CA . GLU A 1 460 ? -8.534  -0.626  23.481  1.00 40.98  ? 1505 GLU A CA 1 
ATOM 461 C CA . GLY A 1 461 ? -7.080  -3.463  21.452  1.00 38.24  ? 1506 GLY A CA 1 
ATOM 462 C CA . ASP A 1 462 ? -3.664  -3.246  23.070  1.00 44.99  ? 1507 ASP A CA 1 
ATOM 463 C CA . PHE A 1 463 ? -1.615  -6.229  24.194  1.00 45.44  ? 1508 PHE A CA 1 
ATOM 464 C CA . TRP A 1 464 ? -1.696  -5.550  27.938  1.00 44.15  ? 1509 TRP A CA 1 
ATOM 465 C CA . PRO A 1 465 ? -5.388  -6.009  28.808  1.00 43.95  ? 1510 PRO A CA 1 
ATOM 466 C CA . ASN A 1 466 ? -5.269  -9.481  27.253  1.00 57.55  ? 1511 ASN A CA 1 
ATOM 467 C CA . VAL A 1 467 ? -2.086  -10.667 28.954  1.00 62.62  ? 1512 VAL A CA 1 
ATOM 468 C CA . LEU A 1 468 ? -3.473  -9.359  32.235  1.00 54.19  ? 1513 LEU A CA 1 
ATOM 469 C CA . GLU A 1 469 ? -6.519  -11.632 31.930  1.00 49.98  ? 1514 GLU A CA 1 
ATOM 470 C CA . GLU A 1 470 ? -4.148  -14.585 31.450  1.00 56.86  ? 1515 GLU A CA 1 
ATOM 471 C CA . SER A 1 471 ? -1.907  -13.407 34.307  1.00 48.44  ? 1516 SER A CA 1 
ATOM 472 C CA . ILE A 1 472 ? -4.788  -13.153 36.792  1.00 53.74  ? 1517 ILE A CA 1 
ATOM 473 C CA . LYS A 1 473 ? -6.242  -16.497 35.732  1.00 63.43  ? 1518 LYS A CA 1 
ATOM 474 C CA . GLU A 1 474 ? -2.932  -18.381 35.598  1.00 64.41  ? 1519 GLU A CA 1 
ATOM 475 C CA . GLN A 1 537 ? 2.919   -12.015 40.314  1.00 76.19  ? 1582 GLN A CA 1 
ATOM 476 C CA . LYS A 1 538 ? 4.364   -12.154 36.806  1.00 76.78  ? 1583 LYS A CA 1 
ATOM 477 C CA . LEU A 1 539 ? 4.029   -8.458  35.969  1.00 66.92  ? 1584 LEU A CA 1 
ATOM 478 C CA . TYR A 1 540 ? 7.681   -7.412  35.907  1.00 68.30  ? 1585 TYR A CA 1 
ATOM 479 C CA . ALA A 1 541 ? 8.590   -10.690 34.176  1.00 65.02  ? 1586 ALA A CA 1 
ATOM 480 C CA . THR A 1 542 ? 6.033   -10.107 31.390  1.00 65.42  ? 1587 THR A CA 1 
ATOM 481 C CA . MET A 1 543 ? 7.231   -6.528  31.053  1.00 59.12  ? 1588 MET A CA 1 
ATOM 482 C CA . GLU A 1 544 ? 10.862  -7.705  30.648  1.00 62.45  ? 1589 GLU A CA 1 
ATOM 483 C CA . LYS A 1 545 ? 10.046  -10.404 28.059  1.00 63.32  ? 1590 LYS A CA 1 
ATOM 484 C CA . HIS A 1 546 ? 8.323   -8.014  25.674  1.00 55.60  ? 1591 HIS A CA 1 
ATOM 485 C CA . LYS A 1 547 ? 10.105  -4.808  26.650  1.00 55.75  ? 1592 LYS A CA 1 
ATOM 486 C CA . GLU A 1 548 ? 11.785  -3.648  23.410  1.00 60.23  ? 1593 GLU A CA 1 
ATOM 487 C CA . VAL A 1 549 ? 8.390   -3.750  21.675  1.00 51.62  ? 1594 VAL A CA 1 
ATOM 488 C CA . PHE A 1 550 ? 6.619   -1.310  24.023  1.00 44.15  ? 1595 PHE A CA 1 
ATOM 489 C CA . PHE A 1 551 ? 7.575   2.329   23.712  1.00 43.99  ? 1596 PHE A CA 1 
ATOM 490 C CA . VAL A 1 552 ? 6.605   4.825   26.388  1.00 45.56  ? 1597 VAL A CA 1 
ATOM 491 C CA . ILE A 1 553 ? 7.205   8.403   25.318  1.00 46.63  ? 1598 ILE A CA 1 
ATOM 492 C CA . ARG A 1 554 ? 7.402   11.356  27.733  1.00 59.85  ? 1599 ARG A CA 1 
ATOM 493 C CA . LEU A 1 555 ? 6.193   14.566  26.074  1.00 48.11  ? 1600 LEU A CA 1 
ATOM 494 C CA . ILE A 1 556 ? 5.845   16.564  29.299  1.00 46.12  ? 1601 ILE A CA 1 
ATOM 495 C CA . ALA A 1 557 ? 7.888   15.681  32.379  1.00 67.18  ? 1602 ALA A CA 1 
ATOM 496 C CA . GLY A 1 558 ? 8.533   16.466  36.031  1.00 82.05  ? 1603 GLY A CA 1 
ATOM 497 C CA . PRO A 1 559 ? 6.488   19.000  38.076  1.00 90.96  ? 1604 PRO A CA 1 
ATOM 498 C CA . ALA A 1 560 ? 5.320   20.595  34.806  1.00 78.47  ? 1605 ALA A CA 1 
ATOM 499 C CA . ALA A 1 561 ? 3.246   17.477  34.233  1.00 67.31  ? 1606 ALA A CA 1 
ATOM 500 C CA . ASN A 1 562 ? 1.105   18.080  37.342  1.00 89.72  ? 1607 ASN A CA 1 
ATOM 501 C CA . SER A 1 563 ? -0.335  21.590  37.184  1.00 82.74  ? 1608 SER A CA 1 
ATOM 502 C CA . LEU A 1 564 ? -1.700  21.523  33.622  1.00 56.11  ? 1609 LEU A CA 1 
ATOM 503 C CA . PRO A 1 565 ? -5.050  22.974  32.456  1.00 52.54  ? 1610 PRO A CA 1 
ATOM 504 C CA . PRO A 1 566 ? -7.882  20.900  30.922  1.00 45.96  ? 1611 PRO A CA 1 
ATOM 505 C CA . ILE A 1 567 ? -7.198  19.350  27.548  1.00 43.05  ? 1612 ILE A CA 1 
ATOM 506 C CA . VAL A 1 568 ? -9.510  20.826  24.906  1.00 39.39  ? 1613 VAL A CA 1 
ATOM 507 C CA . ASP A 1 569 ? -9.679  19.542  21.339  1.00 49.91  ? 1614 ASP A CA 1 
ATOM 508 C CA . PRO A 1 570 ? -10.294 22.583  19.141  1.00 44.54  ? 1615 PRO A CA 1 
ATOM 509 C CA . ASP A 1 571 ? -11.350 20.180  16.389  1.00 46.48  ? 1616 ASP A CA 1 
ATOM 510 C CA . PRO A 1 572 ? -14.991 19.080  16.252  1.00 45.47  ? 1617 PRO A CA 1 
ATOM 511 C CA . LEU A 1 573 ? -16.241 15.511  16.024  1.00 44.68  ? 1618 LEU A CA 1 
ATOM 512 C CA . ILE A 1 574 ? -16.264 13.868  12.617  1.00 45.19  ? 1619 ILE A CA 1 
ATOM 513 C CA . PRO A 1 575 ? -18.558 10.840  12.314  1.00 47.61  ? 1620 PRO A CA 1 
ATOM 514 C CA . CYS A 1 576 ? -17.558 8.453   9.562   1.00 48.44  ? 1621 CYS A CA 1 
ATOM 515 C CA . ASP A 1 577 ? -18.420 4.839   10.003  1.00 58.08  ? 1622 ASP A CA 1 
ATOM 516 C CA . LEU A 1 578 ? -16.042 3.800   7.240   1.00 51.71  ? 1623 LEU A CA 1 
ATOM 517 C CA . MET A 1 579 ? -13.020 4.844   9.360   1.00 45.77  ? 1624 MET A CA 1 
ATOM 518 C CA . ASP A 1 580 ? -14.329 4.093   12.839  1.00 48.37  ? 1625 ASP A CA 1 
ATOM 519 C CA . GLY A 1 581 ? -11.613 1.583   13.539  1.00 49.53  ? 1626 GLY A CA 1 
ATOM 520 C CA . ARG A 1 582 ? -9.720  -0.144  10.757  1.00 41.28  ? 1627 ARG A CA 1 
ATOM 521 C CA . ASP A 1 583 ? -11.933 -3.072  9.882   1.00 52.39  ? 1628 ASP A CA 1 
ATOM 522 C CA . ALA A 1 584 ? -14.434 -1.174  7.771   1.00 42.16  ? 1629 ALA A CA 1 
ATOM 523 C CA . PHE A 1 585 ? -11.908 0.193   5.248   1.00 45.91  ? 1630 PHE A CA 1 
ATOM 524 C CA . LEU A 1 586 ? -10.351 -3.248  4.891   1.00 44.46  ? 1631 LEU A CA 1 
ATOM 525 C CA . THR A 1 587 ? -13.847 -4.649  4.317   1.00 58.92  ? 1632 THR A CA 1 
ATOM 526 C CA . LEU A 1 588 ? -14.708 -1.948  1.805   1.00 52.00  ? 1633 LEU A CA 1 
ATOM 527 C CA . ALA A 1 589 ? -11.520 -2.777  -0.092  1.00 47.06  ? 1634 ALA A CA 1 
ATOM 528 C CA . ARG A 1 590 ? -12.064 -6.521  0.095   1.00 48.03  ? 1635 ARG A CA 1 
ATOM 529 C CA . ASP A 1 591 ? -15.632 -5.920  -1.054  1.00 59.71  ? 1636 ASP A CA 1 
ATOM 530 C CA . LYS A 1 592 ? -14.938 -3.651  -4.049  1.00 53.48  ? 1637 LYS A CA 1 
ATOM 531 C CA . HIS A 1 593 ? -11.682 -5.264  -5.240  1.00 47.47  ? 1638 HIS A CA 1 
ATOM 532 C CA . LEU A 1 594 ? -9.603  -2.259  -4.139  1.00 46.38  ? 1639 LEU A CA 1 
ATOM 533 C CA . GLU A 1 595 ? -5.860  -2.976  -3.901  1.00 48.19  ? 1640 GLU A CA 1 
ATOM 534 C CA . PHE A 1 596 ? -2.796  -0.975  -2.946  1.00 43.83  ? 1641 PHE A CA 1 
ATOM 535 C CA . SER A 1 597 ? -0.478  -3.357  -4.749  1.00 48.29  ? 1642 SER A CA 1 
ATOM 536 C CA . SER A 1 598 ? 0.741   -1.265  -7.650  1.00 54.94  ? 1643 SER A CA 1 
ATOM 537 C CA . LEU A 1 599 ? 0.764   2.487   -8.252  1.00 49.49  ? 1644 LEU A CA 1 
ATOM 538 C CA . ARG A 1 600 ? -2.185  2.295   -10.664 1.00 54.08  ? 1645 ARG A CA 1 
ATOM 539 C CA . ARG A 1 601 ? -4.275  0.270   -8.267  1.00 50.60  ? 1646 ARG A CA 1 
ATOM 540 C CA . ALA A 1 602 ? -3.344  2.472   -5.314  1.00 39.46  ? 1647 ALA A CA 1 
ATOM 541 C CA . GLN A 1 603 ? -4.427  5.427   -7.445  1.00 47.50  ? 1648 GLN A CA 1 
ATOM 542 C CA . TRP A 1 604 ? -7.803  3.854   -8.176  1.00 45.83  ? 1649 TRP A CA 1 
ATOM 543 C CA . SER A 1 605 ? -8.273  2.632   -4.628  1.00 49.91  ? 1650 SER A CA 1 
ATOM 544 C CA . THR A 1 606 ? -7.469  6.187   -3.447  1.00 38.84  ? 1651 THR A CA 1 
ATOM 545 C CA . MET A 1 607 ? -10.018 7.517   -5.965  1.00 46.89  ? 1652 MET A CA 1 
ATOM 546 C CA . CYS A 1 608 ? -12.644 5.119   -4.560  1.00 38.81  ? 1653 CYS A CA 1 
ATOM 547 C CA . MET A 1 609 ? -11.697 5.782   -0.883  1.00 42.33  ? 1654 MET A CA 1 
ATOM 548 C CA . LEU A 1 610 ? -12.266 9.491   -1.535  1.00 43.40  ? 1655 LEU A CA 1 
ATOM 549 C CA . VAL A 1 611 ? -15.603 9.004   -3.281  1.00 42.64  ? 1656 VAL A CA 1 
ATOM 550 C CA . GLU A 1 612 ? -16.650 7.030   -0.222  1.00 55.71  ? 1657 GLU A CA 1 
ATOM 551 C CA . LEU A 1 613 ? -15.450 9.658   2.246   1.00 45.87  ? 1658 LEU A CA 1 
ATOM 552 C CA . HIS A 1 614 ? -17.245 12.411  0.338   1.00 50.92  ? 1659 HIS A CA 1 
ATOM 553 C CA . THR A 1 615 ? -20.555 10.653  -0.416  1.00 74.29  ? 1660 THR A CA 1 
ATOM 554 C CA . GLN A 1 616 ? -20.946 9.215   3.057   1.00 100.57 ? 1661 GLN A CA 1 
ATOM 555 C CA . SER A 1 617 ? -21.541 12.561  4.742   1.00 136.24 ? 1662 SER A CA 1 
ATOM 556 C CA . GLN A 1 618 ? -23.812 14.044  2.039   1.00 158.83 ? 1663 GLN A CA 1 
ATOM 557 C CA . ASP A 1 619 ? -27.148 12.190  1.915   1.00 167.12 ? 1664 ASP A CA 1 
# 
